data_2DMI
#
_entry.id   2DMI
#
loop_
_entity.id
_entity.type
_entity.pdbx_description
1 polymer 'Teashirt homolog 3'
2 non-polymer 'ZINC ION'
#
_entity_poly.entity_id   1
_entity_poly.type   'polypeptide(L)'
_entity_poly.pdbx_seq_one_letter_code
;GSSGSSGKLYGSIFTGASKFRCKDCSAAYDTLVELTVHMNETGHYRDDNHETDNNNPKRWSKPRKRSLLEMEGKEDAQKV
LKCMYCGHSFESLQDLSVHMIKTKHYQKVSGPSSG
;
_entity_poly.pdbx_strand_id   A
#
# COMPACT_ATOMS: atom_id res chain seq x y z
N GLY A 1 49.02 23.82 -42.32
CA GLY A 1 47.70 23.70 -41.72
C GLY A 1 47.76 23.44 -40.23
N SER A 2 46.64 23.68 -39.55
CA SER A 2 46.56 23.47 -38.11
C SER A 2 45.13 23.58 -37.62
N SER A 3 44.55 22.44 -37.23
CA SER A 3 43.18 22.41 -36.74
C SER A 3 42.84 21.03 -36.17
N GLY A 4 41.92 21.01 -35.22
CA GLY A 4 41.52 19.75 -34.61
C GLY A 4 40.53 19.95 -33.47
N SER A 5 40.06 18.85 -32.90
CA SER A 5 39.10 18.91 -31.79
C SER A 5 39.27 17.71 -30.88
N SER A 6 38.88 17.88 -29.61
CA SER A 6 38.98 16.82 -28.62
C SER A 6 38.23 17.18 -27.35
N GLY A 7 38.17 16.24 -26.42
CA GLY A 7 37.48 16.48 -25.16
C GLY A 7 36.33 15.52 -24.94
N LYS A 8 36.64 14.33 -24.43
CA LYS A 8 35.63 13.31 -24.18
C LYS A 8 35.54 13.00 -22.68
N LEU A 9 34.73 13.77 -21.97
CA LEU A 9 34.55 13.57 -20.53
C LEU A 9 33.08 13.52 -20.16
N TYR A 10 32.75 12.77 -19.12
CA TYR A 10 31.37 12.65 -18.66
C TYR A 10 31.23 13.11 -17.21
N GLY A 11 30.00 13.20 -16.75
CA GLY A 11 29.75 13.63 -15.38
C GLY A 11 28.40 14.32 -15.22
N SER A 12 27.33 13.57 -15.45
CA SER A 12 25.98 14.11 -15.34
C SER A 12 25.12 13.23 -14.44
N ILE A 13 25.73 12.69 -13.38
CA ILE A 13 25.01 11.84 -12.44
C ILE A 13 23.89 12.60 -11.75
N PHE A 14 22.74 11.95 -11.62
CA PHE A 14 21.58 12.57 -10.97
C PHE A 14 21.35 11.97 -9.60
N THR A 15 21.25 12.83 -8.59
CA THR A 15 21.03 12.39 -7.22
C THR A 15 19.93 13.21 -6.55
N GLY A 16 18.77 12.60 -6.35
CA GLY A 16 17.66 13.28 -5.72
C GLY A 16 16.60 12.33 -5.22
N ALA A 17 16.16 12.55 -3.98
CA ALA A 17 15.13 11.71 -3.37
C ALA A 17 13.99 12.54 -2.81
N SER A 18 12.86 11.89 -2.54
CA SER A 18 11.70 12.58 -2.00
C SER A 18 11.01 11.72 -0.94
N LYS A 19 10.72 12.32 0.21
CA LYS A 19 10.06 11.62 1.30
C LYS A 19 8.62 11.28 0.94
N PHE A 20 7.80 12.32 0.78
CA PHE A 20 6.40 12.13 0.42
C PHE A 20 6.14 12.52 -1.03
N ARG A 21 5.03 12.04 -1.57
CA ARG A 21 4.66 12.34 -2.95
C ARG A 21 3.16 12.47 -3.11
N CYS A 22 2.73 13.28 -4.08
CA CYS A 22 1.31 13.48 -4.33
C CYS A 22 0.82 12.59 -5.46
N LYS A 23 -0.35 11.99 -5.28
CA LYS A 23 -0.93 11.10 -6.29
C LYS A 23 -1.41 11.90 -7.50
N ASP A 24 -2.37 12.80 -7.26
CA ASP A 24 -2.91 13.63 -8.32
C ASP A 24 -1.80 14.18 -9.21
N CYS A 25 -1.05 15.14 -8.69
CA CYS A 25 0.04 15.75 -9.44
C CYS A 25 1.37 15.06 -9.12
N SER A 26 2.43 15.51 -9.78
CA SER A 26 3.75 14.94 -9.56
C SER A 26 4.60 15.84 -8.66
N ALA A 27 3.97 16.40 -7.64
CA ALA A 27 4.66 17.29 -6.71
C ALA A 27 5.02 16.55 -5.42
N ALA A 28 6.31 16.30 -5.22
CA ALA A 28 6.79 15.62 -4.04
C ALA A 28 7.29 16.60 -2.99
N TYR A 29 7.28 16.17 -1.73
CA TYR A 29 7.74 17.03 -0.63
C TYR A 29 8.66 16.26 0.30
N ASP A 30 9.26 16.98 1.26
CA ASP A 30 10.16 16.36 2.22
C ASP A 30 9.46 16.16 3.56
N THR A 31 8.70 17.16 3.99
CA THR A 31 7.99 17.10 5.26
C THR A 31 6.50 16.93 5.04
N LEU A 32 5.88 16.05 5.81
CA LEU A 32 4.44 15.80 5.70
C LEU A 32 3.65 17.09 5.92
N VAL A 33 4.08 17.88 6.89
CA VAL A 33 3.41 19.14 7.19
C VAL A 33 3.29 20.02 5.95
N GLU A 34 4.20 19.81 5.00
CA GLU A 34 4.19 20.58 3.77
C GLU A 34 3.24 19.96 2.75
N LEU A 35 3.24 18.64 2.67
CA LEU A 35 2.38 17.93 1.73
C LEU A 35 0.91 18.14 2.07
N THR A 36 0.54 17.79 3.30
CA THR A 36 -0.84 17.94 3.75
C THR A 36 -1.42 19.28 3.29
N VAL A 37 -0.69 20.36 3.55
CA VAL A 37 -1.13 21.69 3.17
C VAL A 37 -1.60 21.72 1.71
N HIS A 38 -0.83 21.06 0.84
CA HIS A 38 -1.16 21.02 -0.58
C HIS A 38 -2.37 20.12 -0.82
N MET A 39 -2.40 18.98 -0.13
CA MET A 39 -3.51 18.04 -0.27
C MET A 39 -4.84 18.72 -0.02
N ASN A 40 -4.86 19.66 0.92
CA ASN A 40 -6.07 20.39 1.26
C ASN A 40 -6.20 21.65 0.43
N GLU A 41 -5.12 22.42 0.35
CA GLU A 41 -5.11 23.66 -0.42
C GLU A 41 -5.67 23.43 -1.82
N THR A 42 -5.10 22.48 -2.53
CA THR A 42 -5.53 22.16 -3.89
C THR A 42 -6.64 21.11 -3.88
N GLY A 43 -6.49 20.11 -3.01
CA GLY A 43 -7.48 19.06 -2.91
C GLY A 43 -6.88 17.68 -3.05
N HIS A 44 -5.78 17.58 -3.80
CA HIS A 44 -5.10 16.31 -4.01
C HIS A 44 -4.92 15.57 -2.69
N TYR A 45 -4.40 14.35 -2.77
CA TYR A 45 -4.19 13.52 -1.58
C TYR A 45 -2.96 12.63 -1.75
N ARG A 46 -2.51 12.04 -0.65
CA ARG A 46 -1.35 11.15 -0.68
C ARG A 46 -1.58 9.99 -1.64
N ASP A 47 -0.55 9.16 -1.81
CA ASP A 47 -0.65 7.99 -2.69
C ASP A 47 -0.55 6.70 -1.89
N ASP A 48 0.26 6.71 -0.85
CA ASP A 48 0.43 5.54 0.00
C ASP A 48 -0.86 4.74 0.11
N ASN A 49 -0.74 3.43 0.23
CA ASN A 49 -1.90 2.56 0.34
C ASN A 49 -2.98 3.20 1.21
N HIS A 50 -4.23 2.90 0.91
CA HIS A 50 -5.35 3.45 1.67
C HIS A 50 -6.21 2.33 2.27
N GLU A 51 -6.52 2.45 3.56
CA GLU A 51 -7.32 1.44 4.24
C GLU A 51 -8.74 1.97 4.49
N THR A 52 -9.51 2.14 3.41
CA THR A 52 -10.87 2.62 3.52
C THR A 52 -11.88 1.50 3.31
N ASP A 53 -11.51 0.30 3.72
CA ASP A 53 -12.37 -0.87 3.58
C ASP A 53 -12.09 -1.89 4.66
N ASN A 54 -13.16 -2.48 5.22
CA ASN A 54 -13.02 -3.48 6.26
C ASN A 54 -13.55 -4.84 5.80
N ASN A 55 -14.71 -4.81 5.14
CA ASN A 55 -15.32 -6.04 4.64
C ASN A 55 -14.34 -6.82 3.76
N ASN A 56 -13.91 -7.98 4.26
CA ASN A 56 -12.98 -8.82 3.52
C ASN A 56 -13.70 -9.99 2.86
N PRO A 57 -14.02 -9.83 1.57
CA PRO A 57 -14.73 -10.86 0.79
C PRO A 57 -13.84 -12.08 0.53
N LYS A 58 -12.57 -11.97 0.90
CA LYS A 58 -11.63 -13.07 0.70
C LYS A 58 -11.70 -14.06 1.86
N ARG A 59 -12.09 -15.30 1.53
CA ARG A 59 -12.19 -16.35 2.55
C ARG A 59 -10.83 -16.70 3.12
N TRP A 60 -10.78 -16.93 4.42
CA TRP A 60 -9.52 -17.28 5.08
C TRP A 60 -9.49 -18.76 5.44
N SER A 61 -8.29 -19.34 5.44
CA SER A 61 -8.13 -20.76 5.77
C SER A 61 -8.69 -21.07 7.14
N LYS A 62 -8.55 -22.32 7.57
CA LYS A 62 -9.04 -22.75 8.87
C LYS A 62 -8.72 -21.71 9.95
N PRO A 63 -9.59 -21.62 10.96
CA PRO A 63 -9.42 -20.68 12.07
C PRO A 63 -8.25 -21.06 12.98
N ARG A 64 -8.00 -20.23 13.98
CA ARG A 64 -6.91 -20.48 14.91
C ARG A 64 -7.40 -21.28 16.11
N LYS A 65 -6.51 -22.07 16.69
CA LYS A 65 -6.85 -22.90 17.85
C LYS A 65 -5.63 -23.12 18.73
N ARG A 66 -5.86 -23.19 20.05
CA ARG A 66 -4.78 -23.39 21.00
C ARG A 66 -5.28 -24.13 22.24
N SER A 67 -4.40 -24.89 22.86
CA SER A 67 -4.75 -25.65 24.06
C SER A 67 -4.77 -24.74 25.29
N LEU A 68 -5.77 -24.96 26.15
CA LEU A 68 -5.90 -24.16 27.37
C LEU A 68 -5.82 -25.04 28.60
N LEU A 69 -4.62 -25.56 28.88
CA LEU A 69 -4.40 -26.41 30.04
C LEU A 69 -4.97 -25.77 31.30
N GLU A 70 -4.87 -26.49 32.42
CA GLU A 70 -5.38 -26.00 33.69
C GLU A 70 -4.80 -26.80 34.86
N MET A 71 -4.36 -26.10 35.90
CA MET A 71 -3.79 -26.74 37.07
C MET A 71 -3.59 -25.73 38.20
N GLU A 72 -3.44 -26.24 39.41
CA GLU A 72 -3.23 -25.38 40.57
C GLU A 72 -1.88 -25.66 41.23
N GLY A 73 -1.51 -24.81 42.19
CA GLY A 73 -0.24 -24.98 42.88
C GLY A 73 -0.41 -25.17 44.37
N LYS A 74 0.48 -24.57 45.14
CA LYS A 74 0.43 -24.69 46.59
C LYS A 74 -0.58 -23.71 47.18
N GLU A 75 -1.85 -24.11 47.19
CA GLU A 75 -2.91 -23.27 47.73
C GLU A 75 -3.32 -23.73 49.12
N ASP A 76 -3.40 -22.78 50.05
CA ASP A 76 -3.79 -23.09 51.42
C ASP A 76 -4.63 -21.96 52.02
N ALA A 77 -5.90 -22.23 52.23
CA ALA A 77 -6.82 -21.24 52.79
C ALA A 77 -6.89 -21.37 54.31
N GLN A 78 -5.87 -20.88 55.00
CA GLN A 78 -5.82 -20.94 56.46
C GLN A 78 -6.21 -19.61 57.07
N LYS A 79 -6.30 -19.57 58.39
CA LYS A 79 -6.66 -18.36 59.10
C LYS A 79 -5.72 -18.12 60.29
N VAL A 80 -4.45 -18.48 60.11
CA VAL A 80 -3.46 -18.31 61.17
C VAL A 80 -2.05 -18.26 60.58
N LEU A 81 -1.21 -17.41 61.15
CA LEU A 81 0.17 -17.26 60.69
C LEU A 81 0.89 -18.61 60.71
N LYS A 82 1.38 -19.04 59.55
CA LYS A 82 2.09 -20.30 59.44
C LYS A 82 3.22 -20.20 58.41
N CYS A 83 4.42 -20.60 58.81
CA CYS A 83 5.57 -20.57 57.92
C CYS A 83 5.46 -21.65 56.84
N MET A 84 5.68 -21.25 55.60
CA MET A 84 5.62 -22.19 54.48
C MET A 84 6.88 -23.04 54.40
N TYR A 85 7.95 -22.55 55.02
CA TYR A 85 9.22 -23.26 55.01
C TYR A 85 9.16 -24.50 55.89
N CYS A 86 8.89 -24.30 57.18
CA CYS A 86 8.80 -25.41 58.12
C CYS A 86 7.36 -25.85 58.30
N GLY A 87 6.49 -24.90 58.65
CA GLY A 87 5.08 -25.21 58.84
C GLY A 87 4.71 -25.27 60.31
N HIS A 88 4.65 -24.11 60.95
CA HIS A 88 4.30 -24.03 62.36
C HIS A 88 3.38 -22.83 62.63
N SER A 89 2.10 -23.12 62.86
CA SER A 89 1.12 -22.07 63.13
C SER A 89 1.54 -21.22 64.33
N PHE A 90 1.17 -19.95 64.30
CA PHE A 90 1.51 -19.02 65.38
C PHE A 90 0.28 -18.25 65.84
N GLU A 91 0.45 -17.46 66.89
CA GLU A 91 -0.66 -16.67 67.44
C GLU A 91 -0.49 -15.20 67.08
N SER A 92 0.71 -14.67 67.28
CA SER A 92 1.00 -13.27 66.99
C SER A 92 1.99 -13.15 65.83
N LEU A 93 2.03 -11.98 65.21
CA LEU A 93 2.93 -11.73 64.09
C LEU A 93 4.38 -11.92 64.51
N GLN A 94 4.79 -11.20 65.54
CA GLN A 94 6.16 -11.29 66.05
C GLN A 94 6.67 -12.73 65.97
N ASP A 95 6.00 -13.63 66.67
CA ASP A 95 6.38 -15.03 66.68
C ASP A 95 6.78 -15.50 65.28
N LEU A 96 6.01 -15.07 64.28
CA LEU A 96 6.27 -15.45 62.90
C LEU A 96 7.51 -14.73 62.36
N SER A 97 7.50 -13.40 62.47
CA SER A 97 8.61 -12.58 62.00
C SER A 97 9.91 -13.00 62.69
N VAL A 98 9.96 -12.83 64.01
CA VAL A 98 11.13 -13.18 64.78
C VAL A 98 11.63 -14.57 64.42
N HIS A 99 10.76 -15.39 63.84
CA HIS A 99 11.12 -16.74 63.45
C HIS A 99 11.77 -16.74 62.07
N MET A 100 11.15 -16.05 61.12
CA MET A 100 11.67 -15.96 59.76
C MET A 100 13.14 -15.55 59.77
N ILE A 101 13.52 -14.76 60.77
CA ILE A 101 14.90 -14.30 60.89
C ILE A 101 15.75 -15.28 61.69
N LYS A 102 15.28 -15.61 62.89
CA LYS A 102 15.99 -16.54 63.76
C LYS A 102 16.26 -17.86 63.04
N THR A 103 15.46 -18.14 62.01
CA THR A 103 15.62 -19.37 61.24
C THR A 103 16.01 -19.06 59.80
N LYS A 104 15.85 -17.81 59.40
CA LYS A 104 16.17 -17.38 58.04
C LYS A 104 15.47 -18.26 57.01
N HIS A 105 14.18 -18.49 57.22
CA HIS A 105 13.39 -19.31 56.31
C HIS A 105 12.93 -18.50 55.11
N TYR A 106 12.65 -17.22 55.35
CA TYR A 106 12.19 -16.33 54.28
C TYR A 106 13.28 -16.12 53.23
N GLN A 107 14.53 -16.36 53.63
CA GLN A 107 15.67 -16.20 52.74
C GLN A 107 15.78 -17.39 51.78
N LYS A 108 15.44 -18.57 52.28
CA LYS A 108 15.50 -19.79 51.48
C LYS A 108 14.13 -20.47 51.43
N VAL A 109 13.33 -20.11 50.44
CA VAL A 109 12.00 -20.69 50.28
C VAL A 109 11.86 -21.37 48.93
N SER A 110 12.90 -21.25 48.10
CA SER A 110 12.88 -21.86 46.77
C SER A 110 14.29 -22.25 46.34
N GLY A 111 14.42 -22.72 45.11
CA GLY A 111 15.72 -23.12 44.59
C GLY A 111 15.69 -23.41 43.11
N PRO A 112 15.89 -24.69 42.75
CA PRO A 112 15.89 -25.13 41.34
C PRO A 112 14.50 -25.08 40.72
N SER A 113 14.41 -25.49 39.47
CA SER A 113 13.13 -25.49 38.75
C SER A 113 12.98 -26.76 37.92
N SER A 114 11.77 -27.29 37.88
CA SER A 114 11.48 -28.51 37.13
C SER A 114 11.02 -28.17 35.71
N GLY A 115 9.94 -27.41 35.61
CA GLY A 115 9.42 -27.02 34.31
C GLY A 115 7.95 -26.64 34.36
N GLY A 1 18.56 16.82 8.31
CA GLY A 1 19.47 17.75 8.97
C GLY A 1 19.36 17.71 10.47
N SER A 2 20.11 18.59 11.14
CA SER A 2 20.09 18.65 12.60
C SER A 2 20.62 19.99 13.10
N SER A 3 19.83 20.66 13.92
CA SER A 3 20.21 21.96 14.46
C SER A 3 19.40 22.29 15.71
N GLY A 4 19.88 23.26 16.49
CA GLY A 4 19.19 23.65 17.70
C GLY A 4 18.26 24.83 17.48
N SER A 5 18.81 26.04 17.61
CA SER A 5 18.03 27.26 17.43
C SER A 5 16.63 27.09 18.00
N SER A 6 16.55 26.62 19.24
CA SER A 6 15.27 26.41 19.90
C SER A 6 14.43 27.67 19.87
N GLY A 7 13.42 27.69 19.00
CA GLY A 7 12.56 28.85 18.88
C GLY A 7 11.42 28.64 17.89
N LYS A 8 10.99 29.71 17.24
CA LYS A 8 9.92 29.63 16.27
C LYS A 8 10.19 30.54 15.07
N LEU A 9 10.48 29.93 13.93
CA LEU A 9 10.76 30.69 12.71
C LEU A 9 10.80 29.75 11.50
N TYR A 10 10.25 30.23 10.38
CA TYR A 10 10.22 29.45 9.16
C TYR A 10 11.51 29.64 8.35
N GLY A 11 12.02 28.55 7.80
CA GLY A 11 13.24 28.62 7.01
C GLY A 11 12.98 28.42 5.53
N SER A 12 13.71 27.48 4.93
CA SER A 12 13.57 27.19 3.51
C SER A 12 14.43 25.99 3.11
N ILE A 13 13.81 25.05 2.40
CA ILE A 13 14.51 23.85 1.95
C ILE A 13 15.21 24.09 0.62
N PHE A 14 16.44 23.59 0.51
CA PHE A 14 17.22 23.75 -0.71
C PHE A 14 17.11 22.50 -1.59
N THR A 15 16.12 22.48 -2.45
CA THR A 15 15.91 21.34 -3.35
C THR A 15 16.36 20.04 -2.69
N GLY A 16 15.91 19.82 -1.46
CA GLY A 16 16.28 18.61 -0.75
C GLY A 16 15.69 17.36 -1.38
N ALA A 17 15.74 16.25 -0.65
CA ALA A 17 15.21 14.99 -1.14
C ALA A 17 13.68 15.00 -1.17
N SER A 18 13.10 14.01 -1.84
CA SER A 18 11.64 13.92 -1.95
C SER A 18 11.15 12.61 -1.35
N LYS A 19 10.62 12.69 -0.14
CA LYS A 19 10.11 11.50 0.55
C LYS A 19 8.63 11.28 0.21
N PHE A 20 7.81 12.28 0.51
CA PHE A 20 6.38 12.20 0.24
C PHE A 20 6.07 12.56 -1.21
N ARG A 21 5.07 11.89 -1.77
CA ARG A 21 4.68 12.13 -3.17
C ARG A 21 3.16 12.22 -3.29
N CYS A 22 2.70 13.25 -3.97
CA CYS A 22 1.26 13.46 -4.17
C CYS A 22 0.74 12.61 -5.32
N LYS A 23 -0.48 12.11 -5.18
CA LYS A 23 -1.09 11.28 -6.21
C LYS A 23 -1.61 12.13 -7.36
N ASP A 24 -2.62 12.95 -7.08
CA ASP A 24 -3.20 13.82 -8.08
C ASP A 24 -2.14 14.30 -9.07
N CYS A 25 -1.20 15.09 -8.57
CA CYS A 25 -0.13 15.63 -9.41
C CYS A 25 1.15 14.83 -9.22
N SER A 26 2.23 15.28 -9.85
CA SER A 26 3.52 14.61 -9.77
C SER A 26 4.49 15.41 -8.92
N ALA A 27 4.03 15.86 -7.76
CA ALA A 27 4.86 16.64 -6.85
C ALA A 27 5.34 15.80 -5.67
N ALA A 28 6.29 16.33 -4.92
CA ALA A 28 6.85 15.62 -3.77
C ALA A 28 7.44 16.60 -2.76
N TYR A 29 7.22 16.31 -1.48
CA TYR A 29 7.73 17.17 -0.41
C TYR A 29 8.60 16.37 0.55
N ASP A 30 9.34 17.08 1.40
CA ASP A 30 10.22 16.45 2.37
C ASP A 30 9.50 16.22 3.69
N THR A 31 8.71 17.22 4.10
CA THR A 31 7.96 17.14 5.35
C THR A 31 6.48 16.97 5.10
N LEU A 32 5.85 16.07 5.84
CA LEU A 32 4.42 15.80 5.69
C LEU A 32 3.61 17.08 5.92
N VAL A 33 3.91 17.77 7.02
CA VAL A 33 3.21 19.01 7.35
C VAL A 33 3.08 19.91 6.13
N GLU A 34 4.13 19.97 5.33
CA GLU A 34 4.13 20.80 4.12
C GLU A 34 3.24 20.18 3.04
N LEU A 35 3.29 18.87 2.92
CA LEU A 35 2.50 18.15 1.92
C LEU A 35 1.01 18.29 2.22
N THR A 36 0.59 17.80 3.38
CA THR A 36 -0.80 17.88 3.78
C THR A 36 -1.44 19.18 3.34
N VAL A 37 -0.72 20.29 3.52
CA VAL A 37 -1.21 21.59 3.13
C VAL A 37 -1.59 21.63 1.65
N HIS A 38 -0.64 21.27 0.79
CA HIS A 38 -0.88 21.26 -0.64
C HIS A 38 -2.03 20.32 -0.99
N MET A 39 -2.20 19.27 -0.20
CA MET A 39 -3.27 18.31 -0.42
C MET A 39 -4.64 18.94 -0.15
N ASN A 40 -4.81 19.49 1.04
CA ASN A 40 -6.07 20.12 1.42
C ASN A 40 -6.28 21.41 0.64
N GLU A 41 -5.18 22.06 0.26
CA GLU A 41 -5.26 23.30 -0.49
C GLU A 41 -5.72 23.05 -1.93
N THR A 42 -4.87 22.39 -2.71
CA THR A 42 -5.19 22.08 -4.09
C THR A 42 -6.22 20.95 -4.19
N GLY A 43 -6.68 20.49 -3.03
CA GLY A 43 -7.66 19.41 -3.00
C GLY A 43 -7.02 18.04 -3.06
N HIS A 44 -5.87 17.94 -3.73
CA HIS A 44 -5.17 16.68 -3.86
C HIS A 44 -5.12 15.95 -2.52
N TYR A 45 -4.88 14.64 -2.58
CA TYR A 45 -4.81 13.82 -1.37
C TYR A 45 -3.67 12.81 -1.46
N ARG A 46 -3.34 12.21 -0.31
CA ARG A 46 -2.27 11.23 -0.27
C ARG A 46 -2.42 10.19 -1.37
N ASP A 47 -1.32 9.53 -1.71
CA ASP A 47 -1.33 8.51 -2.75
C ASP A 47 -1.42 7.12 -2.15
N ASP A 48 -0.55 6.84 -1.18
CA ASP A 48 -0.53 5.54 -0.52
C ASP A 48 -1.71 5.40 0.44
N ASN A 49 -1.86 4.21 1.02
CA ASN A 49 -2.95 3.95 1.95
C ASN A 49 -2.83 4.82 3.19
N HIS A 50 -3.83 5.65 3.43
CA HIS A 50 -3.83 6.53 4.59
C HIS A 50 -3.84 5.72 5.89
N GLU A 51 -3.59 6.40 7.00
CA GLU A 51 -3.57 5.75 8.31
C GLU A 51 -3.91 6.73 9.42
N THR A 52 -4.33 6.20 10.56
CA THR A 52 -4.70 7.02 11.70
C THR A 52 -3.84 6.71 12.92
N ASP A 53 -3.24 7.75 13.50
CA ASP A 53 -2.39 7.57 14.67
C ASP A 53 -3.21 7.65 15.96
N ASN A 54 -4.36 8.32 15.88
CA ASN A 54 -5.25 8.46 17.03
C ASN A 54 -6.61 7.86 16.76
N ASN A 55 -7.11 7.08 17.70
CA ASN A 55 -8.43 6.45 17.56
C ASN A 55 -9.47 7.16 18.40
N ASN A 56 -10.12 8.16 17.80
CA ASN A 56 -11.15 8.93 18.49
C ASN A 56 -12.37 9.12 17.60
N PRO A 57 -13.56 9.11 18.23
CA PRO A 57 -14.83 9.29 17.51
C PRO A 57 -15.00 10.71 16.99
N LYS A 58 -14.24 11.64 17.54
CA LYS A 58 -14.30 13.04 17.13
C LYS A 58 -13.81 13.20 15.69
N ARG A 59 -14.73 13.09 14.73
CA ARG A 59 -14.38 13.24 13.33
C ARG A 59 -14.46 14.69 12.89
N TRP A 60 -14.01 15.59 13.75
CA TRP A 60 -14.03 17.01 13.46
C TRP A 60 -13.17 17.33 12.24
N SER A 61 -13.81 17.38 11.07
CA SER A 61 -13.10 17.67 9.83
C SER A 61 -12.67 19.13 9.77
N LYS A 62 -11.52 19.37 9.16
CA LYS A 62 -10.99 20.72 9.04
C LYS A 62 -11.78 21.54 8.03
N PRO A 63 -11.78 22.86 8.20
CA PRO A 63 -12.49 23.78 7.31
C PRO A 63 -11.86 23.85 5.92
N ARG A 64 -12.44 24.69 5.06
CA ARG A 64 -11.94 24.85 3.70
C ARG A 64 -11.60 26.30 3.42
N LYS A 65 -11.34 27.06 4.48
CA LYS A 65 -11.01 28.48 4.35
C LYS A 65 -9.51 28.70 4.54
N ARG A 66 -8.98 29.76 3.94
CA ARG A 66 -7.57 30.08 4.05
C ARG A 66 -7.13 30.10 5.51
N SER A 67 -6.08 29.35 5.82
CA SER A 67 -5.56 29.27 7.18
C SER A 67 -4.04 29.26 7.18
N LEU A 68 -3.45 29.95 8.16
CA LEU A 68 -2.00 30.03 8.27
C LEU A 68 -1.54 29.58 9.65
N LEU A 69 -1.64 28.28 9.92
CA LEU A 69 -1.23 27.73 11.20
C LEU A 69 0.28 27.62 11.30
N GLU A 70 0.84 28.08 12.41
CA GLU A 70 2.28 28.03 12.63
C GLU A 70 2.64 27.06 13.75
N MET A 71 1.83 26.01 13.90
CA MET A 71 2.06 25.01 14.93
C MET A 71 3.49 24.47 14.86
N GLU A 72 3.83 23.60 15.79
CA GLU A 72 5.16 23.00 15.84
C GLU A 72 5.66 22.69 14.43
N GLY A 73 6.90 23.09 14.15
CA GLY A 73 7.47 22.84 12.83
C GLY A 73 8.53 23.85 12.46
N LYS A 74 8.16 25.13 12.46
CA LYS A 74 9.08 26.20 12.12
C LYS A 74 10.01 26.51 13.30
N GLU A 75 11.19 25.92 13.28
CA GLU A 75 12.17 26.14 14.34
C GLU A 75 13.46 26.71 13.78
N ASP A 76 13.48 28.03 13.56
CA ASP A 76 14.65 28.70 13.02
C ASP A 76 14.94 29.99 13.78
N ALA A 77 15.11 29.87 15.10
CA ALA A 77 15.39 31.02 15.94
C ALA A 77 16.82 31.49 15.78
N GLN A 78 17.07 32.29 14.75
CA GLN A 78 18.41 32.81 14.49
C GLN A 78 19.09 33.25 15.78
N LYS A 79 20.41 33.12 15.81
CA LYS A 79 21.18 33.51 16.98
C LYS A 79 20.65 34.81 17.60
N VAL A 80 20.10 35.66 16.75
CA VAL A 80 19.55 36.94 17.20
C VAL A 80 18.06 37.03 16.88
N LEU A 81 17.30 37.62 17.80
CA LEU A 81 15.86 37.79 17.61
C LEU A 81 15.53 38.13 16.16
N LYS A 82 14.63 37.34 15.58
CA LYS A 82 14.23 37.55 14.19
C LYS A 82 12.73 37.30 14.02
N CYS A 83 12.09 38.14 13.21
CA CYS A 83 10.65 38.01 12.96
C CYS A 83 10.37 36.82 12.04
N MET A 84 9.14 36.33 12.09
CA MET A 84 8.73 35.20 11.27
C MET A 84 8.01 35.67 10.01
N TYR A 85 7.19 36.70 10.16
CA TYR A 85 6.43 37.25 9.04
C TYR A 85 7.37 37.83 7.98
N CYS A 86 8.14 38.83 8.37
CA CYS A 86 9.08 39.48 7.46
C CYS A 86 10.51 39.00 7.73
N GLY A 87 10.91 39.04 9.00
CA GLY A 87 12.25 38.61 9.36
C GLY A 87 13.19 39.78 9.57
N HIS A 88 13.14 40.38 10.76
CA HIS A 88 14.00 41.52 11.07
C HIS A 88 14.84 41.23 12.32
N SER A 89 16.15 41.38 12.18
CA SER A 89 17.07 41.14 13.29
C SER A 89 16.98 42.26 14.32
N PHE A 90 16.52 41.93 15.52
CA PHE A 90 16.39 42.90 16.59
C PHE A 90 17.44 42.68 17.67
N GLU A 91 17.98 43.77 18.20
CA GLU A 91 19.01 43.68 19.23
C GLU A 91 18.45 43.03 20.50
N SER A 92 17.18 43.26 20.77
CA SER A 92 16.52 42.70 21.95
C SER A 92 15.01 42.56 21.72
N LEU A 93 14.37 41.79 22.59
CA LEU A 93 12.93 41.58 22.49
C LEU A 93 12.18 42.90 22.35
N GLN A 94 12.54 43.86 23.20
CA GLN A 94 11.90 45.18 23.18
C GLN A 94 11.57 45.59 21.76
N ASP A 95 12.59 45.79 20.93
CA ASP A 95 12.40 46.19 19.55
C ASP A 95 11.52 45.18 18.81
N LEU A 96 11.78 43.90 19.05
CA LEU A 96 11.02 42.84 18.40
C LEU A 96 9.52 43.06 18.59
N SER A 97 9.10 43.13 19.85
CA SER A 97 7.69 43.34 20.16
C SER A 97 7.13 44.54 19.43
N VAL A 98 7.70 45.71 19.70
CA VAL A 98 7.25 46.95 19.05
C VAL A 98 6.95 46.71 17.58
N HIS A 99 7.87 46.09 16.87
CA HIS A 99 7.71 45.80 15.45
C HIS A 99 6.50 44.90 15.22
N MET A 100 6.37 43.86 16.04
CA MET A 100 5.25 42.93 15.92
C MET A 100 3.92 43.65 16.10
N ILE A 101 3.81 44.41 17.18
CA ILE A 101 2.58 45.16 17.46
C ILE A 101 2.32 46.20 16.39
N LYS A 102 3.34 46.99 16.07
CA LYS A 102 3.22 48.03 15.05
C LYS A 102 2.87 47.43 13.70
N THR A 103 3.79 46.62 13.16
CA THR A 103 3.57 45.99 11.87
C THR A 103 2.45 44.97 11.93
N LYS A 104 2.15 44.50 13.14
CA LYS A 104 1.09 43.53 13.34
C LYS A 104 1.41 42.21 12.63
N HIS A 105 2.59 41.68 12.90
CA HIS A 105 3.02 40.43 12.29
C HIS A 105 2.70 39.24 13.19
N TYR A 106 2.79 39.46 14.51
CA TYR A 106 2.52 38.41 15.48
C TYR A 106 1.02 38.24 15.69
N GLN A 107 0.27 39.30 15.46
CA GLN A 107 -1.18 39.26 15.62
C GLN A 107 -1.82 38.36 14.58
N LYS A 108 -1.60 38.68 13.31
CA LYS A 108 -2.16 37.91 12.21
C LYS A 108 -1.99 36.40 12.47
N VAL A 109 -0.86 36.04 13.05
CA VAL A 109 -0.57 34.64 13.34
C VAL A 109 -1.80 33.94 13.90
N SER A 110 -2.43 34.56 14.89
CA SER A 110 -3.62 33.99 15.51
C SER A 110 -4.67 33.65 14.46
N GLY A 111 -5.80 33.11 14.91
CA GLY A 111 -6.87 32.75 14.00
C GLY A 111 -7.73 33.93 13.62
N PRO A 112 -7.68 34.31 12.33
CA PRO A 112 -8.47 35.44 11.81
C PRO A 112 -9.95 35.14 11.77
N SER A 113 -10.74 36.12 11.32
CA SER A 113 -12.19 35.96 11.23
C SER A 113 -12.78 36.98 10.26
N SER A 114 -13.46 36.49 9.23
CA SER A 114 -14.07 37.35 8.23
C SER A 114 -15.45 36.83 7.83
N GLY A 115 -16.14 37.58 6.98
CA GLY A 115 -17.46 37.17 6.54
C GLY A 115 -18.34 38.35 6.17
N GLY A 1 39.02 9.61 -39.93
CA GLY A 1 38.55 10.27 -38.72
C GLY A 1 38.63 9.37 -37.51
N SER A 2 39.18 9.91 -36.42
CA SER A 2 39.32 9.15 -35.17
C SER A 2 38.67 9.88 -34.00
N SER A 3 38.69 9.26 -32.83
CA SER A 3 38.11 9.84 -31.64
C SER A 3 38.55 9.09 -30.39
N GLY A 4 38.23 9.65 -29.23
CA GLY A 4 38.60 9.02 -27.98
C GLY A 4 38.02 9.73 -26.77
N SER A 5 37.90 9.01 -25.66
CA SER A 5 37.34 9.59 -24.44
C SER A 5 37.46 8.60 -23.28
N SER A 6 38.31 8.93 -22.30
CA SER A 6 38.51 8.07 -21.14
C SER A 6 37.30 8.11 -20.22
N GLY A 7 37.13 7.06 -19.43
CA GLY A 7 36.01 6.98 -18.52
C GLY A 7 34.73 6.51 -19.19
N LYS A 8 33.90 5.78 -18.45
CA LYS A 8 32.65 5.27 -18.98
C LYS A 8 31.48 5.65 -18.09
N LEU A 9 30.95 6.85 -18.29
CA LEU A 9 29.83 7.34 -17.50
C LEU A 9 28.72 7.86 -18.40
N TYR A 10 27.51 7.93 -17.86
CA TYR A 10 26.35 8.41 -18.62
C TYR A 10 25.55 9.43 -17.81
N GLY A 11 26.23 10.49 -17.39
CA GLY A 11 25.57 11.52 -16.61
C GLY A 11 24.60 10.96 -15.60
N SER A 12 25.08 10.70 -14.39
CA SER A 12 24.24 10.14 -13.33
C SER A 12 24.33 11.00 -12.07
N ILE A 13 23.50 12.04 -12.00
CA ILE A 13 23.49 12.94 -10.85
C ILE A 13 22.47 12.47 -9.82
N PHE A 14 22.42 11.17 -9.59
CA PHE A 14 21.49 10.61 -8.62
C PHE A 14 21.87 11.00 -7.20
N THR A 15 21.13 11.97 -6.64
CA THR A 15 21.39 12.44 -5.29
C THR A 15 20.11 12.91 -4.60
N GLY A 16 19.95 12.53 -3.34
CA GLY A 16 18.77 12.92 -2.60
C GLY A 16 17.55 12.09 -2.98
N ALA A 17 16.46 12.27 -2.24
CA ALA A 17 15.23 11.54 -2.50
C ALA A 17 14.01 12.31 -2.00
N SER A 18 12.83 11.71 -2.15
CA SER A 18 11.60 12.35 -1.72
C SER A 18 10.86 11.45 -0.72
N LYS A 19 10.63 11.98 0.48
CA LYS A 19 9.93 11.24 1.52
C LYS A 19 8.49 10.97 1.12
N PHE A 20 7.77 12.02 0.75
CA PHE A 20 6.38 11.91 0.34
C PHE A 20 6.21 12.25 -1.14
N ARG A 21 5.10 11.82 -1.71
CA ARG A 21 4.82 12.08 -3.12
C ARG A 21 3.31 12.17 -3.37
N CYS A 22 2.89 13.26 -3.99
CA CYS A 22 1.47 13.47 -4.28
C CYS A 22 1.03 12.59 -5.44
N LYS A 23 -0.14 11.96 -5.30
CA LYS A 23 -0.68 11.09 -6.32
C LYS A 23 -1.18 11.91 -7.52
N ASP A 24 -2.20 12.72 -7.29
CA ASP A 24 -2.76 13.56 -8.34
C ASP A 24 -1.65 14.24 -9.14
N CYS A 25 -0.93 15.14 -8.50
CA CYS A 25 0.16 15.86 -9.15
C CYS A 25 1.50 15.20 -8.86
N SER A 26 2.47 15.42 -9.75
CA SER A 26 3.80 14.84 -9.60
C SER A 26 4.66 15.71 -8.69
N ALA A 27 4.04 16.31 -7.67
CA ALA A 27 4.75 17.16 -6.73
C ALA A 27 5.09 16.40 -5.45
N ALA A 28 6.35 16.43 -5.07
CA ALA A 28 6.80 15.75 -3.86
C ALA A 28 7.32 16.75 -2.83
N TYR A 29 7.28 16.36 -1.55
CA TYR A 29 7.74 17.21 -0.48
C TYR A 29 8.63 16.45 0.50
N ASP A 30 9.43 17.17 1.26
CA ASP A 30 10.33 16.56 2.23
C ASP A 30 9.56 16.15 3.49
N THR A 31 8.75 17.06 4.01
CA THR A 31 7.96 16.80 5.20
C THR A 31 6.47 16.75 4.89
N LEU A 32 5.76 15.86 5.57
CA LEU A 32 4.32 15.72 5.36
C LEU A 32 3.62 17.07 5.50
N VAL A 33 3.91 17.77 6.59
CA VAL A 33 3.29 19.07 6.84
C VAL A 33 3.21 19.90 5.57
N GLU A 34 4.29 19.90 4.79
CA GLU A 34 4.34 20.65 3.55
C GLU A 34 3.41 20.04 2.51
N LEU A 35 3.28 18.71 2.55
CA LEU A 35 2.42 18.00 1.61
C LEU A 35 0.94 18.24 1.93
N THR A 36 0.57 18.00 3.18
CA THR A 36 -0.81 18.20 3.62
C THR A 36 -1.33 19.56 3.19
N VAL A 37 -0.75 20.62 3.75
CA VAL A 37 -1.17 21.98 3.42
C VAL A 37 -1.51 22.10 1.95
N HIS A 38 -0.83 21.34 1.10
CA HIS A 38 -1.08 21.36 -0.33
C HIS A 38 -2.26 20.47 -0.69
N MET A 39 -2.28 19.28 -0.13
CA MET A 39 -3.36 18.32 -0.39
C MET A 39 -4.72 18.94 -0.06
N ASN A 40 -4.79 19.63 1.07
CA ASN A 40 -6.03 20.26 1.50
C ASN A 40 -6.36 21.46 0.62
N GLU A 41 -5.39 22.35 0.46
CA GLU A 41 -5.58 23.54 -0.36
C GLU A 41 -6.12 23.18 -1.74
N THR A 42 -5.33 22.47 -2.53
CA THR A 42 -5.72 22.06 -3.86
C THR A 42 -6.81 21.00 -3.81
N GLY A 43 -6.59 19.96 -2.99
CA GLY A 43 -7.56 18.89 -2.86
C GLY A 43 -7.01 17.56 -3.34
N HIS A 44 -5.70 17.40 -3.25
CA HIS A 44 -5.06 16.16 -3.67
C HIS A 44 -4.96 15.17 -2.51
N TYR A 45 -4.30 14.04 -2.75
CA TYR A 45 -4.15 13.02 -1.73
C TYR A 45 -2.86 12.23 -1.94
N ARG A 46 -2.18 11.92 -0.83
CA ARG A 46 -0.94 11.17 -0.89
C ARG A 46 -1.08 9.91 -1.73
N ASP A 47 0.03 9.20 -1.94
CA ASP A 47 0.02 7.99 -2.73
C ASP A 47 0.74 6.85 -2.00
N ASP A 48 0.59 6.83 -0.67
CA ASP A 48 1.23 5.80 0.13
C ASP A 48 0.44 4.50 0.10
N ASN A 49 1.01 3.45 0.68
CA ASN A 49 0.34 2.15 0.71
C ASN A 49 -0.44 1.96 2.01
N HIS A 50 -1.65 1.44 1.89
CA HIS A 50 -2.50 1.21 3.05
C HIS A 50 -3.60 0.21 2.73
N GLU A 51 -4.42 -0.11 3.73
CA GLU A 51 -5.51 -1.07 3.55
C GLU A 51 -6.79 -0.35 3.12
N THR A 52 -7.76 -1.13 2.65
CA THR A 52 -9.03 -0.58 2.20
C THR A 52 -10.20 -1.43 2.65
N ASP A 53 -11.40 -0.87 2.62
CA ASP A 53 -12.60 -1.59 3.02
C ASP A 53 -12.72 -2.91 2.26
N ASN A 54 -12.07 -2.99 1.11
CA ASN A 54 -12.12 -4.19 0.29
C ASN A 54 -10.81 -4.98 0.42
N ASN A 55 -10.80 -6.19 -0.14
CA ASN A 55 -9.62 -7.04 -0.09
C ASN A 55 -9.33 -7.65 -1.47
N ASN A 56 -8.13 -7.39 -1.98
CA ASN A 56 -7.73 -7.92 -3.28
C ASN A 56 -6.83 -9.13 -3.13
N PRO A 57 -7.16 -10.22 -3.86
CA PRO A 57 -6.39 -11.46 -3.82
C PRO A 57 -5.03 -11.32 -4.47
N LYS A 58 -4.76 -10.14 -5.03
CA LYS A 58 -3.48 -9.87 -5.68
C LYS A 58 -2.47 -9.30 -4.69
N ARG A 59 -2.38 -9.92 -3.52
CA ARG A 59 -1.45 -9.47 -2.48
C ARG A 59 -0.40 -10.53 -2.20
N TRP A 60 0.71 -10.46 -2.94
CA TRP A 60 1.81 -11.40 -2.77
C TRP A 60 3.03 -10.98 -3.58
N SER A 61 4.10 -11.75 -3.49
CA SER A 61 5.33 -11.46 -4.21
C SER A 61 6.27 -12.66 -4.21
N LYS A 62 7.25 -12.64 -5.10
CA LYS A 62 8.22 -13.73 -5.19
C LYS A 62 9.42 -13.47 -4.28
N PRO A 63 10.00 -14.56 -3.77
CA PRO A 63 11.17 -14.49 -2.88
C PRO A 63 12.43 -14.03 -3.61
N ARG A 64 13.54 -13.95 -2.88
CA ARG A 64 14.80 -13.52 -3.46
C ARG A 64 15.97 -13.92 -2.55
N LYS A 65 17.09 -14.28 -3.16
CA LYS A 65 18.28 -14.68 -2.42
C LYS A 65 19.07 -13.46 -1.97
N ARG A 66 19.98 -13.66 -1.02
CA ARG A 66 20.80 -12.57 -0.51
C ARG A 66 22.25 -13.02 -0.35
N SER A 67 23.13 -12.07 -0.03
CA SER A 67 24.54 -12.36 0.14
C SER A 67 24.93 -12.32 1.63
N LEU A 68 25.97 -13.07 1.97
CA LEU A 68 26.44 -13.13 3.36
C LEU A 68 27.95 -12.92 3.41
N LEU A 69 28.38 -11.69 3.21
CA LEU A 69 29.81 -11.36 3.25
C LEU A 69 30.14 -10.53 4.48
N GLU A 70 31.14 -10.99 5.24
CA GLU A 70 31.56 -10.29 6.45
C GLU A 70 33.08 -10.10 6.47
N MET A 71 33.60 -9.49 5.41
CA MET A 71 35.05 -9.25 5.31
C MET A 71 35.41 -7.91 5.95
N GLU A 72 34.64 -7.51 6.94
CA GLU A 72 34.89 -6.25 7.64
C GLU A 72 34.92 -6.45 9.15
N GLY A 73 35.76 -5.67 9.83
CA GLY A 73 35.87 -5.78 11.28
C GLY A 73 36.45 -4.53 11.91
N LYS A 74 37.31 -4.72 12.90
CA LYS A 74 37.93 -3.60 13.60
C LYS A 74 39.46 -3.68 13.50
N GLU A 75 40.00 -3.27 12.35
CA GLU A 75 41.43 -3.29 12.14
C GLU A 75 42.06 -1.92 12.43
N ASP A 76 43.37 -1.89 12.53
CA ASP A 76 44.09 -0.65 12.81
C ASP A 76 43.49 0.51 12.04
N ALA A 77 42.76 1.37 12.75
CA ALA A 77 42.13 2.53 12.13
C ALA A 77 43.03 3.76 12.21
N GLN A 78 44.01 3.81 11.31
CA GLN A 78 44.95 4.92 11.26
C GLN A 78 44.58 5.90 10.14
N LYS A 79 44.10 5.36 9.03
CA LYS A 79 43.72 6.17 7.89
C LYS A 79 42.83 7.33 8.32
N VAL A 80 41.66 7.00 8.87
CA VAL A 80 40.71 8.01 9.33
C VAL A 80 40.37 7.81 10.80
N LEU A 81 40.23 8.91 11.53
CA LEU A 81 39.89 8.86 12.94
C LEU A 81 38.56 8.15 13.15
N LYS A 82 38.54 7.19 14.06
CA LYS A 82 37.32 6.43 14.37
C LYS A 82 37.26 6.06 15.85
N CYS A 83 36.06 6.06 16.40
CA CYS A 83 35.87 5.73 17.81
C CYS A 83 35.59 4.23 17.98
N MET A 84 36.56 3.51 18.52
CA MET A 84 36.41 2.07 18.73
C MET A 84 35.11 1.76 19.44
N TYR A 85 34.76 2.59 20.42
CA TYR A 85 33.53 2.40 21.18
C TYR A 85 32.33 2.26 20.26
N CYS A 86 31.92 3.37 19.65
CA CYS A 86 30.79 3.38 18.73
C CYS A 86 31.24 3.15 17.30
N GLY A 87 32.24 3.93 16.86
CA GLY A 87 32.75 3.79 15.51
C GLY A 87 32.20 4.84 14.58
N HIS A 88 32.40 6.11 14.92
CA HIS A 88 31.93 7.22 14.11
C HIS A 88 33.08 7.93 13.40
N SER A 89 33.27 7.62 12.13
CA SER A 89 34.35 8.21 11.34
C SER A 89 34.26 9.74 11.37
N PHE A 90 35.40 10.39 11.52
CA PHE A 90 35.46 11.84 11.57
C PHE A 90 36.51 12.38 10.60
N GLU A 91 36.50 13.69 10.39
CA GLU A 91 37.45 14.33 9.49
C GLU A 91 38.63 14.90 10.26
N SER A 92 38.34 15.60 11.35
CA SER A 92 39.39 16.21 12.17
C SER A 92 39.34 15.66 13.59
N LEU A 93 40.43 15.85 14.33
CA LEU A 93 40.51 15.36 15.71
C LEU A 93 39.44 16.04 16.58
N GLN A 94 39.21 17.32 16.33
CA GLN A 94 38.22 18.07 17.08
C GLN A 94 36.98 17.22 17.36
N ASP A 95 36.34 16.76 16.29
CA ASP A 95 35.14 15.92 16.41
C ASP A 95 35.39 14.74 17.33
N LEU A 96 36.41 13.95 16.99
CA LEU A 96 36.75 12.77 17.79
C LEU A 96 36.93 13.14 19.26
N SER A 97 37.97 13.94 19.54
CA SER A 97 38.24 14.37 20.90
C SER A 97 36.96 14.74 21.64
N VAL A 98 36.35 15.85 21.23
CA VAL A 98 35.11 16.31 21.85
C VAL A 98 34.13 15.16 22.05
N HIS A 99 33.82 14.46 20.96
CA HIS A 99 32.90 13.34 21.01
C HIS A 99 33.24 12.41 22.18
N MET A 100 34.49 12.02 22.27
CA MET A 100 34.95 11.14 23.34
C MET A 100 34.45 11.62 24.70
N ILE A 101 34.59 12.93 24.94
CA ILE A 101 34.15 13.50 26.20
C ILE A 101 32.63 13.64 26.25
N LYS A 102 32.07 14.39 25.31
CA LYS A 102 30.63 14.60 25.23
C LYS A 102 29.89 13.30 25.51
N THR A 103 30.33 12.22 24.87
CA THR A 103 29.70 10.91 25.05
C THR A 103 30.40 10.11 26.13
N LYS A 104 31.59 10.56 26.53
CA LYS A 104 32.37 9.89 27.57
C LYS A 104 32.58 8.43 27.21
N HIS A 105 32.81 8.15 25.93
CA HIS A 105 33.03 6.79 25.48
C HIS A 105 34.35 6.24 26.01
N TYR A 106 35.43 6.98 25.77
CA TYR A 106 36.75 6.57 26.24
C TYR A 106 36.71 6.13 27.70
N GLN A 107 35.81 6.74 28.47
CA GLN A 107 35.66 6.42 29.88
C GLN A 107 35.11 5.02 30.07
N LYS A 108 34.15 4.65 29.22
CA LYS A 108 33.53 3.32 29.29
C LYS A 108 34.16 2.38 28.28
N VAL A 109 35.44 2.08 28.46
CA VAL A 109 36.16 1.19 27.56
C VAL A 109 36.71 -0.02 28.32
N SER A 110 37.30 0.23 29.47
CA SER A 110 37.87 -0.83 30.29
C SER A 110 37.07 -1.01 31.59
N GLY A 111 36.07 -1.89 31.53
CA GLY A 111 35.25 -2.13 32.70
C GLY A 111 34.03 -1.22 32.77
N PRO A 112 32.85 -1.79 32.57
CA PRO A 112 31.58 -1.04 32.60
C PRO A 112 31.24 -0.57 34.00
N SER A 113 30.76 0.67 34.10
CA SER A 113 30.38 1.25 35.38
C SER A 113 28.88 1.51 35.45
N SER A 114 28.29 1.87 34.31
CA SER A 114 26.87 2.16 34.24
C SER A 114 26.20 1.30 33.18
N GLY A 115 26.75 1.33 31.96
CA GLY A 115 26.21 0.55 30.87
C GLY A 115 25.54 1.41 29.82
N GLY A 1 33.85 17.27 -47.04
CA GLY A 1 34.16 15.99 -46.42
C GLY A 1 34.68 16.12 -45.02
N SER A 2 34.07 15.41 -44.08
CA SER A 2 34.47 15.46 -42.69
C SER A 2 33.84 14.32 -41.89
N SER A 3 34.57 13.83 -40.89
CA SER A 3 34.08 12.73 -40.07
C SER A 3 34.82 12.69 -38.73
N GLY A 4 34.06 12.52 -37.65
CA GLY A 4 34.66 12.47 -36.32
C GLY A 4 33.65 12.71 -35.23
N SER A 5 33.54 11.76 -34.30
CA SER A 5 32.60 11.88 -33.19
C SER A 5 33.27 11.51 -31.87
N SER A 6 32.72 12.02 -30.78
CA SER A 6 33.26 11.74 -29.45
C SER A 6 32.20 11.14 -28.54
N GLY A 7 32.64 10.34 -27.56
CA GLY A 7 31.70 9.72 -26.63
C GLY A 7 31.65 10.43 -25.30
N LYS A 8 30.53 10.30 -24.60
CA LYS A 8 30.35 10.92 -23.30
C LYS A 8 29.83 9.93 -22.28
N LEU A 9 30.50 9.84 -21.14
CA LEU A 9 30.10 8.93 -20.07
C LEU A 9 28.65 9.17 -19.67
N TYR A 10 27.93 8.09 -19.38
CA TYR A 10 26.54 8.18 -18.98
C TYR A 10 26.39 7.98 -17.47
N GLY A 11 25.57 8.84 -16.85
CA GLY A 11 25.36 8.74 -15.42
C GLY A 11 24.56 9.91 -14.87
N SER A 12 23.31 10.03 -15.32
CA SER A 12 22.45 11.12 -14.88
C SER A 12 21.75 10.76 -13.57
N ILE A 13 22.49 10.18 -12.64
CA ILE A 13 21.96 9.78 -11.36
C ILE A 13 20.98 10.83 -10.83
N PHE A 14 19.85 10.37 -10.31
CA PHE A 14 18.82 11.26 -9.77
C PHE A 14 19.40 12.10 -8.62
N THR A 15 19.29 13.42 -8.76
CA THR A 15 19.78 14.33 -7.73
C THR A 15 18.65 14.85 -6.85
N GLY A 16 18.51 14.25 -5.67
CA GLY A 16 17.47 14.65 -4.75
C GLY A 16 16.43 13.57 -4.54
N ALA A 17 16.18 13.23 -3.28
CA ALA A 17 15.19 12.21 -2.94
C ALA A 17 13.85 12.83 -2.54
N SER A 18 12.85 11.99 -2.33
CA SER A 18 11.53 12.46 -1.95
C SER A 18 10.91 11.55 -0.89
N LYS A 19 10.57 12.13 0.26
CA LYS A 19 9.97 11.36 1.35
C LYS A 19 8.49 11.11 1.09
N PHE A 20 7.77 12.17 0.71
CA PHE A 20 6.35 12.06 0.43
C PHE A 20 6.04 12.47 -1.01
N ARG A 21 4.91 11.99 -1.52
CA ARG A 21 4.51 12.31 -2.88
C ARG A 21 3.01 12.63 -2.95
N CYS A 22 2.55 13.01 -4.13
CA CYS A 22 1.15 13.36 -4.32
C CYS A 22 0.55 12.56 -5.47
N LYS A 23 -0.01 11.40 -5.15
CA LYS A 23 -0.62 10.53 -6.15
C LYS A 23 -1.27 11.36 -7.25
N ASP A 24 -1.79 12.52 -6.89
CA ASP A 24 -2.44 13.41 -7.84
C ASP A 24 -1.41 14.05 -8.76
N CYS A 25 -0.63 14.97 -8.22
CA CYS A 25 0.39 15.67 -9.00
C CYS A 25 1.77 15.09 -8.72
N SER A 26 2.66 15.20 -9.70
CA SER A 26 4.02 14.68 -9.56
C SER A 26 4.88 15.63 -8.72
N ALA A 27 4.30 16.12 -7.63
CA ALA A 27 5.02 17.03 -6.74
C ALA A 27 5.29 16.37 -5.39
N ALA A 28 6.57 16.28 -5.04
CA ALA A 28 6.97 15.67 -3.78
C ALA A 28 7.41 16.73 -2.77
N TYR A 29 7.41 16.36 -1.50
CA TYR A 29 7.81 17.29 -0.44
C TYR A 29 8.71 16.59 0.58
N ASP A 30 9.65 17.35 1.15
CA ASP A 30 10.58 16.81 2.13
C ASP A 30 9.83 16.32 3.37
N THR A 31 8.82 17.08 3.79
CA THR A 31 8.04 16.73 4.97
C THR A 31 6.56 16.59 4.62
N LEU A 32 5.85 15.78 5.39
CA LEU A 32 4.42 15.56 5.16
C LEU A 32 3.63 16.85 5.37
N VAL A 33 3.88 17.51 6.49
CA VAL A 33 3.19 18.76 6.82
C VAL A 33 3.13 19.68 5.60
N GLU A 34 4.26 19.81 4.91
CA GLU A 34 4.33 20.67 3.74
C GLU A 34 3.42 20.15 2.63
N LEU A 35 3.19 18.85 2.61
CA LEU A 35 2.33 18.22 1.62
C LEU A 35 0.86 18.37 2.00
N THR A 36 0.53 17.95 3.22
CA THR A 36 -0.84 18.03 3.70
C THR A 36 -1.45 19.39 3.41
N VAL A 37 -0.67 20.45 3.63
CA VAL A 37 -1.14 21.81 3.38
C VAL A 37 -1.54 21.99 1.92
N HIS A 38 -0.91 21.24 1.03
CA HIS A 38 -1.20 21.32 -0.39
C HIS A 38 -2.36 20.40 -0.75
N MET A 39 -2.39 19.22 -0.16
CA MET A 39 -3.46 18.26 -0.42
C MET A 39 -4.82 18.86 -0.11
N ASN A 40 -4.89 19.64 0.97
CA ASN A 40 -6.14 20.27 1.38
C ASN A 40 -6.38 21.55 0.57
N GLU A 41 -5.33 22.35 0.42
CA GLU A 41 -5.44 23.61 -0.32
C GLU A 41 -5.98 23.37 -1.73
N THR A 42 -5.30 22.52 -2.50
CA THR A 42 -5.72 22.21 -3.85
C THR A 42 -6.83 21.17 -3.85
N GLY A 43 -6.65 20.11 -3.07
CA GLY A 43 -7.65 19.05 -3.00
C GLY A 43 -7.03 17.67 -3.09
N HIS A 44 -5.89 17.58 -3.76
CA HIS A 44 -5.20 16.31 -3.93
C HIS A 44 -5.14 15.54 -2.60
N TYR A 45 -4.85 14.25 -2.68
CA TYR A 45 -4.76 13.42 -1.49
C TYR A 45 -3.42 12.69 -1.43
N ARG A 46 -3.17 12.01 -0.33
CA ARG A 46 -1.93 11.26 -0.15
C ARG A 46 -1.94 9.97 -0.96
N ASP A 47 -0.76 9.55 -1.39
CA ASP A 47 -0.63 8.33 -2.19
C ASP A 47 -0.38 7.12 -1.29
N ASP A 48 -1.05 7.10 -0.14
CA ASP A 48 -0.88 6.00 0.82
C ASP A 48 -2.25 5.42 1.20
N ASN A 49 -2.22 4.24 1.81
CA ASN A 49 -3.46 3.57 2.23
C ASN A 49 -4.36 4.54 2.99
N HIS A 50 -5.44 4.97 2.35
CA HIS A 50 -6.38 5.89 2.96
C HIS A 50 -7.67 5.17 3.36
N GLU A 51 -8.56 5.88 4.04
CA GLU A 51 -9.82 5.30 4.48
C GLU A 51 -10.98 5.88 3.69
N THR A 52 -12.19 5.40 3.99
CA THR A 52 -13.39 5.86 3.30
C THR A 52 -13.22 5.78 1.79
N ASP A 53 -12.53 4.74 1.33
CA ASP A 53 -12.30 4.54 -0.10
C ASP A 53 -12.86 3.19 -0.56
N ASN A 54 -12.79 2.95 -1.85
CA ASN A 54 -13.29 1.69 -2.41
C ASN A 54 -12.43 0.52 -1.96
N ASN A 55 -13.02 -0.68 -1.95
CA ASN A 55 -12.31 -1.88 -1.54
C ASN A 55 -12.13 -2.84 -2.71
N ASN A 56 -10.98 -2.75 -3.36
CA ASN A 56 -10.68 -3.61 -4.50
C ASN A 56 -10.01 -4.90 -4.05
N PRO A 57 -10.34 -6.01 -4.73
CA PRO A 57 -9.77 -7.32 -4.41
C PRO A 57 -8.29 -7.42 -4.80
N LYS A 58 -7.98 -7.07 -6.04
CA LYS A 58 -6.62 -7.13 -6.52
C LYS A 58 -6.27 -5.87 -7.31
N ARG A 59 -6.73 -4.72 -6.81
CA ARG A 59 -6.47 -3.44 -7.47
C ARG A 59 -6.01 -2.40 -6.45
N TRP A 60 -4.86 -2.64 -5.83
CA TRP A 60 -4.32 -1.73 -4.85
C TRP A 60 -2.81 -1.53 -5.05
N SER A 61 -2.43 -0.31 -5.39
CA SER A 61 -1.01 0.00 -5.62
C SER A 61 -0.83 1.49 -5.89
N LYS A 62 0.43 1.90 -6.07
CA LYS A 62 0.75 3.29 -6.34
C LYS A 62 1.24 3.47 -7.77
N PRO A 63 0.75 4.53 -8.43
CA PRO A 63 1.13 4.83 -9.82
C PRO A 63 2.58 5.32 -9.93
N ARG A 64 3.07 5.42 -11.16
CA ARG A 64 4.43 5.87 -11.40
C ARG A 64 4.69 6.06 -12.90
N LYS A 65 5.22 7.22 -13.25
CA LYS A 65 5.52 7.53 -14.64
C LYS A 65 6.38 8.79 -14.76
N ARG A 66 7.46 8.69 -15.52
CA ARG A 66 8.37 9.82 -15.71
C ARG A 66 9.46 9.48 -16.71
N SER A 67 9.45 10.17 -17.84
CA SER A 67 10.44 9.95 -18.89
C SER A 67 10.32 10.98 -20.00
N LEU A 68 11.44 11.58 -20.37
CA LEU A 68 11.47 12.60 -21.42
C LEU A 68 12.19 12.09 -22.66
N LEU A 69 11.88 10.86 -23.04
CA LEU A 69 12.50 10.25 -24.22
C LEU A 69 11.45 9.69 -25.17
N GLU A 70 10.71 10.60 -25.82
CA GLU A 70 9.67 10.19 -26.75
C GLU A 70 9.77 10.97 -28.05
N MET A 71 10.86 10.77 -28.78
CA MET A 71 11.08 11.46 -30.05
C MET A 71 11.09 10.47 -31.21
N GLU A 72 9.91 10.15 -31.71
CA GLU A 72 9.79 9.21 -32.83
C GLU A 72 8.95 9.82 -33.96
N GLY A 73 8.81 9.07 -35.04
CA GLY A 73 8.04 9.54 -36.17
C GLY A 73 8.65 9.15 -37.51
N LYS A 74 8.45 7.89 -37.90
CA LYS A 74 8.98 7.39 -39.16
C LYS A 74 8.08 7.77 -40.32
N GLU A 75 7.56 9.00 -40.29
CA GLU A 75 6.69 9.48 -41.34
C GLU A 75 7.06 10.90 -41.76
N ASP A 76 7.66 11.04 -42.93
CA ASP A 76 8.07 12.35 -43.43
C ASP A 76 6.90 13.07 -44.09
N ALA A 77 5.72 12.94 -43.50
CA ALA A 77 4.52 13.57 -44.02
C ALA A 77 4.53 13.56 -45.55
N GLN A 78 4.77 12.39 -46.13
CA GLN A 78 4.79 12.25 -47.58
C GLN A 78 5.33 13.51 -48.24
N LYS A 79 6.51 13.94 -47.83
CA LYS A 79 7.14 15.14 -48.38
C LYS A 79 8.37 14.78 -49.21
N VAL A 80 9.06 13.71 -48.80
CA VAL A 80 10.25 13.26 -49.51
C VAL A 80 10.07 11.85 -50.05
N LEU A 81 10.66 11.59 -51.21
CA LEU A 81 10.56 10.27 -51.84
C LEU A 81 11.55 9.29 -51.21
N LYS A 82 11.01 8.33 -50.47
CA LYS A 82 11.85 7.32 -49.82
C LYS A 82 11.13 5.97 -49.75
N CYS A 83 11.91 4.90 -49.68
CA CYS A 83 11.35 3.55 -49.61
C CYS A 83 11.38 3.02 -48.19
N MET A 84 10.23 3.01 -47.53
CA MET A 84 10.14 2.53 -46.16
C MET A 84 10.70 1.11 -46.05
N TYR A 85 10.33 0.27 -47.00
CA TYR A 85 10.80 -1.12 -47.01
C TYR A 85 12.25 -1.21 -46.57
N CYS A 86 13.14 -0.64 -47.38
CA CYS A 86 14.57 -0.65 -47.07
C CYS A 86 15.02 0.70 -46.51
N GLY A 87 14.65 1.78 -47.20
CA GLY A 87 15.02 3.10 -46.76
C GLY A 87 16.04 3.75 -47.67
N HIS A 88 15.55 4.35 -48.76
CA HIS A 88 16.42 5.01 -49.73
C HIS A 88 15.78 6.30 -50.24
N SER A 89 16.34 7.44 -49.85
CA SER A 89 15.82 8.73 -50.27
C SER A 89 16.21 9.03 -51.71
N PHE A 90 15.27 9.59 -52.46
CA PHE A 90 15.52 9.93 -53.86
C PHE A 90 15.23 11.39 -54.13
N GLU A 91 15.32 11.80 -55.39
CA GLU A 91 15.06 13.18 -55.78
C GLU A 91 13.76 13.29 -56.56
N SER A 92 13.56 12.37 -57.50
CA SER A 92 12.34 12.36 -58.32
C SER A 92 11.52 11.10 -58.05
N LEU A 93 10.20 11.25 -58.14
CA LEU A 93 9.30 10.12 -57.92
C LEU A 93 9.69 8.93 -58.78
N GLN A 94 9.95 9.20 -60.06
CA GLN A 94 10.34 8.14 -60.99
C GLN A 94 11.37 7.20 -60.36
N ASP A 95 12.41 7.79 -59.78
CA ASP A 95 13.47 7.00 -59.15
C ASP A 95 12.91 6.17 -58.00
N LEU A 96 12.11 6.79 -57.15
CA LEU A 96 11.51 6.11 -56.01
C LEU A 96 10.66 4.93 -56.47
N SER A 97 9.69 5.21 -57.34
CA SER A 97 8.80 4.17 -57.86
C SER A 97 9.61 3.04 -58.49
N VAL A 98 10.37 3.37 -59.52
CA VAL A 98 11.19 2.39 -60.22
C VAL A 98 11.82 1.41 -59.24
N HIS A 99 12.66 1.92 -58.35
CA HIS A 99 13.32 1.09 -57.35
C HIS A 99 12.33 0.15 -56.68
N MET A 100 11.40 0.72 -55.93
CA MET A 100 10.39 -0.05 -55.23
C MET A 100 9.85 -1.18 -56.11
N ILE A 101 9.82 -0.93 -57.41
CA ILE A 101 9.33 -1.92 -58.37
C ILE A 101 10.41 -2.96 -58.68
N LYS A 102 11.55 -2.49 -59.20
CA LYS A 102 12.65 -3.38 -59.55
C LYS A 102 13.01 -4.27 -58.36
N THR A 103 13.18 -3.66 -57.19
CA THR A 103 13.53 -4.40 -55.99
C THR A 103 12.31 -5.07 -55.39
N LYS A 104 11.22 -5.11 -56.16
CA LYS A 104 9.98 -5.72 -55.69
C LYS A 104 9.71 -5.38 -54.23
N HIS A 105 10.03 -4.15 -53.84
CA HIS A 105 9.83 -3.69 -52.48
C HIS A 105 8.38 -3.25 -52.27
N TYR A 106 7.76 -2.75 -53.33
CA TYR A 106 6.39 -2.29 -53.26
C TYR A 106 5.41 -3.46 -53.23
N GLN A 107 5.80 -4.56 -53.86
CA GLN A 107 4.96 -5.75 -53.90
C GLN A 107 4.97 -6.47 -52.56
N LYS A 108 6.10 -7.08 -52.22
CA LYS A 108 6.24 -7.81 -50.97
C LYS A 108 5.49 -7.09 -49.85
N VAL A 109 5.97 -5.91 -49.48
CA VAL A 109 5.34 -5.12 -48.42
C VAL A 109 3.83 -5.10 -48.57
N SER A 110 3.12 -5.10 -47.45
CA SER A 110 1.66 -5.08 -47.46
C SER A 110 1.14 -4.25 -48.64
N GLY A 111 0.47 -4.93 -49.58
CA GLY A 111 -0.07 -4.23 -50.73
C GLY A 111 -1.25 -4.97 -51.34
N PRO A 112 -1.25 -5.07 -52.68
CA PRO A 112 -2.32 -5.75 -53.42
C PRO A 112 -2.29 -7.26 -53.20
N SER A 113 -3.16 -7.96 -53.94
CA SER A 113 -3.24 -9.42 -53.83
C SER A 113 -3.45 -10.06 -55.20
N SER A 114 -3.60 -11.38 -55.21
CA SER A 114 -3.80 -12.11 -56.45
C SER A 114 -5.16 -12.79 -56.46
N GLY A 115 -5.40 -13.64 -55.47
CA GLY A 115 -6.67 -14.35 -55.39
C GLY A 115 -6.56 -15.79 -55.81
N GLY A 1 48.72 42.21 -20.75
CA GLY A 1 48.26 40.96 -20.19
C GLY A 1 47.16 41.14 -19.16
N SER A 2 45.97 40.65 -19.49
CA SER A 2 44.83 40.77 -18.58
C SER A 2 43.64 39.96 -19.10
N SER A 3 43.15 39.06 -18.26
CA SER A 3 42.02 38.21 -18.63
C SER A 3 41.23 37.79 -17.39
N GLY A 4 40.11 37.10 -17.62
CA GLY A 4 39.29 36.65 -16.52
C GLY A 4 39.92 35.51 -15.74
N SER A 5 39.66 35.47 -14.44
CA SER A 5 40.22 34.44 -13.57
C SER A 5 39.11 33.67 -12.85
N SER A 6 39.13 32.35 -13.00
CA SER A 6 38.12 31.50 -12.37
C SER A 6 38.48 30.03 -12.52
N GLY A 7 37.68 29.16 -11.90
CA GLY A 7 37.94 27.74 -11.98
C GLY A 7 37.10 26.94 -10.99
N LYS A 8 36.06 26.29 -11.50
CA LYS A 8 35.17 25.50 -10.65
C LYS A 8 34.84 24.17 -11.33
N LEU A 9 34.45 23.19 -10.51
CA LEU A 9 34.10 21.87 -11.03
C LEU A 9 32.62 21.79 -11.37
N TYR A 10 32.31 21.37 -12.58
CA TYR A 10 30.93 21.25 -13.03
C TYR A 10 30.41 19.83 -12.81
N GLY A 11 29.11 19.65 -13.03
CA GLY A 11 28.49 18.34 -12.86
C GLY A 11 28.30 17.99 -11.40
N SER A 12 27.86 18.97 -10.61
CA SER A 12 27.63 18.76 -9.18
C SER A 12 26.26 19.29 -8.78
N ILE A 13 25.23 18.46 -8.98
CA ILE A 13 23.87 18.84 -8.63
C ILE A 13 23.27 17.88 -7.60
N PHE A 14 22.69 18.43 -6.55
CA PHE A 14 22.08 17.62 -5.50
C PHE A 14 20.57 17.51 -5.70
N THR A 15 20.08 16.29 -5.80
CA THR A 15 18.66 16.04 -6.00
C THR A 15 17.90 16.15 -4.68
N GLY A 16 18.25 17.14 -3.89
CA GLY A 16 17.59 17.33 -2.60
C GLY A 16 17.18 16.02 -1.96
N ALA A 17 15.87 15.79 -1.87
CA ALA A 17 15.36 14.57 -1.27
C ALA A 17 13.87 14.40 -1.55
N SER A 18 13.44 13.15 -1.72
CA SER A 18 12.04 12.86 -2.00
C SER A 18 11.51 11.79 -1.05
N LYS A 19 10.67 12.21 -0.10
CA LYS A 19 10.09 11.29 0.86
C LYS A 19 8.60 11.12 0.63
N PHE A 20 7.90 12.24 0.45
CA PHE A 20 6.46 12.22 0.20
C PHE A 20 6.14 12.65 -1.22
N ARG A 21 5.22 11.93 -1.85
CA ARG A 21 4.82 12.24 -3.22
C ARG A 21 3.30 12.34 -3.34
N CYS A 22 2.84 13.32 -4.10
CA CYS A 22 1.41 13.54 -4.29
C CYS A 22 0.86 12.56 -5.33
N LYS A 23 -0.34 12.05 -5.07
CA LYS A 23 -0.99 11.12 -5.98
C LYS A 23 -1.46 11.83 -7.25
N ASP A 24 -2.40 12.75 -7.08
CA ASP A 24 -2.94 13.51 -8.21
C ASP A 24 -1.81 14.06 -9.09
N CYS A 25 -1.08 15.02 -8.55
CA CYS A 25 0.04 15.63 -9.28
C CYS A 25 1.36 14.99 -8.88
N SER A 26 2.45 15.45 -9.51
CA SER A 26 3.77 14.92 -9.22
C SER A 26 4.54 15.86 -8.30
N ALA A 27 3.86 16.39 -7.29
CA ALA A 27 4.47 17.30 -6.34
C ALA A 27 4.93 16.56 -5.09
N ALA A 28 6.24 16.44 -4.93
CA ALA A 28 6.80 15.75 -3.76
C ALA A 28 7.24 16.76 -2.69
N TYR A 29 7.30 16.29 -1.45
CA TYR A 29 7.71 17.14 -0.34
C TYR A 29 8.60 16.38 0.64
N ASP A 30 9.39 17.11 1.41
CA ASP A 30 10.29 16.52 2.38
C ASP A 30 9.54 16.12 3.65
N THR A 31 8.72 17.03 4.15
CA THR A 31 7.95 16.79 5.36
C THR A 31 6.46 16.74 5.06
N LEU A 32 5.71 15.99 5.85
CA LEU A 32 4.26 15.86 5.67
C LEU A 32 3.58 17.21 5.79
N VAL A 33 4.01 18.00 6.77
CA VAL A 33 3.43 19.33 6.99
C VAL A 33 3.39 20.13 5.69
N GLU A 34 4.26 19.78 4.76
CA GLU A 34 4.32 20.46 3.48
C GLU A 34 3.37 19.83 2.48
N LEU A 35 3.21 18.52 2.57
CA LEU A 35 2.33 17.79 1.66
C LEU A 35 0.87 18.05 2.01
N THR A 36 0.50 17.77 3.26
CA THR A 36 -0.86 17.98 3.73
C THR A 36 -1.40 19.33 3.28
N VAL A 37 -0.69 20.40 3.64
CA VAL A 37 -1.09 21.75 3.27
C VAL A 37 -1.46 21.83 1.80
N HIS A 38 -0.82 21.01 0.99
CA HIS A 38 -1.09 20.99 -0.45
C HIS A 38 -2.30 20.13 -0.76
N MET A 39 -2.45 19.02 -0.04
CA MET A 39 -3.57 18.11 -0.24
C MET A 39 -4.89 18.83 0.01
N ASN A 40 -4.87 19.82 0.90
CA ASN A 40 -6.06 20.58 1.24
C ASN A 40 -6.22 21.77 0.32
N GLU A 41 -5.18 22.61 0.24
CA GLU A 41 -5.21 23.79 -0.61
C GLU A 41 -5.81 23.47 -1.97
N THR A 42 -5.22 22.48 -2.65
CA THR A 42 -5.70 22.07 -3.97
C THR A 42 -6.77 20.99 -3.86
N GLY A 43 -6.53 20.02 -2.99
CA GLY A 43 -7.49 18.94 -2.81
C GLY A 43 -6.86 17.57 -2.96
N HIS A 44 -5.78 17.50 -3.73
CA HIS A 44 -5.08 16.24 -3.96
C HIS A 44 -4.93 15.47 -2.65
N TYR A 45 -4.58 14.19 -2.77
CA TYR A 45 -4.41 13.34 -1.60
C TYR A 45 -3.18 12.44 -1.76
N ARG A 46 -2.71 11.89 -0.65
CA ARG A 46 -1.54 11.01 -0.65
C ARG A 46 -1.77 9.82 -1.59
N ASP A 47 -0.71 9.07 -1.86
CA ASP A 47 -0.79 7.91 -2.74
C ASP A 47 -0.58 6.62 -1.95
N ASP A 48 0.44 6.60 -1.10
CA ASP A 48 0.74 5.43 -0.30
C ASP A 48 -0.48 5.01 0.53
N ASN A 49 -0.57 3.71 0.80
CA ASN A 49 -1.69 3.18 1.57
C ASN A 49 -3.02 3.59 0.96
N HIS A 50 -3.13 3.46 -0.35
CA HIS A 50 -4.36 3.82 -1.06
C HIS A 50 -5.58 3.20 -0.39
N GLU A 51 -6.76 3.49 -0.92
CA GLU A 51 -8.00 2.96 -0.37
C GLU A 51 -8.24 1.54 -0.84
N THR A 52 -9.31 0.93 -0.35
CA THR A 52 -9.66 -0.44 -0.73
C THR A 52 -9.80 -0.57 -2.24
N ASP A 53 -9.93 -1.81 -2.71
CA ASP A 53 -10.08 -2.07 -4.13
C ASP A 53 -11.35 -1.42 -4.68
N ASN A 54 -11.37 -1.18 -5.99
CA ASN A 54 -12.53 -0.56 -6.62
C ASN A 54 -13.79 -1.38 -6.38
N ASN A 55 -14.91 -0.89 -6.90
CA ASN A 55 -16.20 -1.57 -6.73
C ASN A 55 -16.59 -2.30 -8.01
N ASN A 56 -16.69 -3.62 -7.93
CA ASN A 56 -17.07 -4.43 -9.08
C ASN A 56 -18.06 -3.69 -9.97
N PRO A 57 -17.89 -3.83 -11.28
CA PRO A 57 -18.76 -3.19 -12.28
C PRO A 57 -20.17 -3.79 -12.28
N LYS A 58 -20.53 -4.46 -11.20
CA LYS A 58 -21.85 -5.07 -11.08
C LYS A 58 -22.86 -4.37 -11.99
N ARG A 59 -23.14 -4.97 -13.14
CA ARG A 59 -24.08 -4.41 -14.09
C ARG A 59 -25.34 -5.28 -14.20
N TRP A 60 -25.55 -6.11 -13.18
CA TRP A 60 -26.71 -6.99 -13.16
C TRP A 60 -27.98 -6.22 -12.79
N SER A 61 -28.61 -5.61 -13.78
CA SER A 61 -29.82 -4.84 -13.56
C SER A 61 -30.50 -4.49 -14.89
N LYS A 62 -31.62 -3.79 -14.81
CA LYS A 62 -32.37 -3.40 -15.99
C LYS A 62 -31.54 -2.49 -16.88
N PRO A 63 -31.81 -2.53 -18.20
CA PRO A 63 -31.10 -1.70 -19.18
C PRO A 63 -31.45 -0.22 -19.05
N ARG A 64 -30.98 0.57 -20.01
CA ARG A 64 -31.25 2.01 -20.01
C ARG A 64 -32.70 2.29 -20.39
N LYS A 65 -33.08 3.56 -20.34
CA LYS A 65 -34.43 3.97 -20.68
C LYS A 65 -34.86 3.37 -22.02
N ARG A 66 -36.12 3.59 -22.39
CA ARG A 66 -36.65 3.06 -23.64
C ARG A 66 -35.74 3.43 -24.81
N SER A 67 -36.03 2.86 -25.97
CA SER A 67 -35.22 3.12 -27.17
C SER A 67 -36.11 3.23 -28.41
N LEU A 68 -35.54 3.73 -29.50
CA LEU A 68 -36.28 3.88 -30.75
C LEU A 68 -35.69 3.00 -31.84
N LEU A 69 -35.29 1.79 -31.46
CA LEU A 69 -34.70 0.85 -32.41
C LEU A 69 -35.05 -0.59 -32.03
N GLU A 70 -35.77 -1.27 -32.93
CA GLU A 70 -36.18 -2.65 -32.69
C GLU A 70 -36.27 -3.41 -34.00
N MET A 71 -35.44 -4.44 -34.15
CA MET A 71 -35.43 -5.27 -35.35
C MET A 71 -35.45 -6.75 -35.01
N GLU A 72 -36.60 -7.38 -35.17
CA GLU A 72 -36.75 -8.80 -34.88
C GLU A 72 -37.45 -9.53 -36.03
N GLY A 73 -37.31 -10.85 -36.04
CA GLY A 73 -37.94 -11.64 -37.09
C GLY A 73 -36.94 -12.52 -37.83
N LYS A 74 -36.63 -13.67 -37.24
CA LYS A 74 -35.68 -14.60 -37.85
C LYS A 74 -36.41 -15.68 -38.65
N GLU A 75 -37.44 -15.26 -39.38
CA GLU A 75 -38.22 -16.20 -40.19
C GLU A 75 -38.37 -15.68 -41.62
N ASP A 76 -37.42 -16.05 -42.48
CA ASP A 76 -37.45 -15.62 -43.87
C ASP A 76 -38.13 -16.67 -44.74
N ALA A 77 -39.20 -17.26 -44.22
CA ALA A 77 -39.93 -18.29 -44.96
C ALA A 77 -41.31 -17.77 -45.38
N GLN A 78 -41.36 -16.53 -45.84
CA GLN A 78 -42.61 -15.93 -46.27
C GLN A 78 -42.57 -15.57 -47.76
N LYS A 79 -41.51 -14.86 -48.15
CA LYS A 79 -41.35 -14.46 -49.54
C LYS A 79 -41.36 -15.67 -50.47
N VAL A 80 -40.56 -16.67 -50.13
CA VAL A 80 -40.49 -17.89 -50.93
C VAL A 80 -40.33 -19.12 -50.05
N LEU A 81 -40.76 -20.27 -50.56
CA LEU A 81 -40.66 -21.52 -49.82
C LEU A 81 -39.21 -21.99 -49.73
N LYS A 82 -38.56 -21.67 -48.61
CA LYS A 82 -37.18 -22.07 -48.41
C LYS A 82 -36.98 -22.64 -47.01
N CYS A 83 -35.91 -23.42 -46.84
CA CYS A 83 -35.61 -24.03 -45.55
C CYS A 83 -34.58 -23.21 -44.78
N MET A 84 -35.02 -22.61 -43.68
CA MET A 84 -34.14 -21.79 -42.85
C MET A 84 -32.86 -22.56 -42.51
N TYR A 85 -33.01 -23.85 -42.21
CA TYR A 85 -31.87 -24.68 -41.87
C TYR A 85 -30.75 -24.54 -42.88
N CYS A 86 -30.96 -25.11 -44.07
CA CYS A 86 -29.98 -25.05 -45.13
C CYS A 86 -30.10 -23.75 -45.92
N GLY A 87 -31.28 -23.50 -46.48
CA GLY A 87 -31.51 -22.29 -47.23
C GLY A 87 -31.63 -22.56 -48.73
N HIS A 88 -32.62 -23.37 -49.11
CA HIS A 88 -32.83 -23.70 -50.51
C HIS A 88 -34.29 -23.52 -50.90
N SER A 89 -34.61 -22.37 -51.48
CA SER A 89 -35.98 -22.07 -51.89
C SER A 89 -36.39 -22.93 -53.08
N PHE A 90 -37.52 -23.61 -52.94
CA PHE A 90 -38.02 -24.49 -54.00
C PHE A 90 -39.20 -23.83 -54.72
N GLU A 91 -39.51 -24.34 -55.91
CA GLU A 91 -40.61 -23.80 -56.69
C GLU A 91 -41.87 -24.65 -56.52
N SER A 92 -41.92 -25.39 -55.43
CA SER A 92 -43.07 -26.25 -55.13
C SER A 92 -43.18 -26.54 -53.64
N LEU A 93 -44.38 -26.39 -53.10
CA LEU A 93 -44.62 -26.63 -51.68
C LEU A 93 -44.22 -28.05 -51.29
N GLN A 94 -44.38 -28.98 -52.22
CA GLN A 94 -44.05 -30.38 -51.97
C GLN A 94 -42.54 -30.54 -51.81
N ASP A 95 -41.77 -29.86 -52.66
CA ASP A 95 -40.32 -29.93 -52.60
C ASP A 95 -39.80 -29.46 -51.24
N LEU A 96 -40.43 -28.42 -50.71
CA LEU A 96 -40.04 -27.86 -49.42
C LEU A 96 -40.54 -28.74 -48.27
N SER A 97 -41.85 -28.76 -48.09
CA SER A 97 -42.46 -29.57 -47.03
C SER A 97 -41.82 -30.95 -46.96
N VAL A 98 -41.52 -31.52 -48.12
CA VAL A 98 -40.90 -32.83 -48.19
C VAL A 98 -39.55 -32.84 -47.50
N HIS A 99 -38.58 -32.12 -48.09
CA HIS A 99 -37.24 -32.04 -47.53
C HIS A 99 -37.29 -31.82 -46.02
N MET A 100 -38.01 -30.80 -45.61
CA MET A 100 -38.14 -30.48 -44.19
C MET A 100 -38.27 -31.75 -43.36
N ILE A 101 -39.06 -32.69 -43.85
CA ILE A 101 -39.26 -33.96 -43.15
C ILE A 101 -38.20 -34.97 -43.51
N LYS A 102 -38.13 -35.33 -44.79
CA LYS A 102 -37.15 -36.29 -45.28
C LYS A 102 -35.79 -36.05 -44.62
N THR A 103 -35.48 -34.79 -44.34
CA THR A 103 -34.22 -34.43 -43.71
C THR A 103 -34.42 -34.01 -42.26
N LYS A 104 -35.66 -33.66 -41.92
CA LYS A 104 -36.00 -33.23 -40.57
C LYS A 104 -35.23 -31.97 -40.19
N HIS A 105 -35.12 -31.04 -41.13
CA HIS A 105 -34.42 -29.79 -40.90
C HIS A 105 -35.22 -28.87 -39.99
N TYR A 106 -36.48 -28.65 -40.35
CA TYR A 106 -37.36 -27.79 -39.57
C TYR A 106 -37.49 -28.30 -38.14
N GLN A 107 -37.13 -29.56 -37.93
CA GLN A 107 -37.20 -30.17 -36.61
C GLN A 107 -35.87 -30.05 -35.88
N LYS A 108 -34.79 -30.37 -36.58
CA LYS A 108 -33.45 -30.29 -36.00
C LYS A 108 -33.06 -28.85 -35.71
N VAL A 109 -33.22 -27.98 -36.70
CA VAL A 109 -32.89 -26.57 -36.56
C VAL A 109 -33.21 -26.07 -35.15
N SER A 110 -32.37 -25.20 -34.63
CA SER A 110 -32.57 -24.64 -33.29
C SER A 110 -34.06 -24.49 -32.99
N GLY A 111 -34.45 -24.86 -31.77
CA GLY A 111 -35.84 -24.75 -31.38
C GLY A 111 -36.04 -24.96 -29.89
N PRO A 112 -37.31 -25.12 -29.47
CA PRO A 112 -37.65 -25.34 -28.06
C PRO A 112 -37.21 -26.71 -27.56
N SER A 113 -36.30 -26.72 -26.60
CA SER A 113 -35.78 -27.96 -26.03
C SER A 113 -34.95 -27.70 -24.79
N SER A 114 -35.06 -28.58 -23.80
CA SER A 114 -34.32 -28.43 -22.55
C SER A 114 -34.55 -29.64 -21.65
N GLY A 115 -33.83 -29.67 -20.53
CA GLY A 115 -33.96 -30.77 -19.59
C GLY A 115 -32.63 -31.43 -19.28
N GLY A 1 48.28 3.04 15.51
CA GLY A 1 47.70 3.78 14.41
C GLY A 1 46.44 4.53 14.81
N SER A 2 46.18 5.65 14.14
CA SER A 2 45.00 6.45 14.44
C SER A 2 44.57 7.25 13.22
N SER A 3 43.27 7.54 13.14
CA SER A 3 42.72 8.29 12.02
C SER A 3 41.25 8.61 12.25
N GLY A 4 40.69 9.44 11.36
CA GLY A 4 39.29 9.81 11.48
C GLY A 4 38.91 10.95 10.56
N SER A 5 37.77 10.81 9.89
CA SER A 5 37.30 11.83 8.96
C SER A 5 35.77 11.83 8.88
N SER A 6 35.21 13.00 8.59
CA SER A 6 33.76 13.13 8.49
C SER A 6 33.34 13.56 7.09
N GLY A 7 33.87 14.71 6.66
CA GLY A 7 33.55 15.21 5.33
C GLY A 7 32.14 15.76 5.24
N LYS A 8 31.93 16.72 4.35
CA LYS A 8 30.61 17.32 4.17
C LYS A 8 30.34 17.59 2.70
N LEU A 9 29.08 17.92 2.39
CA LEU A 9 28.68 18.21 1.02
C LEU A 9 28.24 19.65 0.87
N TYR A 10 28.78 20.34 -0.14
CA TYR A 10 28.43 21.73 -0.39
C TYR A 10 27.11 21.84 -1.14
N GLY A 11 26.52 23.03 -1.13
CA GLY A 11 25.26 23.24 -1.82
C GLY A 11 24.09 22.58 -1.10
N SER A 12 23.19 23.40 -0.58
CA SER A 12 22.02 22.89 0.13
C SER A 12 20.76 23.02 -0.72
N ILE A 13 20.54 22.06 -1.59
CA ILE A 13 19.37 22.07 -2.47
C ILE A 13 18.29 21.11 -1.95
N PHE A 14 17.06 21.60 -1.91
CA PHE A 14 15.94 20.79 -1.43
C PHE A 14 15.07 20.32 -2.60
N THR A 15 15.72 19.92 -3.68
CA THR A 15 15.02 19.44 -4.88
C THR A 15 15.45 18.03 -5.24
N GLY A 16 16.38 17.48 -4.48
CA GLY A 16 16.86 16.13 -4.74
C GLY A 16 15.85 15.08 -4.35
N ALA A 17 16.23 14.20 -3.44
CA ALA A 17 15.36 13.12 -2.98
C ALA A 17 14.01 13.69 -2.51
N SER A 18 13.08 12.79 -2.18
CA SER A 18 11.76 13.20 -1.73
C SER A 18 11.13 12.10 -0.86
N LYS A 19 10.79 12.47 0.37
CA LYS A 19 10.17 11.53 1.29
C LYS A 19 8.72 11.25 0.90
N PHE A 20 7.89 12.29 0.99
CA PHE A 20 6.48 12.15 0.64
C PHE A 20 6.24 12.49 -0.83
N ARG A 21 5.06 12.14 -1.32
CA ARG A 21 4.70 12.40 -2.72
C ARG A 21 3.19 12.56 -2.87
N CYS A 22 2.78 13.28 -3.91
CA CYS A 22 1.36 13.49 -4.17
C CYS A 22 0.87 12.57 -5.28
N LYS A 23 -0.30 11.97 -5.07
CA LYS A 23 -0.89 11.07 -6.05
C LYS A 23 -1.41 11.84 -7.26
N ASP A 24 -2.40 12.69 -7.03
CA ASP A 24 -2.99 13.49 -8.10
C ASP A 24 -1.89 14.08 -8.99
N CYS A 25 -1.15 15.04 -8.44
CA CYS A 25 -0.09 15.70 -9.18
C CYS A 25 1.25 15.02 -8.91
N SER A 26 2.31 15.56 -9.51
CA SER A 26 3.65 15.01 -9.33
C SER A 26 4.52 15.93 -8.47
N ALA A 27 3.93 16.44 -7.39
CA ALA A 27 4.65 17.34 -6.49
C ALA A 27 5.00 16.63 -5.19
N ALA A 28 6.29 16.40 -4.97
CA ALA A 28 6.76 15.74 -3.77
C ALA A 28 7.29 16.75 -2.75
N TYR A 29 7.37 16.33 -1.49
CA TYR A 29 7.85 17.19 -0.42
C TYR A 29 8.70 16.41 0.57
N ASP A 30 9.59 17.12 1.26
CA ASP A 30 10.46 16.49 2.25
C ASP A 30 9.66 16.01 3.46
N THR A 31 8.80 16.89 3.98
CA THR A 31 7.99 16.56 5.14
C THR A 31 6.50 16.51 4.77
N LEU A 32 5.73 15.76 5.54
CA LEU A 32 4.30 15.62 5.29
C LEU A 32 3.60 16.96 5.44
N VAL A 33 3.88 17.66 6.53
CA VAL A 33 3.28 18.96 6.79
C VAL A 33 3.25 19.81 5.52
N GLU A 34 4.30 19.70 4.72
CA GLU A 34 4.40 20.46 3.48
C GLU A 34 3.43 19.92 2.43
N LEU A 35 3.28 18.61 2.40
CA LEU A 35 2.37 17.96 1.45
C LEU A 35 0.91 18.19 1.84
N THR A 36 0.58 17.81 3.08
CA THR A 36 -0.79 17.96 3.57
C THR A 36 -1.37 19.31 3.16
N VAL A 37 -0.81 20.40 3.70
CA VAL A 37 -1.28 21.74 3.39
C VAL A 37 -1.67 21.85 1.92
N HIS A 38 -0.84 21.29 1.04
CA HIS A 38 -1.09 21.33 -0.39
C HIS A 38 -2.28 20.44 -0.75
N MET A 39 -2.29 19.22 -0.23
CA MET A 39 -3.36 18.27 -0.50
C MET A 39 -4.72 18.91 -0.25
N ASN A 40 -4.82 19.68 0.82
CA ASN A 40 -6.06 20.35 1.17
C ASN A 40 -6.22 21.65 0.39
N GLU A 41 -5.14 22.41 0.28
CA GLU A 41 -5.17 23.67 -0.44
C GLU A 41 -5.76 23.49 -1.83
N THR A 42 -5.34 22.44 -2.52
CA THR A 42 -5.81 22.15 -3.85
C THR A 42 -6.91 21.09 -3.83
N GLY A 43 -6.67 20.01 -3.10
CA GLY A 43 -7.65 18.94 -3.01
C GLY A 43 -7.01 17.56 -3.02
N HIS A 44 -5.95 17.41 -3.81
CA HIS A 44 -5.25 16.14 -3.91
C HIS A 44 -5.18 15.45 -2.55
N TYR A 45 -5.01 14.13 -2.57
CA TYR A 45 -4.93 13.36 -1.34
C TYR A 45 -3.74 12.39 -1.39
N ARG A 46 -3.46 11.77 -0.24
CA ARG A 46 -2.36 10.82 -0.15
C ARG A 46 -2.52 9.69 -1.15
N ASP A 47 -1.41 9.16 -1.65
CA ASP A 47 -1.43 8.07 -2.62
C ASP A 47 -1.51 6.72 -1.91
N ASP A 48 -0.61 6.51 -0.97
CA ASP A 48 -0.57 5.26 -0.21
C ASP A 48 -1.97 4.87 0.27
N ASN A 49 -2.40 3.67 -0.09
CA ASN A 49 -3.72 3.19 0.31
C ASN A 49 -3.80 3.02 1.82
N HIS A 50 -2.74 2.51 2.42
CA HIS A 50 -2.68 2.31 3.86
C HIS A 50 -3.16 3.55 4.60
N GLU A 51 -2.90 4.71 4.04
CA GLU A 51 -3.30 5.97 4.64
C GLU A 51 -4.56 6.52 3.98
N THR A 52 -5.63 6.64 4.76
CA THR A 52 -6.89 7.15 4.24
C THR A 52 -7.59 8.03 5.28
N ASP A 53 -8.24 9.09 4.80
CA ASP A 53 -8.95 10.01 5.68
C ASP A 53 -10.44 9.66 5.76
N ASN A 54 -10.94 9.04 4.69
CA ASN A 54 -12.35 8.66 4.63
C ASN A 54 -12.69 7.65 5.72
N ASN A 55 -13.88 7.78 6.30
CA ASN A 55 -14.32 6.88 7.36
C ASN A 55 -14.74 5.53 6.77
N ASN A 56 -15.25 5.55 5.56
CA ASN A 56 -15.69 4.32 4.89
C ASN A 56 -14.68 3.89 3.83
N PRO A 57 -13.80 2.96 4.21
CA PRO A 57 -12.77 2.44 3.30
C PRO A 57 -13.36 1.57 2.20
N LYS A 58 -14.47 0.90 2.50
CA LYS A 58 -15.13 0.04 1.53
C LYS A 58 -15.74 0.86 0.40
N ARG A 59 -15.14 0.77 -0.78
CA ARG A 59 -15.62 1.51 -1.94
C ARG A 59 -17.13 1.30 -2.13
N TRP A 60 -17.69 1.99 -3.12
CA TRP A 60 -19.12 1.87 -3.40
C TRP A 60 -19.55 0.41 -3.47
N SER A 61 -20.84 0.18 -3.69
CA SER A 61 -21.38 -1.16 -3.77
C SER A 61 -20.90 -1.86 -5.04
N LYS A 62 -20.83 -3.19 -4.98
CA LYS A 62 -20.38 -3.98 -6.14
C LYS A 62 -21.05 -3.50 -7.42
N PRO A 63 -20.48 -3.89 -8.57
CA PRO A 63 -21.00 -3.52 -9.88
C PRO A 63 -22.33 -4.20 -10.19
N ARG A 64 -22.92 -3.85 -11.33
CA ARG A 64 -24.19 -4.44 -11.75
C ARG A 64 -23.98 -5.50 -12.82
N LYS A 65 -22.76 -6.04 -12.87
CA LYS A 65 -22.42 -7.07 -13.85
C LYS A 65 -22.53 -8.46 -13.25
N ARG A 66 -22.31 -9.47 -14.06
CA ARG A 66 -22.38 -10.86 -13.60
C ARG A 66 -21.90 -10.98 -12.15
N SER A 67 -22.66 -11.72 -11.35
CA SER A 67 -22.32 -11.91 -9.95
C SER A 67 -23.29 -12.89 -9.28
N LEU A 68 -23.13 -13.05 -7.97
CA LEU A 68 -23.99 -13.95 -7.21
C LEU A 68 -24.22 -15.26 -7.97
N LEU A 69 -23.26 -15.62 -8.83
CA LEU A 69 -23.35 -16.84 -9.61
C LEU A 69 -23.68 -18.04 -8.73
N GLU A 70 -23.78 -19.21 -9.35
CA GLU A 70 -24.09 -20.43 -8.62
C GLU A 70 -22.80 -21.17 -8.24
N MET A 71 -22.50 -21.19 -6.94
CA MET A 71 -21.30 -21.85 -6.44
C MET A 71 -21.64 -22.75 -5.26
N GLU A 72 -20.63 -23.45 -4.75
CA GLU A 72 -20.81 -24.34 -3.61
C GLU A 72 -20.51 -23.62 -2.31
N GLY A 73 -21.57 -23.29 -1.57
CA GLY A 73 -21.41 -22.60 -0.31
C GLY A 73 -22.56 -22.84 0.65
N LYS A 74 -22.96 -21.80 1.37
CA LYS A 74 -24.07 -21.91 2.32
C LYS A 74 -24.40 -20.54 2.92
N GLU A 75 -25.50 -19.95 2.48
CA GLU A 75 -25.92 -18.65 2.98
C GLU A 75 -27.09 -18.79 3.94
N ASP A 76 -26.97 -19.73 4.88
CA ASP A 76 -28.02 -19.96 5.86
C ASP A 76 -27.43 -20.01 7.27
N ALA A 77 -26.45 -19.16 7.53
CA ALA A 77 -25.80 -19.11 8.84
C ALA A 77 -26.04 -17.76 9.51
N GLN A 78 -27.27 -17.25 9.40
CA GLN A 78 -27.62 -15.97 10.00
C GLN A 78 -28.91 -16.07 10.80
N LYS A 79 -29.04 -17.14 11.57
CA LYS A 79 -30.24 -17.36 12.38
C LYS A 79 -29.86 -17.63 13.83
N VAL A 80 -29.12 -18.72 14.05
CA VAL A 80 -28.70 -19.10 15.40
C VAL A 80 -27.50 -20.04 15.35
N LEU A 81 -26.59 -19.89 16.31
CA LEU A 81 -25.40 -20.72 16.38
C LEU A 81 -25.74 -22.18 16.05
N LYS A 82 -25.40 -22.60 14.84
CA LYS A 82 -25.66 -23.97 14.41
C LYS A 82 -24.42 -24.59 13.78
N CYS A 83 -24.33 -25.92 13.82
CA CYS A 83 -23.20 -26.63 13.25
C CYS A 83 -23.46 -27.00 11.79
N MET A 84 -22.39 -27.16 11.03
CA MET A 84 -22.50 -27.51 9.62
C MET A 84 -22.28 -29.01 9.41
N TYR A 85 -21.40 -29.59 10.22
CA TYR A 85 -21.10 -31.01 10.13
C TYR A 85 -22.34 -31.85 10.40
N CYS A 86 -22.91 -31.69 11.60
CA CYS A 86 -24.09 -32.43 11.98
C CYS A 86 -25.34 -31.57 11.87
N GLY A 87 -25.27 -30.37 12.46
CA GLY A 87 -26.40 -29.46 12.42
C GLY A 87 -27.17 -29.43 13.73
N HIS A 88 -26.55 -28.89 14.76
CA HIS A 88 -27.19 -28.81 16.07
C HIS A 88 -27.41 -27.35 16.47
N SER A 89 -28.59 -27.07 17.02
CA SER A 89 -28.93 -25.71 17.45
C SER A 89 -28.50 -25.47 18.89
N PHE A 90 -27.63 -24.48 19.08
CA PHE A 90 -27.14 -24.14 20.41
C PHE A 90 -27.67 -22.78 20.85
N GLU A 91 -27.33 -22.39 22.07
CA GLU A 91 -27.76 -21.11 22.62
C GLU A 91 -26.58 -20.15 22.76
N SER A 92 -25.50 -20.63 23.35
CA SER A 92 -24.31 -19.82 23.56
C SER A 92 -23.18 -20.27 22.64
N LEU A 93 -22.33 -19.32 22.24
CA LEU A 93 -21.21 -19.63 21.37
C LEU A 93 -20.36 -20.77 21.93
N GLN A 94 -20.07 -20.70 23.22
CA GLN A 94 -19.28 -21.74 23.88
C GLN A 94 -19.75 -23.13 23.46
N ASP A 95 -21.00 -23.45 23.76
CA ASP A 95 -21.56 -24.74 23.41
C ASP A 95 -21.20 -25.13 22.00
N LEU A 96 -20.99 -24.13 21.15
CA LEU A 96 -20.64 -24.37 19.76
C LEU A 96 -19.14 -24.68 19.61
N SER A 97 -18.30 -23.73 20.00
CA SER A 97 -16.86 -23.90 19.93
C SER A 97 -16.43 -25.18 20.62
N VAL A 98 -17.16 -25.55 21.67
CA VAL A 98 -16.85 -26.76 22.42
C VAL A 98 -17.42 -28.00 21.74
N HIS A 99 -18.62 -27.86 21.20
CA HIS A 99 -19.28 -28.97 20.51
C HIS A 99 -18.40 -29.50 19.37
N MET A 100 -18.07 -28.62 18.43
CA MET A 100 -17.25 -28.99 17.29
C MET A 100 -15.99 -29.73 17.75
N ILE A 101 -15.14 -29.03 18.50
CA ILE A 101 -13.91 -29.60 19.00
C ILE A 101 -14.15 -30.96 19.63
N LYS A 102 -15.26 -31.07 20.36
CA LYS A 102 -15.61 -32.33 21.02
C LYS A 102 -15.86 -33.43 20.00
N THR A 103 -16.64 -33.13 18.97
CA THR A 103 -16.95 -34.09 17.92
C THR A 103 -16.10 -33.84 16.68
N LYS A 104 -14.95 -33.20 16.87
CA LYS A 104 -14.06 -32.89 15.75
C LYS A 104 -14.84 -32.62 14.47
N HIS A 105 -15.85 -31.76 14.57
CA HIS A 105 -16.67 -31.41 13.41
C HIS A 105 -16.02 -30.31 12.59
N TYR A 106 -15.39 -29.36 13.28
CA TYR A 106 -14.73 -28.25 12.61
C TYR A 106 -13.48 -28.72 11.86
N GLN A 107 -12.72 -29.60 12.50
CA GLN A 107 -11.51 -30.13 11.90
C GLN A 107 -11.83 -31.10 10.76
N LYS A 108 -12.91 -31.86 10.93
CA LYS A 108 -13.33 -32.82 9.92
C LYS A 108 -14.12 -32.13 8.81
N VAL A 109 -13.66 -30.95 8.41
CA VAL A 109 -14.33 -30.19 7.36
C VAL A 109 -13.52 -30.20 6.07
N SER A 110 -12.19 -30.14 6.21
CA SER A 110 -11.31 -30.15 5.06
C SER A 110 -10.80 -31.56 4.77
N GLY A 111 -10.05 -31.71 3.68
CA GLY A 111 -9.52 -33.01 3.32
C GLY A 111 -8.15 -32.91 2.66
N PRO A 112 -7.25 -33.84 3.00
CA PRO A 112 -5.90 -33.88 2.45
C PRO A 112 -5.89 -34.27 0.98
N SER A 113 -4.68 -34.49 0.45
CA SER A 113 -4.54 -34.87 -0.96
C SER A 113 -3.44 -35.92 -1.12
N SER A 114 -3.29 -36.44 -2.33
CA SER A 114 -2.29 -37.45 -2.63
C SER A 114 -1.03 -36.81 -3.20
N GLY A 115 -0.02 -37.64 -3.48
CA GLY A 115 1.22 -37.15 -4.02
C GLY A 115 2.29 -38.22 -4.10
N GLY A 1 35.14 7.55 -54.14
CA GLY A 1 34.82 6.82 -52.93
C GLY A 1 34.33 7.74 -51.82
N SER A 2 33.87 7.15 -50.73
CA SER A 2 33.38 7.91 -49.59
C SER A 2 33.79 7.27 -48.27
N SER A 3 33.90 8.08 -47.22
CA SER A 3 34.30 7.59 -45.91
C SER A 3 34.18 8.70 -44.87
N GLY A 4 33.73 8.33 -43.67
CA GLY A 4 33.59 9.30 -42.60
C GLY A 4 33.30 8.65 -41.27
N SER A 5 32.57 9.37 -40.40
CA SER A 5 32.23 8.85 -39.09
C SER A 5 30.99 9.55 -38.53
N SER A 6 30.27 8.86 -37.65
CA SER A 6 29.08 9.42 -37.04
C SER A 6 28.84 8.82 -35.66
N GLY A 7 28.18 9.59 -34.79
CA GLY A 7 27.90 9.12 -33.44
C GLY A 7 26.87 9.98 -32.74
N LYS A 8 26.29 9.45 -31.66
CA LYS A 8 25.29 10.17 -30.89
C LYS A 8 25.71 10.30 -29.44
N LEU A 9 25.56 11.50 -28.89
CA LEU A 9 25.92 11.75 -27.50
C LEU A 9 25.05 10.94 -26.55
N TYR A 10 25.48 10.82 -25.30
CA TYR A 10 24.74 10.07 -24.29
C TYR A 10 24.05 11.02 -23.31
N GLY A 11 23.24 10.45 -22.42
CA GLY A 11 22.53 11.25 -21.45
C GLY A 11 22.40 10.55 -20.11
N SER A 12 23.22 10.97 -19.14
CA SER A 12 23.19 10.37 -17.81
C SER A 12 21.87 10.65 -17.11
N ILE A 13 20.85 9.85 -17.42
CA ILE A 13 19.53 10.01 -16.82
C ILE A 13 19.62 10.02 -15.30
N PHE A 14 18.75 10.81 -14.67
CA PHE A 14 18.73 10.92 -13.22
C PHE A 14 17.32 10.66 -12.68
N THR A 15 17.21 10.59 -11.35
CA THR A 15 15.92 10.33 -10.71
C THR A 15 15.87 10.98 -9.34
N GLY A 16 15.04 12.02 -9.21
CA GLY A 16 14.91 12.71 -7.94
C GLY A 16 14.27 11.85 -6.88
N ALA A 17 14.47 12.22 -5.61
CA ALA A 17 13.90 11.48 -4.50
C ALA A 17 13.17 12.40 -3.53
N SER A 18 12.12 11.89 -2.90
CA SER A 18 11.35 12.68 -1.94
C SER A 18 10.61 11.76 -0.97
N LYS A 19 10.80 12.01 0.33
CA LYS A 19 10.16 11.22 1.36
C LYS A 19 8.70 10.95 1.01
N PHE A 20 7.94 12.02 0.78
CA PHE A 20 6.53 11.90 0.43
C PHE A 20 6.30 12.24 -1.03
N ARG A 21 5.12 11.90 -1.53
CA ARG A 21 4.77 12.17 -2.93
C ARG A 21 3.26 12.37 -3.08
N CYS A 22 2.88 13.18 -4.06
CA CYS A 22 1.47 13.46 -4.32
C CYS A 22 0.92 12.55 -5.42
N LYS A 23 -0.28 12.05 -5.22
CA LYS A 23 -0.93 11.18 -6.19
C LYS A 23 -1.47 11.97 -7.37
N ASP A 24 -2.45 12.82 -7.10
CA ASP A 24 -3.05 13.65 -8.15
C ASP A 24 -1.98 14.18 -9.10
N CYS A 25 -1.13 15.06 -8.59
CA CYS A 25 -0.07 15.65 -9.39
C CYS A 25 1.29 15.01 -9.07
N SER A 26 2.34 15.49 -9.71
CA SER A 26 3.68 14.96 -9.49
C SER A 26 4.50 15.91 -8.61
N ALA A 27 3.85 16.46 -7.59
CA ALA A 27 4.52 17.37 -6.68
C ALA A 27 4.81 16.70 -5.34
N ALA A 28 6.09 16.40 -5.09
CA ALA A 28 6.49 15.76 -3.85
C ALA A 28 7.00 16.78 -2.85
N TYR A 29 7.15 16.35 -1.59
CA TYR A 29 7.62 17.23 -0.53
C TYR A 29 8.55 16.49 0.42
N ASP A 30 9.37 17.25 1.14
CA ASP A 30 10.32 16.66 2.09
C ASP A 30 9.62 16.30 3.39
N THR A 31 8.77 17.20 3.88
CA THR A 31 8.04 16.98 5.12
C THR A 31 6.55 16.83 4.86
N LEU A 32 5.90 15.97 5.65
CA LEU A 32 4.47 15.74 5.51
C LEU A 32 3.68 17.02 5.75
N VAL A 33 3.92 17.65 6.89
CA VAL A 33 3.24 18.89 7.23
C VAL A 33 3.10 19.80 6.01
N GLU A 34 4.14 19.85 5.20
CA GLU A 34 4.14 20.69 4.00
C GLU A 34 3.23 20.09 2.93
N LEU A 35 3.30 18.77 2.77
CA LEU A 35 2.48 18.08 1.78
C LEU A 35 0.99 18.26 2.08
N THR A 36 0.59 17.87 3.27
CA THR A 36 -0.82 17.99 3.67
C THR A 36 -1.43 19.29 3.16
N VAL A 37 -0.84 20.42 3.54
CA VAL A 37 -1.32 21.72 3.12
C VAL A 37 -1.67 21.72 1.63
N HIS A 38 -0.74 21.24 0.81
CA HIS A 38 -0.95 21.18 -0.63
C HIS A 38 -2.08 20.22 -0.98
N MET A 39 -2.21 19.15 -0.20
CA MET A 39 -3.25 18.16 -0.43
C MET A 39 -4.63 18.78 -0.23
N ASN A 40 -4.75 19.66 0.74
CA ASN A 40 -6.02 20.33 1.04
C ASN A 40 -6.16 21.61 0.22
N GLU A 41 -5.18 22.51 0.35
CA GLU A 41 -5.21 23.77 -0.38
C GLU A 41 -5.71 23.56 -1.80
N THR A 42 -5.28 22.47 -2.42
CA THR A 42 -5.69 22.16 -3.79
C THR A 42 -6.77 21.08 -3.82
N GLY A 43 -6.65 20.12 -2.90
CA GLY A 43 -7.62 19.05 -2.84
C GLY A 43 -6.99 17.68 -3.05
N HIS A 44 -5.84 17.66 -3.70
CA HIS A 44 -5.14 16.42 -3.98
C HIS A 44 -5.07 15.54 -2.72
N TYR A 45 -4.74 14.27 -2.92
CA TYR A 45 -4.66 13.33 -1.81
C TYR A 45 -3.43 12.43 -1.95
N ARG A 46 -2.99 11.88 -0.83
CA ARG A 46 -1.82 11.00 -0.83
C ARG A 46 -2.00 9.85 -1.82
N ASP A 47 -0.95 9.07 -2.01
CA ASP A 47 -0.99 7.94 -2.94
C ASP A 47 -0.74 6.63 -2.21
N ASP A 48 0.17 6.65 -1.25
CA ASP A 48 0.50 5.46 -0.47
C ASP A 48 -0.76 4.70 -0.08
N ASN A 49 -0.60 3.46 0.37
CA ASN A 49 -1.73 2.64 0.77
C ASN A 49 -2.63 3.38 1.76
N HIS A 50 -2.13 3.58 2.97
CA HIS A 50 -2.89 4.28 4.00
C HIS A 50 -4.16 3.50 4.36
N GLU A 51 -4.00 2.22 4.65
CA GLU A 51 -5.15 1.38 5.01
C GLU A 51 -5.18 1.11 6.51
N THR A 52 -6.32 0.65 7.00
CA THR A 52 -6.49 0.37 8.42
C THR A 52 -5.77 -0.92 8.80
N ASP A 53 -5.19 -0.94 10.00
CA ASP A 53 -4.48 -2.11 10.48
C ASP A 53 -5.45 -3.15 11.05
N ASN A 54 -5.57 -4.28 10.36
CA ASN A 54 -6.46 -5.34 10.80
C ASN A 54 -5.83 -6.71 10.57
N ASN A 55 -6.50 -7.76 11.04
CA ASN A 55 -6.01 -9.13 10.89
C ASN A 55 -7.15 -10.10 10.68
N ASN A 56 -6.82 -11.32 10.25
CA ASN A 56 -7.83 -12.35 10.02
C ASN A 56 -8.97 -12.24 11.03
N PRO A 57 -10.08 -11.61 10.60
CA PRO A 57 -11.25 -11.42 11.46
C PRO A 57 -11.99 -12.73 11.72
N LYS A 58 -11.71 -13.74 10.91
CA LYS A 58 -12.33 -15.05 11.07
C LYS A 58 -11.33 -16.08 11.59
N ARG A 59 -10.59 -15.71 12.62
CA ARG A 59 -9.60 -16.59 13.22
C ARG A 59 -8.94 -17.45 12.15
N TRP A 60 -8.72 -16.88 10.97
CA TRP A 60 -8.10 -17.59 9.87
C TRP A 60 -6.62 -17.25 9.76
N SER A 61 -5.77 -18.10 10.32
CA SER A 61 -4.33 -17.87 10.28
C SER A 61 -3.59 -19.20 10.08
N LYS A 62 -2.53 -19.15 9.28
CA LYS A 62 -1.72 -20.33 8.99
C LYS A 62 -0.98 -20.80 10.25
N PRO A 63 -0.85 -22.12 10.40
CA PRO A 63 -0.16 -22.72 11.55
C PRO A 63 1.34 -22.48 11.51
N ARG A 64 2.03 -22.94 12.55
CA ARG A 64 3.48 -22.77 12.65
C ARG A 64 4.08 -23.72 13.68
N LYS A 65 5.09 -24.46 13.27
CA LYS A 65 5.76 -25.41 14.16
C LYS A 65 6.71 -24.70 15.11
N ARG A 66 6.64 -25.05 16.39
CA ARG A 66 7.50 -24.44 17.40
C ARG A 66 7.30 -25.10 18.76
N SER A 67 8.32 -25.01 19.61
CA SER A 67 8.26 -25.62 20.94
C SER A 67 9.17 -24.88 21.91
N LEU A 68 9.11 -25.25 23.18
CA LEU A 68 9.93 -24.63 24.21
C LEU A 68 10.70 -25.68 25.00
N LEU A 69 9.97 -26.57 25.67
CA LEU A 69 10.58 -27.63 26.46
C LEU A 69 11.67 -27.06 27.38
N GLU A 70 11.31 -26.05 28.16
CA GLU A 70 12.26 -25.43 29.09
C GLU A 70 12.05 -25.93 30.51
N MET A 71 13.03 -26.66 31.03
CA MET A 71 12.95 -27.19 32.39
C MET A 71 13.76 -26.33 33.36
N GLU A 72 13.26 -26.20 34.58
CA GLU A 72 13.93 -25.41 35.60
C GLU A 72 14.22 -26.25 36.83
N GLY A 73 14.87 -25.63 37.82
CA GLY A 73 15.20 -26.35 39.04
C GLY A 73 14.60 -25.68 40.27
N LYS A 74 15.35 -25.72 41.38
CA LYS A 74 14.89 -25.12 42.62
C LYS A 74 13.37 -25.16 42.73
N GLU A 75 12.79 -26.32 42.42
CA GLU A 75 11.35 -26.49 42.47
C GLU A 75 10.74 -25.67 43.60
N ASP A 76 9.52 -25.18 43.39
CA ASP A 76 8.83 -24.37 44.39
C ASP A 76 8.91 -25.02 45.76
N ALA A 77 9.74 -24.45 46.63
CA ALA A 77 9.89 -24.98 47.99
C ALA A 77 9.49 -23.95 49.03
N GLN A 78 8.19 -23.79 49.23
CA GLN A 78 7.67 -22.84 50.20
C GLN A 78 6.59 -23.49 51.07
N LYS A 79 6.86 -24.70 51.53
CA LYS A 79 5.92 -25.43 52.38
C LYS A 79 6.00 -24.93 53.82
N VAL A 80 7.21 -24.63 54.28
CA VAL A 80 7.42 -24.15 55.63
C VAL A 80 8.68 -23.30 55.72
N LEU A 81 8.61 -22.24 56.53
CA LEU A 81 9.75 -21.34 56.72
C LEU A 81 11.07 -22.10 56.61
N LYS A 82 11.82 -21.83 55.55
CA LYS A 82 13.11 -22.48 55.34
C LYS A 82 14.11 -21.51 54.71
N CYS A 83 15.38 -21.67 55.08
CA CYS A 83 16.44 -20.82 54.55
C CYS A 83 17.06 -21.42 53.31
N MET A 84 16.75 -20.82 52.15
CA MET A 84 17.28 -21.32 50.88
C MET A 84 18.80 -21.45 50.95
N TYR A 85 19.46 -20.44 51.48
CA TYR A 85 20.91 -20.45 51.59
C TYR A 85 21.42 -21.83 52.02
N CYS A 86 21.22 -22.16 53.28
CA CYS A 86 21.65 -23.44 53.82
C CYS A 86 20.53 -24.49 53.71
N GLY A 87 19.34 -24.13 54.21
CA GLY A 87 18.22 -25.04 54.16
C GLY A 87 17.75 -25.46 55.54
N HIS A 88 17.46 -24.47 56.38
CA HIS A 88 16.99 -24.75 57.74
C HIS A 88 15.51 -24.41 57.88
N SER A 89 14.71 -25.42 58.21
CA SER A 89 13.27 -25.22 58.38
C SER A 89 12.93 -24.89 59.83
N PHE A 90 12.57 -23.64 60.08
CA PHE A 90 12.22 -23.20 61.43
C PHE A 90 10.71 -23.05 61.58
N GLU A 91 10.18 -23.58 62.66
CA GLU A 91 8.75 -23.51 62.93
C GLU A 91 8.30 -22.06 63.12
N SER A 92 9.11 -21.30 63.86
CA SER A 92 8.79 -19.90 64.12
C SER A 92 9.56 -18.98 63.17
N LEU A 93 8.90 -17.93 62.71
CA LEU A 93 9.51 -16.97 61.80
C LEU A 93 10.79 -16.40 62.40
N GLN A 94 10.71 -15.99 63.66
CA GLN A 94 11.87 -15.43 64.36
C GLN A 94 13.11 -16.29 64.15
N ASP A 95 12.94 -17.61 64.29
CA ASP A 95 14.04 -18.55 64.12
C ASP A 95 14.64 -18.43 62.72
N LEU A 96 13.78 -18.47 61.71
CA LEU A 96 14.22 -18.37 60.33
C LEU A 96 14.97 -17.06 60.08
N SER A 97 14.38 -15.96 60.51
CA SER A 97 14.99 -14.64 60.34
C SER A 97 16.26 -14.52 61.19
N VAL A 98 16.07 -14.46 62.50
CA VAL A 98 17.19 -14.35 63.43
C VAL A 98 18.39 -15.17 62.96
N HIS A 99 18.11 -16.27 62.26
CA HIS A 99 19.16 -17.13 61.74
C HIS A 99 19.98 -16.42 60.68
N MET A 100 19.30 -15.77 59.75
CA MET A 100 19.96 -15.04 58.67
C MET A 100 20.73 -13.84 59.22
N ILE A 101 20.33 -13.37 60.39
CA ILE A 101 20.97 -12.23 61.03
C ILE A 101 22.30 -12.63 61.66
N LYS A 102 22.37 -13.88 62.12
CA LYS A 102 23.58 -14.39 62.75
C LYS A 102 24.52 -15.01 61.71
N THR A 103 24.00 -15.98 60.97
CA THR A 103 24.78 -16.65 59.94
C THR A 103 25.05 -15.73 58.76
N LYS A 104 24.32 -14.62 58.70
CA LYS A 104 24.48 -13.65 57.63
C LYS A 104 24.30 -14.32 56.26
N HIS A 105 23.16 -14.99 56.08
CA HIS A 105 22.87 -15.68 54.83
C HIS A 105 22.10 -14.76 53.88
N TYR A 106 21.10 -14.07 54.41
CA TYR A 106 20.29 -13.15 53.61
C TYR A 106 21.12 -11.98 53.13
N GLN A 107 22.24 -11.73 53.79
CA GLN A 107 23.12 -10.63 53.42
C GLN A 107 24.19 -11.10 52.44
N LYS A 108 24.74 -12.29 52.69
CA LYS A 108 25.77 -12.85 51.82
C LYS A 108 25.23 -13.11 50.43
N VAL A 109 24.19 -13.94 50.34
CA VAL A 109 23.58 -14.27 49.07
C VAL A 109 23.37 -13.03 48.21
N SER A 110 23.04 -11.93 48.87
CA SER A 110 22.81 -10.66 48.17
C SER A 110 24.06 -9.79 48.21
N GLY A 111 23.97 -8.60 47.60
CA GLY A 111 25.09 -7.70 47.57
C GLY A 111 24.66 -6.24 47.52
N PRO A 112 24.97 -5.49 48.60
CA PRO A 112 24.62 -4.07 48.70
C PRO A 112 25.42 -3.21 47.73
N SER A 113 25.30 -1.89 47.88
CA SER A 113 26.02 -0.95 47.03
C SER A 113 26.12 0.42 47.69
N SER A 114 26.88 1.31 47.06
CA SER A 114 27.08 2.66 47.59
C SER A 114 27.53 3.61 46.49
N GLY A 115 27.46 4.90 46.79
CA GLY A 115 27.86 5.90 45.81
C GLY A 115 27.47 7.31 46.23
N GLY A 1 18.31 30.10 -53.41
CA GLY A 1 18.75 28.84 -52.82
C GLY A 1 19.53 29.05 -51.55
N SER A 2 19.05 28.47 -50.45
CA SER A 2 19.72 28.59 -49.16
C SER A 2 19.15 27.60 -48.15
N SER A 3 19.95 27.26 -47.15
CA SER A 3 19.51 26.32 -46.12
C SER A 3 20.31 26.52 -44.84
N GLY A 4 19.94 25.78 -43.79
CA GLY A 4 20.62 25.89 -42.52
C GLY A 4 20.21 24.81 -41.54
N SER A 5 20.43 25.07 -40.25
CA SER A 5 20.07 24.11 -39.21
C SER A 5 19.87 24.81 -37.88
N SER A 6 18.86 24.36 -37.13
CA SER A 6 18.54 24.95 -35.83
C SER A 6 19.44 24.36 -34.74
N GLY A 7 19.47 25.02 -33.59
CA GLY A 7 20.28 24.55 -32.48
C GLY A 7 19.50 24.46 -31.19
N LYS A 8 19.95 23.58 -30.30
CA LYS A 8 19.29 23.40 -29.01
C LYS A 8 20.24 23.73 -27.86
N LEU A 9 19.70 24.38 -26.83
CA LEU A 9 20.49 24.75 -25.67
C LEU A 9 20.81 23.53 -24.81
N TYR A 10 21.69 23.71 -23.82
CA TYR A 10 22.07 22.63 -22.93
C TYR A 10 21.31 22.70 -21.61
N GLY A 11 20.70 21.58 -21.23
CA GLY A 11 19.94 21.54 -20.00
C GLY A 11 20.63 20.71 -18.92
N SER A 12 19.87 20.34 -17.89
CA SER A 12 20.42 19.55 -16.79
C SER A 12 19.31 19.09 -15.86
N ILE A 13 19.23 17.78 -15.63
CA ILE A 13 18.22 17.21 -14.75
C ILE A 13 18.79 16.92 -13.37
N PHE A 14 17.97 17.13 -12.34
CA PHE A 14 18.40 16.89 -10.97
C PHE A 14 17.71 15.65 -10.39
N THR A 15 18.35 15.04 -9.39
CA THR A 15 17.80 13.86 -8.76
C THR A 15 17.86 13.96 -7.24
N GLY A 16 16.69 13.91 -6.60
CA GLY A 16 16.64 14.01 -5.15
C GLY A 16 15.52 13.18 -4.56
N ALA A 17 15.86 12.31 -3.62
CA ALA A 17 14.87 11.47 -2.97
C ALA A 17 13.80 12.30 -2.28
N SER A 18 12.55 11.85 -2.38
CA SER A 18 11.43 12.55 -1.76
C SER A 18 10.68 11.65 -0.79
N LYS A 19 10.66 12.04 0.48
CA LYS A 19 9.98 11.27 1.51
C LYS A 19 8.51 11.06 1.14
N PHE A 20 7.81 12.15 0.86
CA PHE A 20 6.40 12.10 0.50
C PHE A 20 6.21 12.39 -0.98
N ARG A 21 5.17 11.77 -1.57
CA ARG A 21 4.88 11.96 -2.98
C ARG A 21 3.37 12.05 -3.21
N CYS A 22 2.92 13.19 -3.71
CA CYS A 22 1.50 13.40 -3.98
C CYS A 22 1.00 12.44 -5.06
N LYS A 23 -0.05 11.69 -4.72
CA LYS A 23 -0.63 10.73 -5.66
C LYS A 23 -1.64 11.41 -6.57
N ASP A 24 -1.49 12.71 -6.77
CA ASP A 24 -2.39 13.46 -7.63
C ASP A 24 -1.62 14.22 -8.71
N CYS A 25 -0.68 15.06 -8.28
CA CYS A 25 0.13 15.83 -9.21
C CYS A 25 1.55 15.27 -9.30
N SER A 26 2.36 15.87 -10.16
CA SER A 26 3.74 15.43 -10.36
C SER A 26 4.68 16.17 -9.41
N ALA A 27 4.25 16.37 -8.17
CA ALA A 27 5.06 17.06 -7.18
C ALA A 27 5.32 16.17 -5.97
N ALA A 28 6.46 16.39 -5.33
CA ALA A 28 6.84 15.61 -4.16
C ALA A 28 7.48 16.49 -3.09
N TYR A 29 7.13 16.24 -1.83
CA TYR A 29 7.67 17.01 -0.71
C TYR A 29 8.50 16.13 0.21
N ASP A 30 9.22 16.77 1.12
CA ASP A 30 10.05 16.04 2.08
C ASP A 30 9.32 15.84 3.40
N THR A 31 8.64 16.88 3.87
CA THR A 31 7.90 16.82 5.11
C THR A 31 6.41 16.65 4.86
N LEU A 32 5.70 16.10 5.84
CA LEU A 32 4.26 15.87 5.72
C LEU A 32 3.50 17.19 5.86
N VAL A 33 3.93 18.03 6.80
CA VAL A 33 3.28 19.32 7.02
C VAL A 33 3.20 20.12 5.73
N GLU A 34 4.27 20.10 4.94
CA GLU A 34 4.31 20.82 3.68
C GLU A 34 3.38 20.19 2.65
N LEU A 35 3.27 18.86 2.71
CA LEU A 35 2.40 18.14 1.79
C LEU A 35 0.93 18.40 2.09
N THR A 36 0.50 18.02 3.29
CA THR A 36 -0.88 18.21 3.71
C THR A 36 -1.41 19.55 3.21
N VAL A 37 -0.89 20.64 3.76
CA VAL A 37 -1.31 21.97 3.39
C VAL A 37 -1.63 22.05 1.89
N HIS A 38 -0.82 21.40 1.08
CA HIS A 38 -1.01 21.38 -0.36
C HIS A 38 -2.18 20.47 -0.75
N MET A 39 -2.18 19.26 -0.18
CA MET A 39 -3.24 18.30 -0.47
C MET A 39 -4.61 18.88 -0.13
N ASN A 40 -4.71 19.51 1.03
CA ASN A 40 -5.97 20.11 1.47
C ASN A 40 -6.32 21.31 0.60
N GLU A 41 -5.38 22.23 0.45
CA GLU A 41 -5.60 23.43 -0.36
C GLU A 41 -6.06 23.06 -1.76
N THR A 42 -5.19 22.35 -2.49
CA THR A 42 -5.51 21.93 -3.85
C THR A 42 -6.56 20.84 -3.87
N GLY A 43 -6.55 20.00 -2.84
CA GLY A 43 -7.52 18.92 -2.75
C GLY A 43 -6.96 17.60 -3.23
N HIS A 44 -5.64 17.44 -3.12
CA HIS A 44 -4.98 16.21 -3.55
C HIS A 44 -4.88 15.21 -2.40
N TYR A 45 -4.27 14.06 -2.66
CA TYR A 45 -4.11 13.02 -1.65
C TYR A 45 -2.80 12.27 -1.85
N ARG A 46 -2.12 11.98 -0.74
CA ARG A 46 -0.85 11.26 -0.79
C ARG A 46 -1.07 9.80 -1.19
N ASP A 47 0.00 9.14 -1.61
CA ASP A 47 -0.07 7.74 -2.02
C ASP A 47 0.10 6.82 -0.81
N ASP A 48 1.04 7.16 0.06
CA ASP A 48 1.30 6.37 1.25
C ASP A 48 0.01 5.89 1.89
N ASN A 49 -0.21 4.58 1.89
CA ASN A 49 -1.41 4.00 2.46
C ASN A 49 -1.47 4.23 3.96
N HIS A 50 -0.65 3.48 4.71
CA HIS A 50 -0.61 3.62 6.16
C HIS A 50 -2.01 3.49 6.76
N GLU A 51 -2.81 2.60 6.21
CA GLU A 51 -4.17 2.39 6.68
C GLU A 51 -4.27 1.09 7.49
N THR A 52 -5.39 0.92 8.19
CA THR A 52 -5.61 -0.26 9.01
C THR A 52 -6.15 -1.42 8.16
N ASP A 53 -6.20 -2.61 8.75
CA ASP A 53 -6.70 -3.79 8.06
C ASP A 53 -8.17 -3.66 7.74
N ASN A 54 -8.70 -4.60 6.96
CA ASN A 54 -10.11 -4.59 6.59
C ASN A 54 -10.82 -5.85 7.07
N ASN A 55 -10.25 -6.48 8.10
CA ASN A 55 -10.82 -7.69 8.66
C ASN A 55 -11.04 -7.55 10.15
N ASN A 56 -11.49 -8.64 10.79
CA ASN A 56 -11.73 -8.63 12.23
C ASN A 56 -10.74 -7.73 12.95
N PRO A 57 -11.21 -7.10 14.04
CA PRO A 57 -10.37 -6.19 14.84
C PRO A 57 -9.29 -6.94 15.61
N LYS A 58 -9.08 -8.20 15.26
CA LYS A 58 -8.07 -9.02 15.92
C LYS A 58 -8.15 -8.86 17.44
N ARG A 59 -9.36 -8.97 17.97
CA ARG A 59 -9.57 -8.84 19.41
C ARG A 59 -8.38 -9.39 20.19
N TRP A 60 -8.10 -8.79 21.34
CA TRP A 60 -6.97 -9.22 22.17
C TRP A 60 -7.25 -10.59 22.77
N SER A 61 -6.25 -11.14 23.45
CA SER A 61 -6.38 -12.46 24.07
C SER A 61 -7.73 -12.60 24.78
N LYS A 62 -8.08 -13.83 25.15
CA LYS A 62 -9.34 -14.09 25.83
C LYS A 62 -9.46 -13.25 27.08
N PRO A 63 -10.72 -12.98 27.49
CA PRO A 63 -11.00 -12.18 28.69
C PRO A 63 -10.63 -12.91 29.98
N ARG A 64 -11.01 -12.33 31.11
CA ARG A 64 -10.71 -12.93 32.41
C ARG A 64 -10.64 -14.45 32.31
N LYS A 65 -9.68 -15.04 33.01
CA LYS A 65 -9.50 -16.48 33.00
C LYS A 65 -10.81 -17.19 33.30
N ARG A 66 -10.85 -18.49 33.02
CA ARG A 66 -12.05 -19.29 33.25
C ARG A 66 -11.90 -20.12 34.53
N SER A 67 -12.88 -20.98 34.78
CA SER A 67 -12.86 -21.84 35.97
C SER A 67 -11.44 -22.25 36.32
N LEU A 68 -11.07 -22.07 37.58
CA LEU A 68 -9.74 -22.42 38.06
C LEU A 68 -9.66 -23.90 38.38
N LEU A 69 -10.56 -24.69 37.81
CA LEU A 69 -10.58 -26.13 38.03
C LEU A 69 -9.17 -26.69 38.16
N GLU A 70 -8.25 -26.13 37.37
CA GLU A 70 -6.86 -26.57 37.40
C GLU A 70 -5.97 -25.54 38.10
N MET A 71 -6.33 -25.21 39.34
CA MET A 71 -5.57 -24.24 40.11
C MET A 71 -4.07 -24.47 39.97
N GLU A 72 -3.39 -23.55 39.30
CA GLU A 72 -1.95 -23.66 39.09
C GLU A 72 -1.22 -22.42 39.61
N GLY A 73 -0.07 -22.64 40.23
CA GLY A 73 0.70 -21.53 40.76
C GLY A 73 2.20 -21.73 40.59
N LYS A 74 2.93 -21.58 41.69
CA LYS A 74 4.38 -21.74 41.66
C LYS A 74 4.77 -23.13 42.17
N GLU A 75 5.07 -24.03 41.23
CA GLU A 75 5.46 -25.40 41.59
C GLU A 75 6.50 -25.39 42.71
N ASP A 76 6.80 -26.57 43.23
CA ASP A 76 7.77 -26.70 44.30
C ASP A 76 9.19 -26.69 43.75
N ALA A 77 9.34 -26.27 42.50
CA ALA A 77 10.65 -26.21 41.85
C ALA A 77 11.61 -25.35 42.66
N GLN A 78 12.29 -25.98 43.62
CA GLN A 78 13.25 -25.28 44.46
C GLN A 78 14.62 -25.94 44.40
N LYS A 79 15.10 -26.17 43.18
CA LYS A 79 16.40 -26.80 42.97
C LYS A 79 17.50 -25.75 42.89
N VAL A 80 17.19 -24.60 42.30
CA VAL A 80 18.15 -23.52 42.15
C VAL A 80 17.63 -22.24 42.82
N LEU A 81 18.55 -21.50 43.43
CA LEU A 81 18.19 -20.25 44.10
C LEU A 81 17.80 -19.18 43.09
N LYS A 82 16.50 -18.92 42.99
CA LYS A 82 15.99 -17.92 42.05
C LYS A 82 15.14 -16.89 42.78
N CYS A 83 15.14 -15.66 42.27
CA CYS A 83 14.36 -14.58 42.86
C CYS A 83 13.06 -14.36 42.10
N MET A 84 11.95 -14.84 42.67
CA MET A 84 10.65 -14.68 42.04
C MET A 84 10.35 -13.22 41.74
N TYR A 85 10.58 -12.35 42.72
CA TYR A 85 10.34 -10.93 42.56
C TYR A 85 10.65 -10.48 41.14
N CYS A 86 11.93 -10.52 40.78
CA CYS A 86 12.37 -10.12 39.45
C CYS A 86 12.64 -11.35 38.57
N GLY A 87 13.40 -12.29 39.11
CA GLY A 87 13.71 -13.50 38.36
C GLY A 87 15.18 -13.58 37.99
N HIS A 88 16.03 -13.86 38.98
CA HIS A 88 17.47 -13.95 38.74
C HIS A 88 18.03 -15.22 39.37
N SER A 89 19.09 -15.77 38.76
CA SER A 89 19.72 -16.98 39.26
C SER A 89 20.98 -16.65 40.05
N PHE A 90 21.36 -17.55 40.95
CA PHE A 90 22.55 -17.35 41.78
C PHE A 90 23.17 -18.70 42.15
N GLU A 91 24.36 -18.64 42.77
CA GLU A 91 25.05 -19.85 43.17
C GLU A 91 24.78 -20.18 44.64
N SER A 92 25.10 -19.23 45.52
CA SER A 92 24.90 -19.42 46.95
C SER A 92 23.80 -18.50 47.46
N LEU A 93 23.39 -18.70 48.71
CA LEU A 93 22.35 -17.90 49.32
C LEU A 93 22.79 -16.45 49.47
N GLN A 94 23.94 -16.25 50.10
CA GLN A 94 24.48 -14.91 50.31
C GLN A 94 24.20 -14.02 49.11
N ASP A 95 24.55 -14.50 47.92
CA ASP A 95 24.33 -13.74 46.70
C ASP A 95 22.85 -13.37 46.54
N LEU A 96 21.97 -14.32 46.86
CA LEU A 96 20.54 -14.10 46.75
C LEU A 96 20.07 -13.09 47.79
N SER A 97 20.38 -13.35 49.05
CA SER A 97 19.98 -12.47 50.14
C SER A 97 20.41 -11.03 49.85
N VAL A 98 21.68 -10.85 49.53
CA VAL A 98 22.23 -9.53 49.23
C VAL A 98 21.41 -8.84 48.14
N HIS A 99 21.34 -9.48 46.97
CA HIS A 99 20.59 -8.92 45.85
C HIS A 99 19.21 -8.44 46.30
N MET A 100 18.48 -9.31 46.98
CA MET A 100 17.14 -8.96 47.47
C MET A 100 17.19 -7.73 48.36
N ILE A 101 17.74 -7.88 49.56
CA ILE A 101 17.85 -6.78 50.50
C ILE A 101 18.32 -5.51 49.81
N LYS A 102 19.23 -5.67 48.86
CA LYS A 102 19.77 -4.52 48.11
C LYS A 102 18.71 -3.94 47.18
N THR A 103 17.87 -4.82 46.62
CA THR A 103 16.81 -4.38 45.71
C THR A 103 15.45 -4.44 46.39
N LYS A 104 15.46 -4.52 47.72
CA LYS A 104 14.22 -4.59 48.49
C LYS A 104 13.20 -5.50 47.82
N HIS A 105 13.68 -6.65 47.34
CA HIS A 105 12.82 -7.62 46.68
C HIS A 105 12.15 -8.55 47.70
N TYR A 106 12.85 -8.79 48.81
CA TYR A 106 12.34 -9.65 49.86
C TYR A 106 11.41 -8.89 50.79
N GLN A 107 11.59 -7.58 50.86
CA GLN A 107 10.75 -6.74 51.71
C GLN A 107 9.30 -6.75 51.25
N LYS A 108 9.11 -6.62 49.93
CA LYS A 108 7.78 -6.62 49.35
C LYS A 108 6.94 -7.78 49.91
N VAL A 109 7.57 -8.92 50.09
CA VAL A 109 6.89 -10.10 50.62
C VAL A 109 6.68 -9.98 52.13
N SER A 110 5.58 -10.56 52.60
CA SER A 110 5.27 -10.51 54.03
C SER A 110 5.99 -11.62 54.79
N GLY A 111 6.28 -11.38 56.05
CA GLY A 111 6.97 -12.36 56.87
C GLY A 111 8.39 -11.94 57.20
N PRO A 112 8.62 -11.60 58.47
CA PRO A 112 9.95 -11.17 58.95
C PRO A 112 10.95 -12.32 58.97
N SER A 113 10.57 -13.43 59.59
CA SER A 113 11.43 -14.59 59.68
C SER A 113 12.89 -14.18 59.77
N SER A 114 13.17 -13.19 60.62
CA SER A 114 14.53 -12.69 60.80
C SER A 114 14.85 -12.54 62.28
N GLY A 115 14.05 -11.75 62.98
CA GLY A 115 14.27 -11.53 64.40
C GLY A 115 15.74 -11.49 64.76
N GLY A 1 45.41 13.70 -44.07
CA GLY A 1 45.43 13.80 -42.62
C GLY A 1 45.44 12.44 -41.95
N SER A 2 45.76 12.42 -40.66
CA SER A 2 45.80 11.18 -39.90
C SER A 2 45.95 11.46 -38.41
N SER A 3 45.33 10.64 -37.58
CA SER A 3 45.39 10.80 -36.13
C SER A 3 44.81 9.59 -35.42
N GLY A 4 45.29 9.32 -34.21
CA GLY A 4 44.80 8.19 -33.45
C GLY A 4 44.35 8.58 -32.06
N SER A 5 43.04 8.52 -31.82
CA SER A 5 42.48 8.88 -30.52
C SER A 5 41.13 8.22 -30.32
N SER A 6 40.73 8.06 -29.05
CA SER A 6 39.46 7.44 -28.72
C SER A 6 38.73 8.25 -27.66
N GLY A 7 37.48 7.86 -27.36
CA GLY A 7 36.69 8.56 -26.37
C GLY A 7 35.62 7.68 -25.76
N LYS A 8 35.28 7.95 -24.51
CA LYS A 8 34.25 7.18 -23.81
C LYS A 8 33.22 8.10 -23.16
N LEU A 9 31.95 7.74 -23.31
CA LEU A 9 30.87 8.54 -22.73
C LEU A 9 31.05 8.70 -21.23
N TYR A 10 30.66 9.87 -20.71
CA TYR A 10 30.79 10.15 -19.28
C TYR A 10 29.50 9.77 -18.55
N GLY A 11 29.65 9.07 -17.43
CA GLY A 11 28.49 8.67 -16.65
C GLY A 11 28.15 9.68 -15.56
N SER A 12 27.05 10.40 -15.76
CA SER A 12 26.61 11.41 -14.79
C SER A 12 25.56 10.82 -13.86
N ILE A 13 26.02 10.30 -12.72
CA ILE A 13 25.12 9.71 -11.74
C ILE A 13 24.00 10.68 -11.36
N PHE A 14 22.79 10.16 -11.26
CA PHE A 14 21.63 10.98 -10.91
C PHE A 14 21.14 10.66 -9.51
N THR A 15 20.71 11.70 -8.79
CA THR A 15 20.22 11.54 -7.43
C THR A 15 18.95 12.34 -7.20
N GLY A 16 17.91 11.67 -6.72
CA GLY A 16 16.64 12.34 -6.47
C GLY A 16 15.69 11.50 -5.63
N ALA A 17 15.48 11.91 -4.39
CA ALA A 17 14.59 11.19 -3.49
C ALA A 17 13.50 12.11 -2.93
N SER A 18 12.54 11.51 -2.24
CA SER A 18 11.45 12.28 -1.66
C SER A 18 10.65 11.43 -0.67
N LYS A 19 10.64 11.84 0.59
CA LYS A 19 9.92 11.12 1.63
C LYS A 19 8.45 10.95 1.25
N PHE A 20 7.78 12.07 0.99
CA PHE A 20 6.37 12.03 0.62
C PHE A 20 6.18 12.40 -0.86
N ARG A 21 5.09 11.95 -1.44
CA ARG A 21 4.80 12.22 -2.85
C ARG A 21 3.31 12.49 -3.05
N CYS A 22 2.99 13.56 -3.76
CA CYS A 22 1.60 13.92 -4.04
C CYS A 22 1.08 13.18 -5.26
N LYS A 23 0.79 11.89 -5.10
CA LYS A 23 0.29 11.07 -6.19
C LYS A 23 -0.57 11.90 -7.14
N ASP A 24 -1.68 12.44 -6.63
CA ASP A 24 -2.57 13.26 -7.43
C ASP A 24 -1.81 13.98 -8.53
N CYS A 25 -0.86 14.83 -8.13
CA CYS A 25 -0.06 15.58 -9.08
C CYS A 25 1.36 15.01 -9.18
N SER A 26 2.22 15.70 -9.92
CA SER A 26 3.60 15.27 -10.09
C SER A 26 4.54 16.05 -9.18
N ALA A 27 4.08 16.31 -7.96
CA ALA A 27 4.88 17.04 -6.99
C ALA A 27 5.19 16.19 -5.76
N ALA A 28 6.23 16.57 -5.03
CA ALA A 28 6.62 15.84 -3.84
C ALA A 28 7.27 16.77 -2.81
N TYR A 29 7.29 16.33 -1.55
CA TYR A 29 7.87 17.13 -0.47
C TYR A 29 8.68 16.24 0.48
N ASP A 30 9.47 16.88 1.33
CA ASP A 30 10.29 16.17 2.29
C ASP A 30 9.50 15.84 3.55
N THR A 31 8.66 16.78 3.98
CA THR A 31 7.84 16.60 5.18
C THR A 31 6.36 16.57 4.82
N LEU A 32 5.59 15.86 5.64
CA LEU A 32 4.15 15.74 5.42
C LEU A 32 3.46 17.10 5.55
N VAL A 33 3.74 17.78 6.65
CA VAL A 33 3.16 19.10 6.91
C VAL A 33 3.31 20.01 5.70
N GLU A 34 4.37 19.80 4.94
CA GLU A 34 4.63 20.61 3.75
C GLU A 34 3.82 20.10 2.56
N LEU A 35 3.43 18.84 2.61
CA LEU A 35 2.63 18.23 1.55
C LEU A 35 1.15 18.48 1.76
N THR A 36 0.64 18.05 2.91
CA THR A 36 -0.77 18.22 3.23
C THR A 36 -1.25 19.63 2.87
N VAL A 37 -0.62 20.63 3.47
CA VAL A 37 -0.98 22.03 3.21
C VAL A 37 -1.30 22.24 1.74
N HIS A 38 -0.69 21.43 0.88
CA HIS A 38 -0.91 21.53 -0.56
C HIS A 38 -2.06 20.62 -1.00
N MET A 39 -2.14 19.44 -0.39
CA MET A 39 -3.19 18.48 -0.72
C MET A 39 -4.55 18.99 -0.25
N ASN A 40 -4.63 19.38 1.01
CA ASN A 40 -5.89 19.88 1.58
C ASN A 40 -6.35 21.13 0.84
N GLU A 41 -5.40 21.98 0.48
CA GLU A 41 -5.72 23.21 -0.23
C GLU A 41 -6.33 22.91 -1.60
N THR A 42 -5.51 22.37 -2.51
CA THR A 42 -5.97 22.04 -3.85
C THR A 42 -7.05 20.97 -3.81
N GLY A 43 -6.79 19.90 -3.06
CA GLY A 43 -7.75 18.82 -2.95
C GLY A 43 -7.08 17.45 -2.91
N HIS A 44 -5.87 17.37 -3.45
CA HIS A 44 -5.12 16.12 -3.48
C HIS A 44 -5.06 15.49 -2.09
N TYR A 45 -4.38 14.36 -2.00
CA TYR A 45 -4.25 13.65 -0.73
C TYR A 45 -3.05 12.71 -0.74
N ARG A 46 -2.82 12.04 0.38
CA ARG A 46 -1.70 11.11 0.49
C ARG A 46 -1.65 10.16 -0.71
N ASP A 47 -0.50 9.56 -0.94
CA ASP A 47 -0.32 8.64 -2.06
C ASP A 47 -0.52 7.19 -1.61
N ASP A 48 -1.35 7.02 -0.58
CA ASP A 48 -1.63 5.68 -0.05
C ASP A 48 -2.25 4.80 -1.12
N ASN A 49 -2.38 3.51 -0.82
CA ASN A 49 -2.95 2.55 -1.75
C ASN A 49 -4.26 3.09 -2.35
N HIS A 50 -5.22 3.38 -1.48
CA HIS A 50 -6.51 3.89 -1.92
C HIS A 50 -6.34 5.21 -2.67
N GLU A 51 -6.34 5.14 -3.99
CA GLU A 51 -6.18 6.33 -4.83
C GLU A 51 -7.46 7.17 -4.81
N THR A 52 -8.46 6.72 -5.54
CA THR A 52 -9.73 7.43 -5.63
C THR A 52 -10.90 6.49 -5.31
N ASP A 53 -10.62 5.20 -5.22
CA ASP A 53 -11.65 4.22 -4.92
C ASP A 53 -12.48 4.64 -3.71
N ASN A 54 -11.89 5.46 -2.85
CA ASN A 54 -12.59 5.95 -1.66
C ASN A 54 -14.05 6.23 -1.97
N ASN A 55 -14.29 7.07 -2.97
CA ASN A 55 -15.65 7.43 -3.36
C ASN A 55 -15.96 6.94 -4.77
N ASN A 56 -16.84 5.95 -4.87
CA ASN A 56 -17.22 5.39 -6.16
C ASN A 56 -18.73 5.27 -6.29
N PRO A 57 -19.37 6.36 -6.74
CA PRO A 57 -20.83 6.40 -6.92
C PRO A 57 -21.30 5.51 -8.06
N LYS A 58 -20.41 5.27 -9.02
CA LYS A 58 -20.74 4.44 -10.17
C LYS A 58 -19.87 3.19 -10.21
N ARG A 59 -20.43 2.07 -9.77
CA ARG A 59 -19.71 0.80 -9.75
C ARG A 59 -20.04 -0.04 -10.98
N TRP A 60 -19.13 -0.91 -11.36
CA TRP A 60 -19.33 -1.78 -12.53
C TRP A 60 -20.40 -2.82 -12.25
N SER A 61 -21.67 -2.41 -12.42
CA SER A 61 -22.78 -3.31 -12.18
C SER A 61 -23.44 -3.72 -13.50
N LYS A 62 -22.63 -3.81 -14.56
CA LYS A 62 -23.13 -4.19 -15.87
C LYS A 62 -22.35 -5.37 -16.43
N PRO A 63 -23.01 -6.17 -17.27
CA PRO A 63 -22.40 -7.35 -17.90
C PRO A 63 -21.34 -6.97 -18.93
N ARG A 64 -20.74 -7.98 -19.54
CA ARG A 64 -19.71 -7.76 -20.55
C ARG A 64 -19.83 -8.76 -21.69
N LYS A 65 -19.64 -8.30 -22.91
CA LYS A 65 -19.73 -9.15 -24.09
C LYS A 65 -19.00 -10.48 -23.85
N ARG A 66 -19.55 -11.55 -24.41
CA ARG A 66 -18.96 -12.88 -24.26
C ARG A 66 -18.72 -13.52 -25.62
N SER A 67 -17.82 -14.50 -25.64
CA SER A 67 -17.50 -15.20 -26.89
C SER A 67 -18.64 -16.13 -27.30
N LEU A 68 -18.50 -16.72 -28.48
CA LEU A 68 -19.52 -17.64 -29.00
C LEU A 68 -18.91 -18.97 -29.39
N LEU A 69 -18.56 -19.78 -28.40
CA LEU A 69 -17.97 -21.09 -28.64
C LEU A 69 -17.02 -21.04 -29.84
N GLU A 70 -16.08 -20.11 -29.82
CA GLU A 70 -15.11 -19.95 -30.90
C GLU A 70 -14.47 -21.29 -31.23
N MET A 71 -14.93 -21.91 -32.32
CA MET A 71 -14.40 -23.20 -32.76
C MET A 71 -13.01 -23.03 -33.39
N GLU A 72 -12.34 -24.15 -33.64
CA GLU A 72 -11.02 -24.12 -34.23
C GLU A 72 -11.05 -24.63 -35.67
N GLY A 73 -9.90 -24.59 -36.33
CA GLY A 73 -9.82 -25.04 -37.71
C GLY A 73 -8.44 -24.90 -38.30
N LYS A 74 -7.94 -25.97 -38.91
CA LYS A 74 -6.62 -25.95 -39.52
C LYS A 74 -6.64 -25.26 -40.88
N GLU A 75 -7.34 -24.13 -40.95
CA GLU A 75 -7.44 -23.38 -42.19
C GLU A 75 -6.40 -22.26 -42.24
N ASP A 76 -5.25 -22.51 -41.60
CA ASP A 76 -4.17 -21.53 -41.57
C ASP A 76 -3.23 -21.72 -42.77
N ALA A 77 -3.81 -22.04 -43.92
CA ALA A 77 -3.02 -22.24 -45.13
C ALA A 77 -3.58 -21.43 -46.29
N GLN A 78 -3.83 -20.14 -46.05
CA GLN A 78 -4.37 -19.26 -47.08
C GLN A 78 -3.24 -18.54 -47.81
N LYS A 79 -2.45 -17.77 -47.07
CA LYS A 79 -1.34 -17.02 -47.66
C LYS A 79 -0.02 -17.43 -47.02
N VAL A 80 -0.05 -18.51 -46.24
CA VAL A 80 1.14 -19.00 -45.57
C VAL A 80 1.66 -20.29 -46.23
N LEU A 81 2.96 -20.51 -46.13
CA LEU A 81 3.57 -21.70 -46.72
C LEU A 81 3.70 -22.81 -45.68
N LYS A 82 2.60 -23.10 -45.01
CA LYS A 82 2.58 -24.16 -44.00
C LYS A 82 2.35 -25.52 -44.63
N CYS A 83 2.56 -26.58 -43.85
CA CYS A 83 2.37 -27.94 -44.34
C CYS A 83 1.18 -28.60 -43.65
N MET A 84 0.26 -29.13 -44.45
CA MET A 84 -0.93 -29.79 -43.92
C MET A 84 -0.55 -31.06 -43.18
N TYR A 85 0.55 -31.68 -43.58
CA TYR A 85 1.03 -32.91 -42.95
C TYR A 85 1.39 -32.66 -41.49
N CYS A 86 2.51 -31.97 -41.28
CA CYS A 86 2.98 -31.67 -39.93
C CYS A 86 2.27 -30.44 -39.37
N GLY A 87 2.42 -29.32 -40.06
CA GLY A 87 1.78 -28.09 -39.62
C GLY A 87 2.79 -27.07 -39.12
N HIS A 88 3.59 -26.54 -40.03
CA HIS A 88 4.61 -25.55 -39.68
C HIS A 88 4.61 -24.39 -40.67
N SER A 89 4.11 -23.25 -40.25
CA SER A 89 4.05 -22.07 -41.11
C SER A 89 5.45 -21.61 -41.49
N PHE A 90 5.70 -21.52 -42.79
CA PHE A 90 7.01 -21.09 -43.28
C PHE A 90 6.92 -19.69 -43.89
N GLU A 91 8.03 -19.26 -44.50
CA GLU A 91 8.07 -17.93 -45.11
C GLU A 91 8.66 -18.01 -46.51
N SER A 92 9.57 -18.96 -46.72
CA SER A 92 10.21 -19.14 -48.02
C SER A 92 9.62 -20.33 -48.76
N LEU A 93 9.13 -20.09 -49.97
CA LEU A 93 8.54 -21.15 -50.78
C LEU A 93 9.47 -22.35 -50.87
N GLN A 94 10.77 -22.07 -50.90
CA GLN A 94 11.77 -23.13 -50.98
C GLN A 94 11.70 -24.05 -49.77
N ASP A 95 11.60 -23.46 -48.58
CA ASP A 95 11.52 -24.22 -47.35
C ASP A 95 10.34 -25.19 -47.39
N LEU A 96 9.26 -24.78 -48.04
CA LEU A 96 8.07 -25.62 -48.15
C LEU A 96 8.18 -26.57 -49.34
N SER A 97 8.21 -26.01 -50.54
CA SER A 97 8.31 -26.81 -51.75
C SER A 97 9.35 -27.91 -51.60
N VAL A 98 10.34 -27.66 -50.75
CA VAL A 98 11.40 -28.64 -50.51
C VAL A 98 10.99 -29.63 -49.43
N HIS A 99 10.81 -29.13 -48.21
CA HIS A 99 10.42 -29.98 -47.08
C HIS A 99 9.44 -31.06 -47.53
N MET A 100 8.38 -30.63 -48.21
CA MET A 100 7.36 -31.56 -48.69
C MET A 100 8.00 -32.80 -49.31
N ILE A 101 8.90 -32.57 -50.26
CA ILE A 101 9.58 -33.67 -50.94
C ILE A 101 10.61 -34.33 -50.02
N LYS A 102 11.58 -33.55 -49.58
CA LYS A 102 12.62 -34.05 -48.68
C LYS A 102 12.04 -35.02 -47.67
N THR A 103 10.88 -34.68 -47.12
CA THR A 103 10.22 -35.52 -46.14
C THR A 103 9.11 -36.36 -46.78
N LYS A 104 8.68 -35.94 -47.97
CA LYS A 104 7.63 -36.67 -48.69
C LYS A 104 6.33 -36.63 -47.92
N HIS A 105 6.04 -35.51 -47.28
CA HIS A 105 4.81 -35.35 -46.50
C HIS A 105 3.58 -35.40 -47.41
N TYR A 106 3.63 -34.65 -48.50
CA TYR A 106 2.52 -34.61 -49.45
C TYR A 106 2.24 -35.99 -50.03
N GLN A 107 3.31 -36.69 -50.42
CA GLN A 107 3.19 -38.03 -50.98
C GLN A 107 2.02 -38.77 -50.35
N LYS A 108 1.82 -38.58 -49.05
CA LYS A 108 0.74 -39.23 -48.34
C LYS A 108 -0.59 -38.49 -48.54
N VAL A 109 -0.82 -38.04 -49.77
CA VAL A 109 -2.04 -37.32 -50.09
C VAL A 109 -2.53 -37.68 -51.49
N SER A 110 -3.83 -37.96 -51.60
CA SER A 110 -4.43 -38.32 -52.88
C SER A 110 -4.33 -37.17 -53.87
N GLY A 111 -3.53 -37.36 -54.91
CA GLY A 111 -3.36 -36.33 -55.92
C GLY A 111 -2.06 -36.46 -56.68
N PRO A 112 -1.95 -35.74 -57.81
CA PRO A 112 -0.75 -35.77 -58.65
C PRO A 112 0.45 -35.10 -57.98
N SER A 113 1.53 -34.95 -58.74
CA SER A 113 2.74 -34.32 -58.22
C SER A 113 3.53 -33.64 -59.34
N SER A 114 4.61 -32.97 -58.96
CA SER A 114 5.44 -32.26 -59.93
C SER A 114 6.76 -31.82 -59.30
N GLY A 115 7.62 -31.21 -60.11
CA GLY A 115 8.90 -30.75 -59.61
C GLY A 115 8.79 -30.14 -58.21
N GLY A 1 59.02 10.90 -26.73
CA GLY A 1 58.37 11.78 -25.78
C GLY A 1 57.79 11.04 -24.60
N SER A 2 58.57 10.91 -23.53
CA SER A 2 58.12 10.20 -22.33
C SER A 2 58.20 11.10 -21.11
N SER A 3 57.12 11.84 -20.86
CA SER A 3 57.05 12.76 -19.72
C SER A 3 55.89 12.40 -18.81
N GLY A 4 54.71 12.23 -19.40
CA GLY A 4 53.53 11.90 -18.61
C GLY A 4 52.96 13.09 -17.88
N SER A 5 51.98 12.84 -17.01
CA SER A 5 51.34 13.91 -16.25
C SER A 5 50.51 13.34 -15.11
N SER A 6 49.93 14.22 -14.32
CA SER A 6 49.12 13.81 -13.18
C SER A 6 47.64 13.72 -13.57
N GLY A 7 46.98 12.65 -13.13
CA GLY A 7 45.57 12.47 -13.44
C GLY A 7 44.67 13.28 -12.53
N LYS A 8 43.74 14.02 -13.13
CA LYS A 8 42.80 14.84 -12.37
C LYS A 8 41.38 14.35 -12.54
N LEU A 9 40.74 13.98 -11.42
CA LEU A 9 39.38 13.49 -11.46
C LEU A 9 38.44 14.44 -10.72
N TYR A 10 37.21 14.53 -11.20
CA TYR A 10 36.21 15.41 -10.59
C TYR A 10 35.08 14.60 -9.96
N GLY A 11 34.60 15.05 -8.80
CA GLY A 11 33.53 14.35 -8.13
C GLY A 11 32.17 14.99 -8.38
N SER A 12 31.11 14.32 -7.94
CA SER A 12 29.76 14.82 -8.13
C SER A 12 28.79 14.13 -7.19
N ILE A 13 28.26 14.88 -6.22
CA ILE A 13 27.32 14.34 -5.26
C ILE A 13 25.88 14.57 -5.70
N PHE A 14 25.02 13.59 -5.46
CA PHE A 14 23.61 13.69 -5.82
C PHE A 14 22.79 14.32 -4.70
N THR A 15 21.91 15.25 -5.08
CA THR A 15 21.07 15.93 -4.11
C THR A 15 19.61 15.96 -4.55
N GLY A 16 18.75 15.29 -3.80
CA GLY A 16 17.35 15.25 -4.14
C GLY A 16 16.63 14.06 -3.53
N ALA A 17 15.96 14.29 -2.39
CA ALA A 17 15.25 13.23 -1.70
C ALA A 17 13.78 13.62 -1.47
N SER A 18 12.88 12.68 -1.69
CA SER A 18 11.46 12.93 -1.50
C SER A 18 10.81 11.82 -0.67
N LYS A 19 10.50 12.12 0.58
CA LYS A 19 9.88 11.16 1.47
C LYS A 19 8.43 10.89 1.07
N PHE A 20 7.66 11.96 0.89
CA PHE A 20 6.27 11.85 0.50
C PHE A 20 6.08 12.15 -0.98
N ARG A 21 4.91 11.84 -1.50
CA ARG A 21 4.60 12.08 -2.91
C ARG A 21 3.12 12.38 -3.10
N CYS A 22 2.81 13.17 -4.13
CA CYS A 22 1.43 13.54 -4.43
C CYS A 22 0.89 12.73 -5.60
N LYS A 23 -0.29 12.15 -5.41
CA LYS A 23 -0.92 11.34 -6.45
C LYS A 23 -1.39 12.22 -7.61
N ASP A 24 -2.35 13.09 -7.33
CA ASP A 24 -2.90 13.99 -8.34
C ASP A 24 -1.77 14.60 -9.18
N CYS A 25 -0.98 15.46 -8.56
CA CYS A 25 0.13 16.10 -9.25
C CYS A 25 1.43 15.35 -9.03
N SER A 26 2.44 15.65 -9.84
CA SER A 26 3.73 14.99 -9.73
C SER A 26 4.69 15.82 -8.89
N ALA A 27 4.17 16.39 -7.81
CA ALA A 27 4.98 17.21 -6.91
C ALA A 27 5.21 16.51 -5.57
N ALA A 28 6.47 16.28 -5.23
CA ALA A 28 6.81 15.62 -3.98
C ALA A 28 7.31 16.63 -2.95
N TYR A 29 7.33 16.20 -1.68
CA TYR A 29 7.78 17.06 -0.60
C TYR A 29 8.65 16.30 0.38
N ASP A 30 9.45 17.02 1.16
CA ASP A 30 10.33 16.41 2.15
C ASP A 30 9.58 16.12 3.44
N THR A 31 8.79 17.08 3.89
CA THR A 31 8.02 16.93 5.12
C THR A 31 6.53 16.80 4.82
N LEU A 32 5.82 16.09 5.67
CA LEU A 32 4.39 15.89 5.50
C LEU A 32 3.62 17.20 5.67
N VAL A 33 3.89 17.90 6.77
CA VAL A 33 3.25 19.18 7.06
C VAL A 33 3.26 20.07 5.83
N GLU A 34 4.26 19.90 4.98
CA GLU A 34 4.39 20.70 3.77
C GLU A 34 3.48 20.17 2.67
N LEU A 35 3.33 18.85 2.62
CA LEU A 35 2.49 18.21 1.61
C LEU A 35 1.01 18.37 1.96
N THR A 36 0.66 18.04 3.19
CA THR A 36 -0.72 18.16 3.64
C THR A 36 -1.34 19.49 3.24
N VAL A 37 -0.79 20.57 3.79
CA VAL A 37 -1.29 21.91 3.49
C VAL A 37 -1.60 22.05 2.00
N HIS A 38 -0.84 21.34 1.17
CA HIS A 38 -1.04 21.38 -0.28
C HIS A 38 -2.15 20.44 -0.71
N MET A 39 -2.24 19.29 -0.04
CA MET A 39 -3.27 18.30 -0.35
C MET A 39 -4.66 18.87 -0.10
N ASN A 40 -4.83 19.54 1.04
CA ASN A 40 -6.11 20.12 1.40
C ASN A 40 -6.39 21.38 0.57
N GLU A 41 -5.35 22.17 0.34
CA GLU A 41 -5.48 23.41 -0.43
C GLU A 41 -6.04 23.11 -1.83
N THR A 42 -5.31 22.30 -2.60
CA THR A 42 -5.73 21.95 -3.95
C THR A 42 -6.74 20.81 -3.91
N GLY A 43 -6.53 19.86 -3.02
CA GLY A 43 -7.43 18.72 -2.92
C GLY A 43 -6.78 17.42 -3.36
N HIS A 44 -5.46 17.38 -3.31
CA HIS A 44 -4.72 16.18 -3.71
C HIS A 44 -4.54 15.23 -2.54
N TYR A 45 -3.79 14.16 -2.74
CA TYR A 45 -3.55 13.17 -1.71
C TYR A 45 -2.13 12.62 -1.79
N ARG A 46 -1.64 12.09 -0.67
CA ARG A 46 -0.29 11.53 -0.63
C ARG A 46 -0.27 10.11 -1.16
N ASP A 47 -1.08 9.85 -2.18
CA ASP A 47 -1.16 8.53 -2.78
C ASP A 47 -1.14 7.44 -1.71
N ASP A 48 -1.75 7.74 -0.58
CA ASP A 48 -1.80 6.78 0.54
C ASP A 48 -2.44 5.47 0.09
N ASN A 49 -2.09 4.39 0.78
CA ASN A 49 -2.62 3.07 0.45
C ASN A 49 -4.07 2.93 0.93
N HIS A 50 -4.27 3.09 2.24
CA HIS A 50 -5.60 2.98 2.81
C HIS A 50 -6.61 3.77 2.00
N GLU A 51 -7.54 3.05 1.37
CA GLU A 51 -8.58 3.68 0.55
C GLU A 51 -9.96 3.45 1.15
N THR A 52 -10.81 4.47 1.07
CA THR A 52 -12.16 4.37 1.59
C THR A 52 -13.18 4.13 0.48
N ASP A 53 -12.69 4.09 -0.76
CA ASP A 53 -13.55 3.86 -1.91
C ASP A 53 -13.29 2.48 -2.53
N ASN A 54 -14.05 1.49 -2.06
CA ASN A 54 -13.90 0.13 -2.58
C ASN A 54 -15.12 -0.72 -2.23
N ASN A 55 -15.16 -1.93 -2.77
CA ASN A 55 -16.28 -2.83 -2.53
C ASN A 55 -16.25 -3.36 -1.10
N ASN A 56 -15.08 -3.85 -0.68
CA ASN A 56 -14.92 -4.39 0.67
C ASN A 56 -15.93 -5.50 0.93
N PRO A 57 -15.92 -6.53 0.07
CA PRO A 57 -16.83 -7.68 0.19
C PRO A 57 -16.48 -8.57 1.37
N LYS A 58 -15.43 -8.18 2.10
CA LYS A 58 -14.99 -8.95 3.26
C LYS A 58 -15.89 -8.67 4.46
N ARG A 59 -17.20 -8.77 4.25
CA ARG A 59 -18.17 -8.53 5.31
C ARG A 59 -19.24 -9.61 5.33
N TRP A 60 -19.79 -9.88 6.51
CA TRP A 60 -20.82 -10.89 6.65
C TRP A 60 -22.04 -10.56 5.80
N SER A 61 -22.19 -11.28 4.69
CA SER A 61 -23.31 -11.06 3.79
C SER A 61 -23.93 -12.38 3.34
N LYS A 62 -25.11 -12.31 2.75
CA LYS A 62 -25.81 -13.50 2.28
C LYS A 62 -24.82 -14.50 1.68
N PRO A 63 -25.21 -15.79 1.68
CA PRO A 63 -24.37 -16.86 1.15
C PRO A 63 -24.27 -16.81 -0.38
N ARG A 64 -23.50 -17.73 -0.94
CA ARG A 64 -23.32 -17.79 -2.39
C ARG A 64 -24.66 -17.88 -3.11
N LYS A 65 -24.67 -17.56 -4.39
CA LYS A 65 -25.88 -17.62 -5.20
C LYS A 65 -26.78 -18.77 -4.74
N ARG A 66 -27.86 -18.42 -4.04
CA ARG A 66 -28.80 -19.42 -3.56
C ARG A 66 -29.44 -20.19 -4.71
N SER A 67 -30.26 -21.18 -4.38
CA SER A 67 -30.92 -21.99 -5.39
C SER A 67 -31.62 -21.10 -6.42
N LEU A 68 -32.17 -21.73 -7.46
CA LEU A 68 -32.86 -21.01 -8.52
C LEU A 68 -34.32 -20.74 -8.13
N LEU A 69 -35.12 -21.79 -8.13
CA LEU A 69 -36.53 -21.68 -7.78
C LEU A 69 -36.87 -22.55 -6.58
N GLU A 70 -37.32 -21.92 -5.49
CA GLU A 70 -37.67 -22.64 -4.28
C GLU A 70 -38.93 -22.04 -3.65
N MET A 71 -40.03 -22.78 -3.74
CA MET A 71 -41.30 -22.33 -3.18
C MET A 71 -42.14 -23.51 -2.71
N GLU A 72 -42.29 -23.64 -1.40
CA GLU A 72 -43.07 -24.74 -0.82
C GLU A 72 -44.28 -24.20 -0.06
N GLY A 73 -45.38 -24.01 -0.78
CA GLY A 73 -46.59 -23.50 -0.16
C GLY A 73 -47.73 -23.38 -1.14
N LYS A 74 -48.82 -24.11 -0.88
CA LYS A 74 -49.99 -24.07 -1.76
C LYS A 74 -50.93 -22.94 -1.35
N GLU A 75 -50.36 -21.79 -1.02
CA GLU A 75 -51.15 -20.63 -0.61
C GLU A 75 -50.71 -19.38 -1.37
N ASP A 76 -51.54 -18.94 -2.32
CA ASP A 76 -51.24 -17.76 -3.12
C ASP A 76 -51.73 -16.49 -2.41
N ALA A 77 -51.48 -16.41 -1.11
CA ALA A 77 -51.89 -15.25 -0.33
C ALA A 77 -53.38 -14.97 -0.52
N GLN A 78 -54.18 -16.02 -0.57
CA GLN A 78 -55.62 -15.89 -0.75
C GLN A 78 -56.37 -16.74 0.25
N LYS A 79 -56.74 -16.14 1.38
CA LYS A 79 -57.47 -16.85 2.42
C LYS A 79 -58.98 -16.81 2.16
N VAL A 80 -59.35 -17.06 0.90
CA VAL A 80 -60.76 -17.06 0.51
C VAL A 80 -61.38 -18.44 0.70
N LEU A 81 -62.69 -18.53 0.51
CA LEU A 81 -63.41 -19.79 0.66
C LEU A 81 -63.15 -20.71 -0.53
N LYS A 82 -61.88 -20.97 -0.80
CA LYS A 82 -61.50 -21.83 -1.91
C LYS A 82 -61.35 -23.28 -1.46
N CYS A 83 -61.42 -24.21 -2.40
CA CYS A 83 -61.29 -25.63 -2.09
C CYS A 83 -59.85 -26.09 -2.25
N MET A 84 -59.42 -27.01 -1.38
CA MET A 84 -58.06 -27.54 -1.44
C MET A 84 -57.95 -28.67 -2.45
N TYR A 85 -59.02 -29.44 -2.58
CA TYR A 85 -59.05 -30.56 -3.52
C TYR A 85 -59.07 -30.07 -4.95
N CYS A 86 -60.22 -29.58 -5.40
CA CYS A 86 -60.35 -29.08 -6.76
C CYS A 86 -60.05 -27.58 -6.83
N GLY A 87 -60.64 -26.83 -5.90
CA GLY A 87 -60.41 -25.39 -5.86
C GLY A 87 -61.55 -24.61 -6.52
N HIS A 88 -62.53 -24.23 -5.72
CA HIS A 88 -63.67 -23.47 -6.23
C HIS A 88 -63.95 -22.25 -5.37
N SER A 89 -63.58 -21.08 -5.87
CA SER A 89 -63.78 -19.83 -5.14
C SER A 89 -65.27 -19.58 -4.90
N PHE A 90 -65.59 -19.05 -3.72
CA PHE A 90 -66.98 -18.75 -3.37
C PHE A 90 -67.10 -17.38 -2.71
N GLU A 91 -68.31 -17.02 -2.32
CA GLU A 91 -68.56 -15.73 -1.68
C GLU A 91 -68.92 -15.92 -0.21
N SER A 92 -69.80 -16.87 0.06
CA SER A 92 -70.22 -17.14 1.44
C SER A 92 -69.76 -18.52 1.88
N LEU A 93 -69.40 -18.63 3.16
CA LEU A 93 -68.93 -19.89 3.72
C LEU A 93 -69.90 -21.02 3.39
N GLN A 94 -71.19 -20.76 3.54
CA GLN A 94 -72.22 -21.76 3.25
C GLN A 94 -71.82 -22.62 2.06
N ASP A 95 -71.54 -21.96 0.93
CA ASP A 95 -71.15 -22.67 -0.28
C ASP A 95 -70.03 -23.65 0.00
N LEU A 96 -68.88 -23.13 0.44
CA LEU A 96 -67.72 -23.96 0.74
C LEU A 96 -68.12 -25.16 1.60
N SER A 97 -68.67 -24.88 2.77
CA SER A 97 -69.09 -25.93 3.69
C SER A 97 -69.94 -26.98 2.96
N VAL A 98 -70.66 -26.54 1.95
CA VAL A 98 -71.51 -27.43 1.17
C VAL A 98 -70.70 -28.16 0.09
N HIS A 99 -70.25 -27.41 -0.90
CA HIS A 99 -69.47 -27.98 -2.00
C HIS A 99 -68.58 -29.12 -1.49
N MET A 100 -67.92 -28.89 -0.37
CA MET A 100 -67.05 -29.90 0.22
C MET A 100 -67.79 -31.21 0.44
N ILE A 101 -68.80 -31.18 1.31
CA ILE A 101 -69.60 -32.37 1.61
C ILE A 101 -70.19 -32.96 0.33
N LYS A 102 -70.73 -32.10 -0.52
CA LYS A 102 -71.33 -32.54 -1.78
C LYS A 102 -70.36 -33.43 -2.55
N THR A 103 -69.15 -32.93 -2.78
CA THR A 103 -68.14 -33.68 -3.51
C THR A 103 -67.17 -34.37 -2.55
N LYS A 104 -67.61 -34.56 -1.31
CA LYS A 104 -66.78 -35.21 -0.29
C LYS A 104 -65.30 -34.88 -0.51
N HIS A 105 -65.02 -33.61 -0.77
CA HIS A 105 -63.65 -33.16 -0.98
C HIS A 105 -62.90 -33.03 0.34
N TYR A 106 -63.65 -32.78 1.42
CA TYR A 106 -63.06 -32.62 2.74
C TYR A 106 -62.40 -33.92 3.19
N GLN A 107 -63.07 -35.05 2.96
CA GLN A 107 -62.53 -36.34 3.34
C GLN A 107 -61.30 -36.70 2.53
N LYS A 108 -61.33 -36.37 1.25
CA LYS A 108 -60.20 -36.64 0.35
C LYS A 108 -58.88 -36.36 1.05
N VAL A 109 -58.72 -35.14 1.54
CA VAL A 109 -57.50 -34.75 2.23
C VAL A 109 -57.46 -35.30 3.65
N SER A 110 -56.43 -36.09 3.95
CA SER A 110 -56.29 -36.69 5.27
C SER A 110 -54.82 -36.80 5.66
N GLY A 111 -54.56 -37.39 6.82
CA GLY A 111 -53.19 -37.55 7.28
C GLY A 111 -52.99 -38.85 8.03
N PRO A 112 -51.79 -39.43 7.92
CA PRO A 112 -51.44 -40.68 8.59
C PRO A 112 -51.32 -40.53 10.10
N SER A 113 -52.09 -41.31 10.84
CA SER A 113 -52.08 -41.25 12.30
C SER A 113 -50.99 -42.15 12.87
N SER A 114 -50.93 -43.38 12.39
CA SER A 114 -49.93 -44.34 12.85
C SER A 114 -48.59 -43.65 13.12
N GLY A 115 -47.85 -44.18 14.09
CA GLY A 115 -46.57 -43.60 14.43
C GLY A 115 -45.44 -44.62 14.42
N GLY A 1 43.00 31.40 -24.01
CA GLY A 1 42.31 31.37 -22.73
C GLY A 1 42.90 30.36 -21.78
N SER A 2 42.71 30.58 -20.48
CA SER A 2 43.23 29.66 -19.46
C SER A 2 42.20 29.45 -18.36
N SER A 3 42.27 28.28 -17.72
CA SER A 3 41.35 27.94 -16.64
C SER A 3 41.78 26.67 -15.92
N GLY A 4 41.19 26.41 -14.77
CA GLY A 4 41.53 25.22 -14.01
C GLY A 4 40.69 25.07 -12.75
N SER A 5 41.24 24.44 -11.74
CA SER A 5 40.53 24.22 -10.49
C SER A 5 41.50 23.97 -9.33
N SER A 6 41.41 24.80 -8.30
CA SER A 6 42.28 24.68 -7.15
C SER A 6 41.68 25.37 -5.93
N GLY A 7 41.55 24.62 -4.83
CA GLY A 7 40.98 25.18 -3.62
C GLY A 7 39.78 24.39 -3.13
N LYS A 8 38.71 24.40 -3.92
CA LYS A 8 37.49 23.69 -3.55
C LYS A 8 37.12 22.66 -4.63
N LEU A 9 37.59 21.43 -4.46
CA LEU A 9 37.31 20.37 -5.41
C LEU A 9 36.10 19.54 -4.96
N TYR A 10 35.16 20.20 -4.30
CA TYR A 10 33.95 19.53 -3.82
C TYR A 10 32.78 19.82 -4.73
N GLY A 11 31.99 18.78 -5.03
CA GLY A 11 30.85 18.94 -5.89
C GLY A 11 30.01 17.67 -5.97
N SER A 12 29.57 17.18 -4.83
CA SER A 12 28.76 15.97 -4.77
C SER A 12 27.46 16.22 -4.00
N ILE A 13 26.39 16.52 -4.73
CA ILE A 13 25.10 16.77 -4.10
C ILE A 13 24.78 15.73 -3.04
N PHE A 14 24.17 16.18 -1.94
CA PHE A 14 23.82 15.28 -0.85
C PHE A 14 23.03 14.08 -1.36
N THR A 15 22.69 13.17 -0.46
CA THR A 15 21.94 11.98 -0.82
C THR A 15 20.61 11.92 -0.06
N GLY A 16 19.51 12.05 -0.81
CA GLY A 16 18.19 12.02 -0.20
C GLY A 16 17.11 11.58 -1.18
N ALA A 17 15.90 11.41 -0.67
CA ALA A 17 14.77 10.99 -1.50
C ALA A 17 13.47 11.64 -1.03
N SER A 18 12.59 11.91 -1.98
CA SER A 18 11.30 12.54 -1.67
C SER A 18 10.51 11.68 -0.69
N LYS A 19 10.62 11.98 0.60
CA LYS A 19 9.91 11.25 1.63
C LYS A 19 8.45 11.06 1.26
N PHE A 20 7.79 12.15 0.90
CA PHE A 20 6.38 12.10 0.52
C PHE A 20 6.21 12.40 -0.97
N ARG A 21 5.02 12.08 -1.50
CA ARG A 21 4.74 12.30 -2.91
C ARG A 21 3.23 12.43 -3.14
N CYS A 22 2.85 13.42 -3.92
CA CYS A 22 1.44 13.66 -4.23
C CYS A 22 1.04 12.96 -5.52
N LYS A 23 0.81 11.65 -5.44
CA LYS A 23 0.43 10.88 -6.61
C LYS A 23 -0.45 11.70 -7.55
N ASP A 24 -1.53 12.26 -7.01
CA ASP A 24 -2.45 13.07 -7.81
C ASP A 24 -1.69 13.86 -8.88
N CYS A 25 -0.79 14.73 -8.43
CA CYS A 25 0.01 15.55 -9.35
C CYS A 25 1.45 15.05 -9.40
N SER A 26 2.28 15.75 -10.18
CA SER A 26 3.68 15.39 -10.32
C SER A 26 4.55 16.19 -9.36
N ALA A 27 4.06 16.39 -8.15
CA ALA A 27 4.79 17.14 -7.14
C ALA A 27 5.06 16.28 -5.90
N ALA A 28 6.17 16.54 -5.24
CA ALA A 28 6.54 15.81 -4.04
C ALA A 28 7.08 16.74 -2.95
N TYR A 29 7.25 16.20 -1.75
CA TYR A 29 7.76 16.98 -0.63
C TYR A 29 8.59 16.12 0.31
N ASP A 30 9.29 16.76 1.24
CA ASP A 30 10.12 16.06 2.20
C ASP A 30 9.40 15.90 3.54
N THR A 31 8.69 16.95 3.94
CA THR A 31 7.95 16.93 5.21
C THR A 31 6.46 16.75 4.96
N LEU A 32 5.78 16.08 5.90
CA LEU A 32 4.35 15.84 5.79
C LEU A 32 3.57 17.15 5.91
N VAL A 33 3.93 17.95 6.91
CA VAL A 33 3.27 19.23 7.14
C VAL A 33 3.18 20.04 5.86
N GLU A 34 4.23 19.98 5.05
CA GLU A 34 4.27 20.72 3.79
C GLU A 34 3.32 20.10 2.77
N LEU A 35 3.37 18.78 2.65
CA LEU A 35 2.51 18.07 1.70
C LEU A 35 1.03 18.29 2.04
N THR A 36 0.66 17.98 3.27
CA THR A 36 -0.71 18.16 3.72
C THR A 36 -1.31 19.46 3.19
N VAL A 37 -0.71 20.58 3.59
CA VAL A 37 -1.17 21.89 3.14
C VAL A 37 -1.60 21.85 1.68
N HIS A 38 -0.73 21.34 0.82
CA HIS A 38 -1.02 21.25 -0.60
C HIS A 38 -2.20 20.31 -0.86
N MET A 39 -2.13 19.11 -0.28
CA MET A 39 -3.18 18.11 -0.45
C MET A 39 -4.55 18.75 -0.22
N ASN A 40 -4.68 19.53 0.83
CA ASN A 40 -5.95 20.19 1.15
C ASN A 40 -6.15 21.44 0.30
N GLU A 41 -5.22 22.38 0.43
CA GLU A 41 -5.29 23.62 -0.34
C GLU A 41 -5.80 23.37 -1.75
N THR A 42 -5.32 22.29 -2.36
CA THR A 42 -5.72 21.93 -3.71
C THR A 42 -6.79 20.84 -3.69
N GLY A 43 -6.62 19.86 -2.81
CA GLY A 43 -7.57 18.77 -2.71
C GLY A 43 -6.91 17.41 -2.80
N HIS A 44 -5.82 17.32 -3.57
CA HIS A 44 -5.10 16.07 -3.73
C HIS A 44 -4.93 15.37 -2.39
N TYR A 45 -4.51 14.11 -2.45
CA TYR A 45 -4.31 13.31 -1.23
C TYR A 45 -2.99 12.55 -1.30
N ARG A 46 -2.63 11.91 -0.19
CA ARG A 46 -1.39 11.15 -0.12
C ARG A 46 -1.35 10.08 -1.20
N ASP A 47 -0.24 9.35 -1.27
CA ASP A 47 -0.08 8.30 -2.26
C ASP A 47 0.24 6.97 -1.60
N ASP A 48 0.84 7.03 -0.42
CA ASP A 48 1.20 5.82 0.32
C ASP A 48 0.00 5.29 1.11
N ASN A 49 -1.17 5.86 0.84
CA ASN A 49 -2.40 5.45 1.52
C ASN A 49 -3.36 4.76 0.56
N HIS A 50 -4.17 3.85 1.08
CA HIS A 50 -5.13 3.12 0.25
C HIS A 50 -6.42 3.92 0.12
N GLU A 51 -6.51 4.73 -0.93
CA GLU A 51 -7.69 5.55 -1.18
C GLU A 51 -8.54 4.94 -2.29
N THR A 52 -9.67 4.35 -1.91
CA THR A 52 -10.57 3.73 -2.88
C THR A 52 -9.80 3.05 -3.99
N ASP A 53 -8.64 2.50 -3.64
CA ASP A 53 -7.79 1.80 -4.61
C ASP A 53 -8.52 0.59 -5.18
N ASN A 54 -8.43 0.42 -6.50
CA ASN A 54 -9.08 -0.70 -7.16
C ASN A 54 -8.05 -1.75 -7.58
N ASN A 55 -7.01 -1.31 -8.27
CA ASN A 55 -5.96 -2.22 -8.73
C ASN A 55 -4.62 -1.85 -8.09
N ASN A 56 -3.99 -2.84 -7.45
CA ASN A 56 -2.70 -2.63 -6.81
C ASN A 56 -1.57 -3.28 -7.60
N PRO A 57 -0.71 -2.45 -8.19
CA PRO A 57 0.43 -2.92 -9.00
C PRO A 57 1.50 -3.59 -8.14
N LYS A 58 1.21 -3.74 -6.85
CA LYS A 58 2.15 -4.37 -5.93
C LYS A 58 3.58 -3.89 -6.19
N ARG A 59 3.74 -2.59 -6.32
CA ARG A 59 5.06 -2.01 -6.59
C ARG A 59 5.30 -0.80 -5.69
N TRP A 60 5.01 -0.95 -4.40
CA TRP A 60 5.20 0.12 -3.44
C TRP A 60 6.28 -0.24 -2.42
N SER A 61 6.24 -1.48 -1.93
CA SER A 61 7.19 -1.95 -0.95
C SER A 61 8.47 -2.45 -1.63
N LYS A 62 9.39 -2.99 -0.83
CA LYS A 62 10.65 -3.50 -1.35
C LYS A 62 10.48 -4.93 -1.87
N PRO A 63 11.31 -5.32 -2.83
CA PRO A 63 11.29 -6.66 -3.42
C PRO A 63 11.75 -7.73 -2.45
N ARG A 64 11.85 -8.96 -2.94
CA ARG A 64 12.29 -10.09 -2.11
C ARG A 64 13.42 -9.66 -1.18
N LYS A 65 13.48 -10.28 -0.01
CA LYS A 65 14.52 -9.97 0.97
C LYS A 65 15.19 -11.24 1.48
N ARG A 66 16.40 -11.11 1.99
CA ARG A 66 17.15 -12.25 2.50
C ARG A 66 17.23 -12.20 4.02
N SER A 67 17.11 -13.36 4.66
CA SER A 67 17.18 -13.45 6.11
C SER A 67 18.61 -13.62 6.59
N LEU A 68 18.77 -13.83 7.90
CA LEU A 68 20.09 -14.01 8.48
C LEU A 68 21.05 -12.92 8.02
N LEU A 69 20.50 -11.76 7.67
CA LEU A 69 21.30 -10.63 7.21
C LEU A 69 21.48 -9.60 8.31
N GLU A 70 21.67 -10.08 9.54
CA GLU A 70 21.86 -9.20 10.68
C GLU A 70 23.27 -9.34 11.27
N MET A 71 24.25 -9.47 10.39
CA MET A 71 25.64 -9.63 10.81
C MET A 71 25.91 -8.82 12.08
N GLU A 72 26.79 -9.35 12.93
CA GLU A 72 27.14 -8.68 14.18
C GLU A 72 28.53 -8.06 14.10
N GLY A 73 28.71 -7.13 13.17
CA GLY A 73 30.00 -6.49 13.00
C GLY A 73 30.01 -5.06 13.51
N LYS A 74 30.46 -4.13 12.68
CA LYS A 74 30.52 -2.73 13.05
C LYS A 74 29.54 -1.91 12.23
N GLU A 75 28.34 -2.44 12.03
CA GLU A 75 27.31 -1.77 11.26
C GLU A 75 27.92 -0.98 10.10
N ASP A 76 28.90 -1.60 9.44
CA ASP A 76 29.57 -0.96 8.31
C ASP A 76 29.99 -2.01 7.28
N ALA A 77 29.74 -1.70 6.01
CA ALA A 77 30.08 -2.61 4.93
C ALA A 77 31.00 -1.93 3.90
N GLN A 78 31.18 -0.62 4.07
CA GLN A 78 32.02 0.15 3.16
C GLN A 78 33.30 -0.61 2.83
N LYS A 79 33.78 -0.46 1.60
CA LYS A 79 35.00 -1.12 1.16
C LYS A 79 36.24 -0.30 1.52
N VAL A 80 36.19 0.36 2.68
CA VAL A 80 37.30 1.18 3.13
C VAL A 80 37.13 1.57 4.59
N LEU A 81 38.25 1.60 5.33
CA LEU A 81 38.22 1.97 6.74
C LEU A 81 37.79 3.41 6.92
N LYS A 82 36.57 3.61 7.42
CA LYS A 82 36.05 4.95 7.65
C LYS A 82 35.58 5.11 9.09
N CYS A 83 35.67 6.34 9.61
CA CYS A 83 35.26 6.62 10.98
C CYS A 83 33.74 6.66 11.08
N MET A 84 33.23 6.33 12.27
CA MET A 84 31.79 6.33 12.50
C MET A 84 31.32 7.67 13.05
N TYR A 85 32.17 8.30 13.86
CA TYR A 85 31.85 9.60 14.46
C TYR A 85 31.80 10.69 13.39
N CYS A 86 32.97 11.03 12.85
CA CYS A 86 33.06 12.06 11.82
C CYS A 86 33.02 11.44 10.43
N GLY A 87 33.82 10.39 10.22
CA GLY A 87 33.86 9.73 8.94
C GLY A 87 35.02 10.19 8.08
N HIS A 88 36.18 9.56 8.25
CA HIS A 88 37.38 9.91 7.49
C HIS A 88 37.96 8.69 6.79
N SER A 89 38.01 8.73 5.47
CA SER A 89 38.54 7.62 4.69
C SER A 89 40.05 7.48 4.90
N PHE A 90 40.46 6.34 5.44
CA PHE A 90 41.88 6.07 5.70
C PHE A 90 42.39 4.97 4.78
N GLU A 91 43.70 4.74 4.82
CA GLU A 91 44.33 3.72 4.00
C GLU A 91 44.67 2.48 4.83
N SER A 92 45.30 2.70 5.98
CA SER A 92 45.68 1.61 6.86
C SER A 92 44.88 1.65 8.16
N LEU A 93 44.92 0.55 8.91
CA LEU A 93 44.19 0.47 10.17
C LEU A 93 44.74 1.48 11.18
N GLN A 94 46.05 1.43 11.41
CA GLN A 94 46.69 2.34 12.35
C GLN A 94 46.10 3.74 12.24
N ASP A 95 45.90 4.19 11.01
CA ASP A 95 45.34 5.52 10.76
C ASP A 95 43.95 5.65 11.41
N LEU A 96 43.11 4.66 11.17
CA LEU A 96 41.75 4.67 11.73
C LEU A 96 41.79 4.64 13.25
N SER A 97 42.45 3.63 13.80
CA SER A 97 42.56 3.49 15.25
C SER A 97 43.05 4.78 15.89
N VAL A 98 44.26 5.20 15.52
CA VAL A 98 44.84 6.42 16.05
C VAL A 98 43.84 7.57 16.02
N HIS A 99 43.52 8.04 14.82
CA HIS A 99 42.58 9.13 14.65
C HIS A 99 41.50 9.09 15.73
N MET A 100 40.93 7.92 15.94
CA MET A 100 39.88 7.74 16.94
C MET A 100 40.43 7.98 18.34
N ILE A 101 41.25 7.06 18.83
CA ILE A 101 41.84 7.17 20.15
C ILE A 101 42.33 8.59 20.42
N LYS A 102 42.79 9.26 19.35
CA LYS A 102 43.29 10.62 19.47
C LYS A 102 42.13 11.62 19.57
N THR A 103 41.13 11.45 18.71
CA THR A 103 39.97 12.33 18.69
C THR A 103 38.83 11.74 19.52
N LYS A 104 39.16 10.77 20.36
CA LYS A 104 38.16 10.11 21.21
C LYS A 104 36.81 10.03 20.50
N HIS A 105 36.84 9.55 19.26
CA HIS A 105 35.62 9.41 18.47
C HIS A 105 34.91 8.09 18.78
N TYR A 106 35.69 7.05 19.05
CA TYR A 106 35.14 5.74 19.36
C TYR A 106 34.71 5.67 20.82
N GLN A 107 34.76 6.80 21.50
CA GLN A 107 34.36 6.86 22.91
C GLN A 107 32.91 7.32 23.05
N LYS A 108 32.48 8.19 22.14
CA LYS A 108 31.11 8.69 22.16
C LYS A 108 30.18 7.75 21.41
N VAL A 109 30.34 6.45 21.65
CA VAL A 109 29.50 5.45 21.01
C VAL A 109 28.54 4.82 22.00
N SER A 110 27.26 5.19 21.90
CA SER A 110 26.24 4.66 22.79
C SER A 110 24.86 5.12 22.37
N GLY A 111 23.84 4.66 23.08
CA GLY A 111 22.47 5.04 22.77
C GLY A 111 21.83 5.86 23.87
N PRO A 112 21.40 7.10 23.52
CA PRO A 112 20.77 8.01 24.48
C PRO A 112 19.38 7.53 24.90
N SER A 113 18.73 8.32 25.74
CA SER A 113 17.38 7.97 26.22
C SER A 113 16.81 9.10 27.08
N SER A 114 15.57 9.49 26.77
CA SER A 114 14.91 10.56 27.50
C SER A 114 13.39 10.37 27.49
N GLY A 115 12.69 11.26 28.18
CA GLY A 115 11.24 11.17 28.24
C GLY A 115 10.56 12.32 27.53
N GLY A 1 14.03 56.83 -19.09
CA GLY A 1 13.42 55.75 -19.85
C GLY A 1 14.45 54.79 -20.42
N SER A 2 14.32 53.51 -20.09
CA SER A 2 15.25 52.50 -20.58
C SER A 2 14.77 51.10 -20.20
N SER A 3 15.42 50.09 -20.75
CA SER A 3 15.07 48.70 -20.48
C SER A 3 16.13 47.75 -21.00
N GLY A 4 16.03 46.48 -20.62
CA GLY A 4 16.98 45.48 -21.07
C GLY A 4 17.61 44.73 -19.91
N SER A 5 17.10 43.53 -19.64
CA SER A 5 17.62 42.71 -18.54
C SER A 5 17.38 41.23 -18.82
N SER A 6 18.47 40.46 -18.88
CA SER A 6 18.37 39.03 -19.14
C SER A 6 19.59 38.30 -18.56
N GLY A 7 19.32 37.22 -17.85
CA GLY A 7 20.38 36.44 -17.24
C GLY A 7 19.87 35.31 -16.37
N LYS A 8 19.76 34.12 -16.96
CA LYS A 8 19.29 32.95 -16.23
C LYS A 8 20.30 31.81 -16.28
N LEU A 9 20.75 31.37 -15.11
CA LEU A 9 21.72 30.30 -15.02
C LEU A 9 21.06 28.94 -15.25
N TYR A 10 21.59 28.17 -16.18
CA TYR A 10 21.05 26.85 -16.49
C TYR A 10 21.89 25.75 -15.84
N GLY A 11 21.21 24.81 -15.17
CA GLY A 11 21.90 23.72 -14.52
C GLY A 11 21.62 23.66 -13.03
N SER A 12 21.04 22.56 -12.59
CA SER A 12 20.71 22.38 -11.18
C SER A 12 20.27 20.95 -10.89
N ILE A 13 21.04 20.25 -10.08
CA ILE A 13 20.73 18.86 -9.73
C ILE A 13 20.03 18.79 -8.38
N PHE A 14 19.04 17.91 -8.28
CA PHE A 14 18.28 17.74 -7.04
C PHE A 14 18.83 16.57 -6.24
N THR A 15 18.46 16.51 -4.96
CA THR A 15 18.91 15.45 -4.07
C THR A 15 18.38 14.09 -4.53
N GLY A 16 17.51 14.11 -5.53
CA GLY A 16 16.94 12.88 -6.05
C GLY A 16 16.25 12.07 -4.95
N ALA A 17 16.03 12.69 -3.81
CA ALA A 17 15.36 12.03 -2.69
C ALA A 17 13.98 12.63 -2.43
N SER A 18 13.01 11.77 -2.14
CA SER A 18 11.65 12.21 -1.87
C SER A 18 10.93 11.25 -0.94
N LYS A 19 10.52 11.76 0.22
CA LYS A 19 9.84 10.95 1.22
C LYS A 19 8.34 10.87 0.90
N PHE A 20 7.71 12.04 0.75
CA PHE A 20 6.29 12.10 0.46
C PHE A 20 6.04 12.55 -0.98
N ARG A 21 5.21 11.82 -1.70
CA ARG A 21 4.89 12.14 -3.08
C ARG A 21 3.39 12.29 -3.28
N CYS A 22 2.98 13.45 -3.80
CA CYS A 22 1.56 13.71 -4.04
C CYS A 22 1.07 12.98 -5.27
N LYS A 23 0.76 11.69 -5.11
CA LYS A 23 0.28 10.87 -6.22
C LYS A 23 -0.56 11.70 -7.18
N ASP A 24 -1.56 12.38 -6.65
CA ASP A 24 -2.44 13.22 -7.47
C ASP A 24 -1.66 13.88 -8.60
N CYS A 25 -0.78 14.81 -8.24
CA CYS A 25 0.03 15.52 -9.22
C CYS A 25 1.45 14.97 -9.26
N SER A 26 2.29 15.58 -10.08
CA SER A 26 3.67 15.15 -10.21
C SER A 26 4.58 15.94 -9.28
N ALA A 27 4.07 16.25 -8.09
CA ALA A 27 4.84 17.00 -7.10
C ALA A 27 5.11 16.14 -5.86
N ALA A 28 6.05 16.58 -5.04
CA ALA A 28 6.40 15.87 -3.82
C ALA A 28 7.03 16.81 -2.79
N TYR A 29 6.98 16.41 -1.53
CA TYR A 29 7.54 17.22 -0.44
C TYR A 29 8.38 16.36 0.50
N ASP A 30 9.33 17.00 1.18
CA ASP A 30 10.19 16.30 2.12
C ASP A 30 9.44 15.96 3.41
N THR A 31 8.73 16.94 3.94
CA THR A 31 7.96 16.77 5.17
C THR A 31 6.46 16.72 4.88
N LEU A 32 5.74 15.95 5.69
CA LEU A 32 4.29 15.82 5.52
C LEU A 32 3.59 17.14 5.85
N VAL A 33 4.00 17.77 6.95
CA VAL A 33 3.42 19.03 7.37
C VAL A 33 3.34 20.02 6.22
N GLU A 34 4.24 19.84 5.24
CA GLU A 34 4.27 20.72 4.08
C GLU A 34 3.37 20.19 2.96
N LEU A 35 3.38 18.87 2.78
CA LEU A 35 2.58 18.24 1.75
C LEU A 35 1.08 18.44 2.03
N THR A 36 0.69 18.20 3.28
CA THR A 36 -0.71 18.34 3.68
C THR A 36 -1.30 19.62 3.12
N VAL A 37 -0.74 20.76 3.54
CA VAL A 37 -1.22 22.06 3.07
C VAL A 37 -1.66 22.00 1.62
N HIS A 38 -0.76 21.54 0.75
CA HIS A 38 -1.05 21.43 -0.67
C HIS A 38 -2.21 20.45 -0.92
N MET A 39 -2.11 19.28 -0.31
CA MET A 39 -3.14 18.25 -0.47
C MET A 39 -4.52 18.83 -0.17
N ASN A 40 -4.66 19.46 0.99
CA ASN A 40 -5.93 20.06 1.39
C ASN A 40 -6.28 21.25 0.52
N GLU A 41 -5.33 22.18 0.39
CA GLU A 41 -5.53 23.36 -0.43
C GLU A 41 -6.02 23.00 -1.82
N THR A 42 -5.18 22.28 -2.57
CA THR A 42 -5.54 21.86 -3.92
C THR A 42 -6.56 20.74 -3.90
N GLY A 43 -6.53 19.94 -2.84
CA GLY A 43 -7.46 18.83 -2.72
C GLY A 43 -6.87 17.52 -3.20
N HIS A 44 -5.55 17.40 -3.10
CA HIS A 44 -4.86 16.19 -3.53
C HIS A 44 -4.66 15.24 -2.36
N TYR A 45 -3.99 14.12 -2.61
CA TYR A 45 -3.73 13.12 -1.58
C TYR A 45 -2.36 12.48 -1.78
N ARG A 46 -1.72 12.12 -0.67
CA ARG A 46 -0.41 11.49 -0.71
C ARG A 46 -0.44 10.21 -1.55
N ASP A 47 0.69 9.53 -1.63
CA ASP A 47 0.80 8.30 -2.39
C ASP A 47 1.29 7.14 -1.51
N ASP A 48 0.95 7.21 -0.23
CA ASP A 48 1.37 6.18 0.72
C ASP A 48 0.22 5.21 1.00
N ASN A 49 0.51 4.17 1.77
CA ASN A 49 -0.50 3.17 2.11
C ASN A 49 -1.76 3.83 2.64
N HIS A 50 -2.83 3.05 2.75
CA HIS A 50 -4.11 3.56 3.24
C HIS A 50 -4.98 2.42 3.77
N GLU A 51 -5.74 2.71 4.82
CA GLU A 51 -6.63 1.71 5.41
C GLU A 51 -8.09 2.06 5.16
N THR A 52 -8.38 2.47 3.94
CA THR A 52 -9.74 2.83 3.56
C THR A 52 -10.18 2.12 2.29
N ASP A 53 -11.17 1.23 2.42
CA ASP A 53 -11.68 0.47 1.28
C ASP A 53 -12.91 -0.33 1.68
N ASN A 54 -13.86 -0.44 0.76
CA ASN A 54 -15.09 -1.19 1.02
C ASN A 54 -15.87 -0.58 2.18
N ASN A 55 -15.65 0.71 2.42
CA ASN A 55 -16.34 1.41 3.50
C ASN A 55 -17.81 1.61 3.17
N ASN A 56 -18.09 2.03 1.93
CA ASN A 56 -19.46 2.27 1.50
C ASN A 56 -20.00 1.05 0.75
N PRO A 57 -20.94 0.34 1.40
CA PRO A 57 -21.56 -0.86 0.82
C PRO A 57 -22.48 -0.52 -0.34
N LYS A 58 -22.58 0.76 -0.67
CA LYS A 58 -23.42 1.22 -1.77
C LYS A 58 -24.60 0.27 -1.98
N ARG A 59 -25.20 -0.19 -0.87
CA ARG A 59 -26.33 -1.10 -0.94
C ARG A 59 -27.27 -0.71 -2.07
N TRP A 60 -27.92 -1.72 -2.66
CA TRP A 60 -28.84 -1.48 -3.76
C TRP A 60 -30.27 -1.32 -3.24
N SER A 61 -31.21 -1.09 -4.16
CA SER A 61 -32.61 -0.91 -3.79
C SER A 61 -33.47 -2.06 -4.32
N LYS A 62 -34.75 -2.02 -4.03
CA LYS A 62 -35.67 -3.05 -4.48
C LYS A 62 -35.33 -3.52 -5.89
N PRO A 63 -35.67 -4.78 -6.18
CA PRO A 63 -35.39 -5.37 -7.50
C PRO A 63 -36.27 -4.78 -8.59
N ARG A 64 -36.23 -5.40 -9.77
CA ARG A 64 -37.03 -4.93 -10.90
C ARG A 64 -38.46 -5.45 -10.83
N LYS A 65 -39.39 -4.68 -11.37
CA LYS A 65 -40.80 -5.06 -11.37
C LYS A 65 -41.05 -6.21 -12.32
N ARG A 66 -42.32 -6.59 -12.46
CA ARG A 66 -42.69 -7.68 -13.36
C ARG A 66 -43.32 -7.15 -14.64
N SER A 67 -43.61 -8.05 -15.57
CA SER A 67 -44.21 -7.67 -16.85
C SER A 67 -45.73 -7.64 -16.75
N LEU A 68 -46.36 -6.90 -17.66
CA LEU A 68 -47.81 -6.77 -17.68
C LEU A 68 -48.36 -6.99 -19.08
N LEU A 69 -48.46 -8.25 -19.49
CA LEU A 69 -48.98 -8.59 -20.82
C LEU A 69 -50.20 -7.74 -21.15
N GLU A 70 -50.40 -7.50 -22.44
CA GLU A 70 -51.54 -6.71 -22.90
C GLU A 70 -52.67 -7.61 -23.39
N MET A 71 -53.87 -7.37 -22.88
CA MET A 71 -55.04 -8.16 -23.27
C MET A 71 -55.71 -7.56 -24.49
N GLU A 72 -56.74 -8.26 -25.00
CA GLU A 72 -57.47 -7.79 -26.17
C GLU A 72 -57.91 -6.34 -25.99
N GLY A 73 -58.39 -5.74 -27.08
CA GLY A 73 -58.83 -4.36 -27.02
C GLY A 73 -60.24 -4.18 -27.56
N LYS A 74 -60.34 -3.62 -28.76
CA LYS A 74 -61.64 -3.40 -29.39
C LYS A 74 -62.15 -4.66 -30.06
N GLU A 75 -62.01 -5.79 -29.38
CA GLU A 75 -62.44 -7.07 -29.91
C GLU A 75 -63.72 -6.91 -30.73
N ASP A 76 -63.91 -7.78 -31.71
CA ASP A 76 -65.09 -7.73 -32.57
C ASP A 76 -66.28 -8.41 -31.89
N ALA A 77 -66.47 -8.11 -30.61
CA ALA A 77 -67.58 -8.69 -29.86
C ALA A 77 -68.71 -7.69 -29.67
N GLN A 78 -69.52 -7.53 -30.71
CA GLN A 78 -70.64 -6.60 -30.66
C GLN A 78 -71.91 -7.25 -31.19
N LYS A 79 -72.72 -7.79 -30.28
CA LYS A 79 -73.97 -8.44 -30.64
C LYS A 79 -75.12 -7.44 -30.69
N VAL A 80 -74.89 -6.31 -31.33
CA VAL A 80 -75.90 -5.26 -31.45
C VAL A 80 -75.49 -4.20 -32.47
N LEU A 81 -76.45 -3.75 -33.26
CA LEU A 81 -76.19 -2.73 -34.27
C LEU A 81 -75.52 -1.51 -33.64
N LYS A 82 -74.23 -1.34 -33.91
CA LYS A 82 -73.48 -0.21 -33.38
C LYS A 82 -72.55 0.37 -34.44
N CYS A 83 -72.30 1.67 -34.36
CA CYS A 83 -71.42 2.34 -35.31
C CYS A 83 -70.03 2.56 -34.71
N MET A 84 -69.05 1.83 -35.23
CA MET A 84 -67.67 1.95 -34.74
C MET A 84 -67.17 3.37 -34.88
N TYR A 85 -67.41 3.98 -36.04
CA TYR A 85 -66.98 5.35 -36.30
C TYR A 85 -67.13 6.21 -35.05
N CYS A 86 -68.35 6.31 -34.55
CA CYS A 86 -68.63 7.11 -33.35
C CYS A 86 -68.89 6.20 -32.15
N GLY A 87 -69.81 5.26 -32.31
CA GLY A 87 -70.13 4.35 -31.23
C GLY A 87 -71.52 4.59 -30.67
N HIS A 88 -72.51 4.67 -31.54
CA HIS A 88 -73.88 4.91 -31.12
C HIS A 88 -74.73 3.64 -31.27
N SER A 89 -75.30 3.17 -30.17
CA SER A 89 -76.12 1.98 -30.19
C SER A 89 -77.52 2.28 -30.73
N PHE A 90 -78.10 1.29 -31.40
CA PHE A 90 -79.43 1.45 -31.98
C PHE A 90 -80.27 0.18 -31.77
N GLU A 91 -81.47 0.18 -32.34
CA GLU A 91 -82.37 -0.96 -32.23
C GLU A 91 -82.58 -1.63 -33.58
N SER A 92 -82.99 -0.84 -34.56
CA SER A 92 -83.23 -1.35 -35.91
C SER A 92 -82.22 -0.79 -36.91
N LEU A 93 -82.06 -1.47 -38.02
CA LEU A 93 -81.12 -1.04 -39.06
C LEU A 93 -81.36 0.43 -39.43
N GLN A 94 -82.60 0.75 -39.76
CA GLN A 94 -82.95 2.12 -40.13
C GLN A 94 -82.16 3.13 -39.31
N ASP A 95 -82.38 3.11 -38.00
CA ASP A 95 -81.68 4.03 -37.10
C ASP A 95 -80.19 4.10 -37.44
N LEU A 96 -79.58 2.94 -37.63
CA LEU A 96 -78.17 2.87 -37.96
C LEU A 96 -77.88 3.50 -39.31
N SER A 97 -78.59 3.03 -40.34
CA SER A 97 -78.41 3.56 -41.69
C SER A 97 -78.63 5.06 -41.72
N VAL A 98 -79.87 5.48 -41.44
CA VAL A 98 -80.21 6.89 -41.44
C VAL A 98 -79.13 7.73 -40.76
N HIS A 99 -78.36 7.09 -39.89
CA HIS A 99 -77.28 7.77 -39.17
C HIS A 99 -76.01 7.80 -40.02
N MET A 100 -75.58 6.63 -40.47
CA MET A 100 -74.37 6.53 -41.29
C MET A 100 -74.44 7.49 -42.47
N ILE A 101 -75.62 7.61 -43.07
CA ILE A 101 -75.81 8.50 -44.21
C ILE A 101 -75.71 9.96 -43.79
N LYS A 102 -76.56 10.35 -42.84
CA LYS A 102 -76.57 11.73 -42.35
C LYS A 102 -75.19 12.13 -41.86
N THR A 103 -74.65 11.38 -40.90
CA THR A 103 -73.34 11.66 -40.34
C THR A 103 -72.23 11.33 -41.34
N LYS A 104 -72.54 10.47 -42.29
CA LYS A 104 -71.59 10.07 -43.31
C LYS A 104 -70.37 9.38 -42.68
N HIS A 105 -70.64 8.36 -41.88
CA HIS A 105 -69.59 7.61 -41.21
C HIS A 105 -69.17 6.40 -42.04
N TYR A 106 -70.14 5.64 -42.51
CA TYR A 106 -69.88 4.46 -43.32
C TYR A 106 -68.75 4.72 -44.31
N GLN A 107 -68.90 5.78 -45.11
CA GLN A 107 -67.90 6.14 -46.10
C GLN A 107 -66.52 6.29 -45.46
N LYS A 108 -66.42 7.19 -44.48
CA LYS A 108 -65.18 7.42 -43.78
C LYS A 108 -64.93 6.35 -42.72
N VAL A 109 -63.90 5.53 -42.94
CA VAL A 109 -63.56 4.47 -42.02
C VAL A 109 -62.08 4.48 -41.67
N SER A 110 -61.24 4.48 -42.71
CA SER A 110 -59.79 4.49 -42.53
C SER A 110 -59.17 5.72 -43.19
N GLY A 111 -57.86 5.85 -43.06
CA GLY A 111 -57.16 6.98 -43.66
C GLY A 111 -55.73 6.66 -44.01
N PRO A 112 -55.45 6.54 -45.33
CA PRO A 112 -54.11 6.23 -45.83
C PRO A 112 -53.13 7.38 -45.62
N SER A 113 -51.92 7.22 -46.12
CA SER A 113 -50.88 8.24 -45.98
C SER A 113 -49.79 8.06 -47.04
N SER A 114 -49.16 9.17 -47.42
CA SER A 114 -48.11 9.13 -48.42
C SER A 114 -46.85 9.81 -47.91
N GLY A 115 -45.80 9.81 -48.72
CA GLY A 115 -44.54 10.43 -48.34
C GLY A 115 -43.43 10.16 -49.32
N GLY A 1 63.85 7.14 0.76
CA GLY A 1 63.46 7.19 2.16
C GLY A 1 61.96 7.05 2.33
N SER A 2 61.57 6.35 3.40
CA SER A 2 60.15 6.13 3.68
C SER A 2 59.33 7.36 3.28
N SER A 3 58.23 7.12 2.57
CA SER A 3 57.35 8.20 2.12
C SER A 3 56.02 7.66 1.61
N GLY A 4 54.93 8.18 2.15
CA GLY A 4 53.61 7.73 1.73
C GLY A 4 52.53 8.17 2.69
N SER A 5 51.44 8.71 2.15
CA SER A 5 50.32 9.17 2.97
C SER A 5 49.23 8.11 3.03
N SER A 6 48.66 7.94 4.23
CA SER A 6 47.60 6.96 4.42
C SER A 6 46.24 7.64 4.56
N GLY A 7 45.20 6.99 4.05
CA GLY A 7 43.86 7.54 4.13
C GLY A 7 42.81 6.49 4.38
N LYS A 8 41.54 6.86 4.21
CA LYS A 8 40.44 5.94 4.44
C LYS A 8 39.66 5.71 3.14
N LEU A 9 38.81 4.68 3.14
CA LEU A 9 38.02 4.36 1.96
C LEU A 9 36.70 5.13 1.97
N TYR A 10 36.45 5.88 0.91
CA TYR A 10 35.24 6.68 0.80
C TYR A 10 34.30 6.08 -0.25
N GLY A 11 33.00 6.39 -0.11
CA GLY A 11 32.03 5.86 -1.04
C GLY A 11 31.24 6.97 -1.73
N SER A 12 30.69 6.66 -2.90
CA SER A 12 29.93 7.63 -3.68
C SER A 12 28.44 7.52 -3.36
N ILE A 13 27.98 8.28 -2.38
CA ILE A 13 26.57 8.26 -1.99
C ILE A 13 25.72 9.05 -2.97
N PHE A 14 24.50 8.56 -3.20
CA PHE A 14 23.59 9.23 -4.13
C PHE A 14 23.02 10.50 -3.52
N THR A 15 22.36 11.30 -4.34
CA THR A 15 21.77 12.56 -3.88
C THR A 15 20.44 12.82 -4.58
N GLY A 16 19.35 12.73 -3.81
CA GLY A 16 18.03 12.96 -4.36
C GLY A 16 17.03 11.91 -3.93
N ALA A 17 15.98 12.34 -3.24
CA ALA A 17 14.94 11.43 -2.78
C ALA A 17 13.78 12.19 -2.15
N SER A 18 12.56 11.84 -2.56
CA SER A 18 11.36 12.50 -2.05
C SER A 18 10.62 11.59 -1.09
N LYS A 19 10.71 11.91 0.21
CA LYS A 19 10.05 11.12 1.24
C LYS A 19 8.55 11.01 0.97
N PHE A 20 7.91 12.16 0.76
CA PHE A 20 6.47 12.20 0.48
C PHE A 20 6.21 12.53 -0.99
N ARG A 21 5.19 11.89 -1.56
CA ARG A 21 4.83 12.11 -2.95
C ARG A 21 3.32 12.26 -3.10
N CYS A 22 2.91 13.26 -3.88
CA CYS A 22 1.49 13.50 -4.11
C CYS A 22 1.02 12.83 -5.40
N LYS A 23 0.76 11.53 -5.30
CA LYS A 23 0.29 10.76 -6.46
C LYS A 23 -0.59 11.61 -7.35
N ASP A 24 -1.66 12.15 -6.79
CA ASP A 24 -2.58 12.99 -7.54
C ASP A 24 -1.85 13.80 -8.61
N CYS A 25 -0.90 14.62 -8.16
CA CYS A 25 -0.13 15.44 -9.08
C CYS A 25 1.29 14.89 -9.24
N SER A 26 2.11 15.61 -10.01
CA SER A 26 3.48 15.19 -10.25
C SER A 26 4.45 15.98 -9.38
N ALA A 27 4.07 16.20 -8.12
CA ALA A 27 4.90 16.95 -7.19
C ALA A 27 5.29 16.07 -5.99
N ALA A 28 6.18 16.59 -5.16
CA ALA A 28 6.63 15.87 -3.98
C ALA A 28 7.15 16.82 -2.92
N TYR A 29 7.35 16.31 -1.71
CA TYR A 29 7.84 17.12 -0.60
C TYR A 29 8.72 16.29 0.34
N ASP A 30 9.40 16.97 1.26
CA ASP A 30 10.27 16.30 2.22
C ASP A 30 9.52 15.99 3.51
N THR A 31 8.73 16.95 3.98
CA THR A 31 7.96 16.78 5.20
C THR A 31 6.47 16.66 4.91
N LEU A 32 5.75 15.99 5.81
CA LEU A 32 4.31 15.81 5.64
C LEU A 32 3.56 17.12 5.91
N VAL A 33 3.93 17.79 7.00
CA VAL A 33 3.30 19.05 7.36
C VAL A 33 3.26 20.01 6.19
N GLU A 34 4.14 19.79 5.22
CA GLU A 34 4.20 20.64 4.04
C GLU A 34 3.28 20.12 2.94
N LEU A 35 3.32 18.80 2.73
CA LEU A 35 2.48 18.17 1.71
C LEU A 35 1.00 18.36 2.01
N THR A 36 0.61 18.03 3.24
CA THR A 36 -0.77 18.16 3.67
C THR A 36 -1.38 19.47 3.17
N VAL A 37 -0.85 20.58 3.67
CA VAL A 37 -1.34 21.90 3.27
C VAL A 37 -1.71 21.94 1.80
N HIS A 38 -0.79 21.46 0.95
CA HIS A 38 -1.03 21.43 -0.48
C HIS A 38 -2.14 20.46 -0.83
N MET A 39 -2.11 19.29 -0.22
CA MET A 39 -3.14 18.26 -0.47
C MET A 39 -4.53 18.85 -0.30
N ASN A 40 -4.75 19.54 0.83
CA ASN A 40 -6.05 20.14 1.10
C ASN A 40 -6.24 21.41 0.29
N GLU A 41 -5.25 22.30 0.33
CA GLU A 41 -5.32 23.56 -0.41
C GLU A 41 -5.85 23.34 -1.82
N THR A 42 -5.24 22.38 -2.53
CA THR A 42 -5.65 22.06 -3.89
C THR A 42 -6.76 21.02 -3.90
N GLY A 43 -6.59 19.97 -3.11
CA GLY A 43 -7.59 18.92 -3.05
C GLY A 43 -6.98 17.54 -2.94
N HIS A 44 -5.85 17.33 -3.62
CA HIS A 44 -5.16 16.05 -3.59
C HIS A 44 -5.08 15.51 -2.16
N TYR A 45 -4.74 14.23 -2.03
CA TYR A 45 -4.63 13.59 -0.73
C TYR A 45 -3.48 12.60 -0.69
N ARG A 46 -3.20 12.05 0.48
CA ARG A 46 -2.12 11.09 0.64
C ARG A 46 -2.09 10.10 -0.51
N ASP A 47 -0.91 9.56 -0.79
CA ASP A 47 -0.75 8.60 -1.88
C ASP A 47 -0.42 7.21 -1.33
N ASP A 48 -0.96 6.89 -0.16
CA ASP A 48 -0.72 5.60 0.47
C ASP A 48 -1.87 4.64 0.19
N ASN A 49 -1.65 3.37 0.50
CA ASN A 49 -2.67 2.35 0.27
C ASN A 49 -3.81 2.49 1.29
N HIS A 50 -5.04 2.34 0.81
CA HIS A 50 -6.21 2.45 1.67
C HIS A 50 -7.05 1.17 1.61
N GLU A 51 -6.38 0.02 1.69
CA GLU A 51 -7.06 -1.26 1.65
C GLU A 51 -7.16 -1.89 3.03
N THR A 52 -8.29 -1.68 3.69
CA THR A 52 -8.50 -2.23 5.03
C THR A 52 -9.54 -3.35 5.01
N ASP A 53 -9.58 -4.09 3.90
CA ASP A 53 -10.53 -5.19 3.77
C ASP A 53 -10.40 -6.17 4.93
N ASN A 54 -11.53 -6.47 5.57
CA ASN A 54 -11.55 -7.39 6.70
C ASN A 54 -11.85 -8.81 6.25
N ASN A 55 -11.19 -9.79 6.85
CA ASN A 55 -11.38 -11.19 6.51
C ASN A 55 -12.09 -11.93 7.63
N ASN A 56 -13.36 -12.26 7.42
CA ASN A 56 -14.16 -12.97 8.41
C ASN A 56 -13.32 -14.04 9.10
N PRO A 57 -12.93 -13.76 10.36
CA PRO A 57 -12.12 -14.69 11.16
C PRO A 57 -12.91 -15.93 11.57
N LYS A 58 -14.20 -15.93 11.29
CA LYS A 58 -15.07 -17.05 11.63
C LYS A 58 -15.40 -17.88 10.39
N ARG A 59 -14.56 -18.87 10.11
CA ARG A 59 -14.78 -19.74 8.95
C ARG A 59 -15.38 -21.06 9.37
N TRP A 60 -16.34 -21.01 10.29
CA TRP A 60 -17.00 -22.22 10.78
C TRP A 60 -16.02 -23.38 10.88
N SER A 61 -14.79 -23.07 11.29
CA SER A 61 -13.75 -24.09 11.43
C SER A 61 -13.59 -24.51 12.89
N LYS A 62 -13.12 -25.74 13.09
CA LYS A 62 -12.92 -26.26 14.43
C LYS A 62 -11.82 -25.49 15.17
N PRO A 63 -12.07 -25.18 16.44
CA PRO A 63 -11.11 -24.44 17.27
C PRO A 63 -9.87 -25.28 17.60
N ARG A 64 -9.10 -24.82 18.59
CA ARG A 64 -7.90 -25.52 19.02
C ARG A 64 -8.05 -26.06 20.43
N LYS A 65 -7.00 -26.72 20.92
CA LYS A 65 -7.01 -27.29 22.26
C LYS A 65 -6.04 -26.55 23.18
N ARG A 66 -6.02 -26.93 24.45
CA ARG A 66 -5.14 -26.30 25.43
C ARG A 66 -4.30 -27.34 26.14
N SER A 67 -3.34 -26.88 26.95
CA SER A 67 -2.46 -27.77 27.69
C SER A 67 -1.74 -27.01 28.81
N LEU A 68 -0.99 -27.76 29.61
CA LEU A 68 -0.25 -27.16 30.72
C LEU A 68 1.22 -26.99 30.36
N LEU A 69 1.73 -27.90 29.55
CA LEU A 69 3.13 -27.85 29.13
C LEU A 69 4.03 -27.35 30.25
N GLU A 70 3.90 -27.96 31.42
CA GLU A 70 4.70 -27.58 32.58
C GLU A 70 5.71 -28.66 32.93
N MET A 71 6.75 -28.78 32.11
CA MET A 71 7.79 -29.78 32.34
C MET A 71 8.57 -29.47 33.61
N GLU A 72 9.42 -30.41 34.01
CA GLU A 72 10.23 -30.23 35.21
C GLU A 72 11.72 -30.38 34.89
N GLY A 73 12.55 -30.20 35.91
CA GLY A 73 13.99 -30.31 35.72
C GLY A 73 14.58 -31.51 36.42
N LYS A 74 15.79 -31.35 36.95
CA LYS A 74 16.46 -32.44 37.65
C LYS A 74 17.22 -31.91 38.87
N GLU A 75 16.81 -32.34 40.05
CA GLU A 75 17.44 -31.91 41.29
C GLU A 75 17.82 -30.44 41.23
N ASP A 76 16.96 -29.64 40.62
CA ASP A 76 17.20 -28.20 40.48
C ASP A 76 16.77 -27.47 41.75
N ALA A 77 16.98 -28.09 42.90
CA ALA A 77 16.63 -27.49 44.17
C ALA A 77 17.87 -27.13 44.99
N GLN A 78 18.32 -25.89 44.85
CA GLN A 78 19.50 -25.42 45.57
C GLN A 78 19.17 -25.14 47.02
N LYS A 79 18.48 -26.08 47.66
CA LYS A 79 18.11 -25.93 49.07
C LYS A 79 18.52 -27.15 49.88
N VAL A 80 18.59 -28.30 49.23
CA VAL A 80 18.98 -29.54 49.88
C VAL A 80 19.74 -30.45 48.93
N LEU A 81 20.38 -31.48 49.48
CA LEU A 81 21.14 -32.43 48.69
C LEU A 81 20.39 -33.75 48.54
N LYS A 82 20.35 -34.29 47.32
CA LYS A 82 19.67 -35.54 47.05
C LYS A 82 20.39 -36.33 45.97
N CYS A 83 20.84 -37.54 46.32
CA CYS A 83 21.55 -38.39 45.37
C CYS A 83 20.70 -38.62 44.11
N MET A 84 21.38 -38.71 42.97
CA MET A 84 20.69 -38.94 41.70
C MET A 84 20.63 -40.43 41.37
N TYR A 85 21.58 -41.18 41.90
CA TYR A 85 21.63 -42.63 41.67
C TYR A 85 20.41 -43.32 42.26
N CYS A 86 20.20 -43.14 43.56
CA CYS A 86 19.07 -43.75 44.24
C CYS A 86 17.92 -42.75 44.39
N GLY A 87 18.24 -41.58 44.92
CA GLY A 87 17.22 -40.55 45.12
C GLY A 87 16.86 -40.36 46.57
N HIS A 88 17.87 -40.18 47.42
CA HIS A 88 17.64 -39.98 48.84
C HIS A 88 18.01 -38.57 49.25
N SER A 89 17.15 -37.94 50.06
CA SER A 89 17.38 -36.58 50.53
C SER A 89 18.26 -36.57 51.78
N PHE A 90 19.19 -35.62 51.84
CA PHE A 90 20.08 -35.51 52.98
C PHE A 90 19.91 -34.16 53.68
N GLU A 91 20.00 -34.16 55.00
CA GLU A 91 19.86 -32.94 55.78
C GLU A 91 21.15 -32.15 55.79
N SER A 92 22.28 -32.85 55.74
CA SER A 92 23.59 -32.22 55.74
C SER A 92 24.34 -32.49 54.44
N LEU A 93 25.17 -31.54 54.04
CA LEU A 93 25.95 -31.69 52.81
C LEU A 93 26.93 -32.85 52.91
N GLN A 94 27.56 -32.97 54.08
CA GLN A 94 28.53 -34.05 54.30
C GLN A 94 27.89 -35.42 54.07
N ASP A 95 26.59 -35.50 54.32
CA ASP A 95 25.86 -36.76 54.13
C ASP A 95 25.78 -37.13 52.66
N LEU A 96 25.44 -36.13 51.83
CA LEU A 96 25.33 -36.35 50.40
C LEU A 96 26.59 -37.02 49.84
N SER A 97 27.73 -36.37 50.05
CA SER A 97 29.00 -36.91 49.57
C SER A 97 29.34 -38.22 50.27
N VAL A 98 29.29 -38.21 51.60
CA VAL A 98 29.59 -39.40 52.38
C VAL A 98 28.84 -40.61 51.85
N HIS A 99 27.59 -40.41 51.45
CA HIS A 99 26.76 -41.48 50.91
C HIS A 99 27.24 -41.89 49.53
N MET A 100 27.50 -40.90 48.68
CA MET A 100 27.96 -41.17 47.32
C MET A 100 29.14 -42.12 47.32
N ILE A 101 30.08 -41.89 48.24
CA ILE A 101 31.26 -42.74 48.34
C ILE A 101 30.95 -44.03 49.08
N LYS A 102 30.33 -43.90 50.25
CA LYS A 102 29.98 -45.06 51.06
C LYS A 102 29.26 -46.11 50.22
N THR A 103 28.56 -45.65 49.18
CA THR A 103 27.84 -46.56 48.30
C THR A 103 28.38 -46.49 46.88
N LYS A 104 29.30 -45.56 46.64
CA LYS A 104 29.91 -45.40 45.32
C LYS A 104 28.83 -45.17 44.26
N HIS A 105 27.83 -44.36 44.61
CA HIS A 105 26.74 -44.05 43.68
C HIS A 105 27.21 -43.08 42.61
N TYR A 106 27.99 -42.08 43.02
CA TYR A 106 28.50 -41.08 42.08
C TYR A 106 29.62 -41.67 41.22
N GLN A 107 30.52 -42.41 41.86
CA GLN A 107 31.65 -43.01 41.15
C GLN A 107 31.16 -43.91 40.02
N LYS A 108 29.87 -44.24 40.05
CA LYS A 108 29.27 -45.08 39.02
C LYS A 108 28.65 -44.25 37.92
N VAL A 109 29.39 -43.25 37.44
CA VAL A 109 28.92 -42.38 36.38
C VAL A 109 29.95 -42.24 35.27
N SER A 110 29.85 -43.12 34.28
CA SER A 110 30.78 -43.11 33.15
C SER A 110 32.16 -43.60 33.58
N GLY A 111 32.17 -44.66 34.38
CA GLY A 111 33.43 -45.21 34.85
C GLY A 111 34.07 -46.15 33.84
N PRO A 112 35.41 -46.13 33.77
CA PRO A 112 36.16 -46.98 32.84
C PRO A 112 36.10 -48.45 33.22
N SER A 113 36.89 -49.27 32.54
CA SER A 113 36.92 -50.71 32.79
C SER A 113 38.18 -51.34 32.20
N SER A 114 38.38 -52.62 32.49
CA SER A 114 39.55 -53.34 32.00
C SER A 114 39.25 -54.84 31.88
N GLY A 115 39.84 -55.47 30.86
CA GLY A 115 39.63 -56.89 30.66
C GLY A 115 38.86 -57.18 29.39
N GLY A 1 52.60 14.26 -35.91
CA GLY A 1 51.16 14.44 -35.97
C GLY A 1 50.46 13.27 -36.65
N SER A 2 50.47 12.12 -35.99
CA SER A 2 49.85 10.92 -36.54
C SER A 2 48.32 11.03 -36.50
N SER A 3 47.81 11.43 -35.33
CA SER A 3 46.37 11.57 -35.16
C SER A 3 46.06 12.39 -33.90
N GLY A 4 45.06 13.27 -34.00
CA GLY A 4 44.69 14.09 -32.87
C GLY A 4 43.66 13.43 -31.99
N SER A 5 43.29 14.11 -30.91
CA SER A 5 42.30 13.57 -29.97
C SER A 5 41.79 14.66 -29.04
N SER A 6 40.47 14.77 -28.93
CA SER A 6 39.85 15.77 -28.07
C SER A 6 38.37 15.45 -27.85
N GLY A 7 37.76 16.14 -26.88
CA GLY A 7 36.36 15.92 -26.59
C GLY A 7 35.91 16.62 -25.33
N LYS A 8 34.74 17.24 -25.37
CA LYS A 8 34.21 17.96 -24.22
C LYS A 8 33.44 17.01 -23.30
N LEU A 9 34.05 16.69 -22.16
CA LEU A 9 33.42 15.80 -21.19
C LEU A 9 32.48 16.56 -20.27
N TYR A 10 31.22 16.14 -20.23
CA TYR A 10 30.21 16.79 -19.39
C TYR A 10 29.74 15.84 -18.29
N GLY A 11 29.03 16.40 -17.32
CA GLY A 11 28.52 15.59 -16.22
C GLY A 11 27.89 16.42 -15.13
N SER A 12 26.95 17.29 -15.52
CA SER A 12 26.27 18.15 -14.56
C SER A 12 24.90 17.59 -14.20
N ILE A 13 24.88 16.68 -13.22
CA ILE A 13 23.63 16.07 -12.78
C ILE A 13 23.12 16.73 -11.51
N PHE A 14 21.81 16.94 -11.45
CA PHE A 14 21.20 17.56 -10.28
C PHE A 14 19.81 16.97 -10.02
N THR A 15 19.55 16.62 -8.77
CA THR A 15 18.26 16.05 -8.39
C THR A 15 18.13 15.94 -6.87
N GLY A 16 16.92 16.17 -6.37
CA GLY A 16 16.69 16.09 -4.94
C GLY A 16 15.77 14.95 -4.56
N ALA A 17 16.01 14.37 -3.39
CA ALA A 17 15.21 13.26 -2.91
C ALA A 17 13.86 13.73 -2.40
N SER A 18 12.94 12.81 -2.18
CA SER A 18 11.61 13.13 -1.69
C SER A 18 11.04 12.00 -0.85
N LYS A 19 10.46 12.35 0.30
CA LYS A 19 9.88 11.36 1.19
C LYS A 19 8.40 11.13 0.87
N PHE A 20 7.62 12.21 0.92
CA PHE A 20 6.19 12.13 0.63
C PHE A 20 5.89 12.63 -0.77
N ARG A 21 4.92 12.01 -1.43
CA ARG A 21 4.53 12.39 -2.78
C ARG A 21 3.05 12.73 -2.85
N CYS A 22 2.59 13.11 -4.04
CA CYS A 22 1.19 13.46 -4.23
C CYS A 22 0.55 12.58 -5.31
N LYS A 23 -0.07 11.50 -4.87
CA LYS A 23 -0.72 10.57 -5.78
C LYS A 23 -1.41 11.31 -6.93
N ASP A 24 -1.80 12.56 -6.66
CA ASP A 24 -2.46 13.38 -7.66
C ASP A 24 -1.44 13.97 -8.64
N CYS A 25 -0.70 14.98 -8.18
CA CYS A 25 0.30 15.63 -9.01
C CYS A 25 1.67 15.01 -8.80
N SER A 26 2.55 15.17 -9.77
CA SER A 26 3.90 14.63 -9.69
C SER A 26 4.81 15.53 -8.86
N ALA A 27 4.26 16.07 -7.78
CA ALA A 27 5.02 16.96 -6.91
C ALA A 27 5.22 16.33 -5.53
N ALA A 28 6.47 16.14 -5.15
CA ALA A 28 6.81 15.55 -3.85
C ALA A 28 7.32 16.60 -2.87
N TYR A 29 7.38 16.25 -1.60
CA TYR A 29 7.85 17.16 -0.57
C TYR A 29 8.73 16.44 0.44
N ASP A 30 9.61 17.20 1.10
CA ASP A 30 10.51 16.63 2.10
C ASP A 30 9.75 16.23 3.35
N THR A 31 8.83 17.08 3.78
CA THR A 31 8.03 16.82 4.97
C THR A 31 6.55 16.72 4.64
N LEU A 32 5.84 15.86 5.35
CA LEU A 32 4.42 15.67 5.14
C LEU A 32 3.63 16.92 5.53
N VAL A 33 3.93 17.44 6.72
CA VAL A 33 3.24 18.63 7.22
C VAL A 33 3.15 19.70 6.13
N GLU A 34 4.18 19.77 5.28
CA GLU A 34 4.21 20.75 4.20
C GLU A 34 3.33 20.29 3.03
N LEU A 35 3.43 19.00 2.70
CA LEU A 35 2.66 18.44 1.60
C LEU A 35 1.17 18.54 1.88
N THR A 36 0.75 18.04 3.04
CA THR A 36 -0.65 18.07 3.43
C THR A 36 -1.31 19.38 3.04
N VAL A 37 -0.79 20.49 3.57
CA VAL A 37 -1.32 21.80 3.27
C VAL A 37 -1.76 21.90 1.81
N HIS A 38 -0.88 21.49 0.92
CA HIS A 38 -1.18 21.53 -0.52
C HIS A 38 -2.31 20.56 -0.87
N MET A 39 -2.13 19.30 -0.51
CA MET A 39 -3.13 18.28 -0.79
C MET A 39 -4.53 18.78 -0.43
N ASN A 40 -4.67 19.35 0.76
CA ASN A 40 -5.95 19.87 1.22
C ASN A 40 -6.29 21.18 0.51
N GLU A 41 -5.37 22.13 0.58
CA GLU A 41 -5.57 23.43 -0.06
C GLU A 41 -6.11 23.26 -1.48
N THR A 42 -5.34 22.56 -2.31
CA THR A 42 -5.74 22.33 -3.70
C THR A 42 -6.87 21.30 -3.79
N GLY A 43 -6.67 20.16 -3.13
CA GLY A 43 -7.68 19.12 -3.15
C GLY A 43 -7.07 17.73 -3.16
N HIS A 44 -5.89 17.61 -3.75
CA HIS A 44 -5.19 16.33 -3.82
C HIS A 44 -5.14 15.66 -2.45
N TYR A 45 -4.81 14.37 -2.44
CA TYR A 45 -4.73 13.60 -1.20
C TYR A 45 -3.48 12.73 -1.18
N ARG A 46 -3.12 12.26 0.01
CA ARG A 46 -1.94 11.41 0.17
C ARG A 46 -1.99 10.23 -0.80
N ASP A 47 -0.96 9.39 -0.76
CA ASP A 47 -0.87 8.23 -1.63
C ASP A 47 -0.58 6.97 -0.83
N ASP A 48 -1.05 6.94 0.42
CA ASP A 48 -0.82 5.80 1.29
C ASP A 48 -2.13 5.09 1.61
N ASN A 49 -3.19 5.46 0.88
CA ASN A 49 -4.50 4.86 1.08
C ASN A 49 -4.68 3.64 0.17
N HIS A 50 -4.49 2.46 0.75
CA HIS A 50 -4.64 1.22 0.00
C HIS A 50 -6.11 0.95 -0.33
N GLU A 51 -6.60 1.58 -1.40
CA GLU A 51 -7.98 1.42 -1.82
C GLU A 51 -8.12 0.25 -2.79
N THR A 52 -6.98 -0.25 -3.26
CA THR A 52 -6.97 -1.36 -4.20
C THR A 52 -6.81 -2.70 -3.48
N ASP A 53 -7.87 -3.49 -3.47
CA ASP A 53 -7.85 -4.80 -2.82
C ASP A 53 -7.27 -5.87 -3.73
N ASN A 54 -6.42 -6.72 -3.18
CA ASN A 54 -5.80 -7.79 -3.96
C ASN A 54 -6.54 -9.11 -3.76
N ASN A 55 -6.29 -10.06 -4.67
CA ASN A 55 -6.93 -11.37 -4.60
C ASN A 55 -5.90 -12.48 -4.46
N ASN A 56 -6.07 -13.31 -3.44
CA ASN A 56 -5.15 -14.42 -3.19
C ASN A 56 -4.88 -15.20 -4.47
N PRO A 57 -3.58 -15.38 -4.80
CA PRO A 57 -3.16 -16.10 -5.99
C PRO A 57 -3.45 -17.60 -5.90
N LYS A 58 -3.90 -18.04 -4.73
CA LYS A 58 -4.21 -19.45 -4.51
C LYS A 58 -5.70 -19.70 -4.71
N ARG A 59 -6.07 -20.06 -5.94
CA ARG A 59 -7.47 -20.34 -6.28
C ARG A 59 -7.97 -21.54 -5.48
N TRP A 60 -9.29 -21.59 -5.28
CA TRP A 60 -9.91 -22.68 -4.54
C TRP A 60 -9.38 -24.03 -5.01
N SER A 61 -8.82 -24.79 -4.09
CA SER A 61 -8.26 -26.11 -4.42
C SER A 61 -9.13 -27.22 -3.83
N LYS A 62 -8.92 -28.44 -4.31
CA LYS A 62 -9.68 -29.59 -3.83
C LYS A 62 -9.49 -29.79 -2.33
N PRO A 63 -10.50 -30.38 -1.68
CA PRO A 63 -10.46 -30.64 -0.23
C PRO A 63 -9.45 -31.72 0.14
N ARG A 64 -9.42 -32.09 1.41
CA ARG A 64 -8.51 -33.12 1.90
C ARG A 64 -9.26 -34.33 2.39
N LYS A 65 -8.63 -35.50 2.26
CA LYS A 65 -9.25 -36.76 2.70
C LYS A 65 -9.92 -36.59 4.05
N ARG A 66 -11.25 -36.66 4.06
CA ARG A 66 -12.02 -36.51 5.30
C ARG A 66 -12.07 -37.83 6.05
N SER A 67 -11.07 -38.67 5.84
CA SER A 67 -11.00 -39.97 6.50
C SER A 67 -10.85 -39.80 8.01
N LEU A 68 -10.70 -40.91 8.72
CA LEU A 68 -10.56 -40.89 10.17
C LEU A 68 -11.88 -40.56 10.85
N LEU A 69 -12.97 -41.05 10.28
CA LEU A 69 -14.30 -40.81 10.83
C LEU A 69 -14.39 -41.33 12.26
N GLU A 70 -15.58 -41.20 12.85
CA GLU A 70 -15.80 -41.65 14.23
C GLU A 70 -17.28 -41.98 14.45
N MET A 71 -17.52 -43.06 15.19
CA MET A 71 -18.88 -43.48 15.49
C MET A 71 -19.23 -43.21 16.95
N GLU A 72 -20.44 -42.69 17.18
CA GLU A 72 -20.89 -42.39 18.53
C GLU A 72 -22.19 -43.12 18.85
N GLY A 73 -22.67 -42.95 20.07
CA GLY A 73 -23.91 -43.60 20.48
C GLY A 73 -24.19 -43.42 21.96
N LYS A 74 -25.44 -43.06 22.28
CA LYS A 74 -25.85 -42.86 23.66
C LYS A 74 -26.38 -44.15 24.27
N GLU A 75 -25.70 -45.25 23.98
CA GLU A 75 -26.10 -46.55 24.50
C GLU A 75 -24.93 -47.25 25.19
N ASP A 76 -24.73 -46.96 26.47
CA ASP A 76 -23.65 -47.57 27.23
C ASP A 76 -23.75 -47.18 28.70
N ALA A 77 -22.87 -47.76 29.51
CA ALA A 77 -22.85 -47.48 30.95
C ALA A 77 -24.04 -48.14 31.65
N GLN A 78 -24.26 -49.42 31.35
CA GLN A 78 -25.35 -50.16 31.95
C GLN A 78 -24.86 -51.00 33.13
N LYS A 79 -23.92 -50.45 33.88
CA LYS A 79 -23.37 -51.14 35.04
C LYS A 79 -23.41 -50.24 36.28
N VAL A 80 -23.28 -48.94 36.07
CA VAL A 80 -23.31 -47.98 37.16
C VAL A 80 -24.29 -46.84 36.88
N LEU A 81 -24.91 -46.33 37.93
CA LEU A 81 -25.86 -45.23 37.78
C LEU A 81 -25.22 -44.04 37.09
N LYS A 82 -25.78 -43.68 35.93
CA LYS A 82 -25.26 -42.55 35.16
C LYS A 82 -26.40 -41.82 34.45
N CYS A 83 -26.54 -40.53 34.74
CA CYS A 83 -27.59 -39.72 34.14
C CYS A 83 -27.45 -39.71 32.61
N MET A 84 -28.57 -39.56 31.92
CA MET A 84 -28.58 -39.52 30.46
C MET A 84 -28.62 -38.09 29.96
N TYR A 85 -29.28 -37.22 30.70
CA TYR A 85 -29.40 -35.82 30.32
C TYR A 85 -28.03 -35.20 30.07
N CYS A 86 -27.17 -35.24 31.08
CA CYS A 86 -25.83 -34.69 30.98
C CYS A 86 -24.80 -35.81 30.83
N GLY A 87 -24.86 -36.79 31.72
CA GLY A 87 -23.93 -37.90 31.68
C GLY A 87 -22.94 -37.87 32.82
N HIS A 88 -23.44 -38.03 34.04
CA HIS A 88 -22.60 -38.03 35.23
C HIS A 88 -22.73 -39.34 36.00
N SER A 89 -21.62 -39.83 36.52
CA SER A 89 -21.60 -41.08 37.27
C SER A 89 -22.06 -40.86 38.71
N PHE A 90 -22.65 -41.90 39.30
CA PHE A 90 -23.14 -41.82 40.67
C PHE A 90 -22.75 -43.05 41.47
N GLU A 91 -23.20 -43.12 42.71
CA GLU A 91 -22.90 -44.25 43.58
C GLU A 91 -24.13 -45.12 43.79
N SER A 92 -25.21 -44.50 44.25
CA SER A 92 -26.46 -45.21 44.49
C SER A 92 -27.65 -44.44 43.95
N LEU A 93 -28.82 -45.07 43.94
CA LEU A 93 -30.04 -44.44 43.45
C LEU A 93 -30.19 -43.04 44.04
N GLN A 94 -30.11 -42.95 45.36
CA GLN A 94 -30.25 -41.67 46.04
C GLN A 94 -29.43 -40.59 45.36
N ASP A 95 -28.12 -40.83 45.25
CA ASP A 95 -27.22 -39.87 44.61
C ASP A 95 -27.74 -39.49 43.23
N LEU A 96 -28.18 -40.48 42.46
CA LEU A 96 -28.69 -40.25 41.12
C LEU A 96 -29.95 -39.39 41.16
N SER A 97 -31.02 -39.93 41.75
CA SER A 97 -32.28 -39.21 41.86
C SER A 97 -32.04 -37.74 42.13
N VAL A 98 -31.48 -37.44 43.31
CA VAL A 98 -31.20 -36.06 43.70
C VAL A 98 -30.79 -35.22 42.49
N HIS A 99 -29.58 -35.47 41.99
CA HIS A 99 -29.08 -34.74 40.84
C HIS A 99 -30.19 -34.46 39.83
N MET A 100 -30.80 -35.53 39.33
CA MET A 100 -31.89 -35.41 38.36
C MET A 100 -32.91 -34.38 38.82
N ILE A 101 -33.17 -34.34 40.12
CA ILE A 101 -34.13 -33.40 40.69
C ILE A 101 -33.53 -32.01 40.80
N LYS A 102 -32.47 -31.87 41.59
CA LYS A 102 -31.81 -30.60 41.77
C LYS A 102 -31.54 -29.91 40.44
N THR A 103 -31.33 -30.73 39.41
CA THR A 103 -31.06 -30.21 38.07
C THR A 103 -32.27 -30.39 37.16
N LYS A 104 -33.19 -31.24 37.57
CA LYS A 104 -34.41 -31.50 36.80
C LYS A 104 -34.06 -32.08 35.43
N HIS A 105 -33.22 -33.11 35.43
CA HIS A 105 -32.81 -33.76 34.18
C HIS A 105 -33.80 -34.86 33.80
N TYR A 106 -34.51 -35.38 34.79
CA TYR A 106 -35.48 -36.44 34.56
C TYR A 106 -36.90 -35.87 34.48
N GLN A 107 -37.02 -34.57 34.73
CA GLN A 107 -38.31 -33.90 34.70
C GLN A 107 -38.50 -33.13 33.39
N LYS A 108 -37.74 -33.52 32.37
CA LYS A 108 -37.82 -32.88 31.06
C LYS A 108 -38.27 -33.87 30.00
N VAL A 109 -38.05 -35.15 30.26
CA VAL A 109 -38.43 -36.19 29.32
C VAL A 109 -39.95 -36.35 29.26
N SER A 110 -40.64 -35.81 30.27
CA SER A 110 -42.09 -35.89 30.33
C SER A 110 -42.72 -34.54 30.00
N GLY A 111 -44.06 -34.52 29.96
CA GLY A 111 -44.77 -33.29 29.66
C GLY A 111 -45.82 -32.96 30.69
N PRO A 112 -45.94 -31.67 31.03
CA PRO A 112 -46.92 -31.20 32.02
C PRO A 112 -48.35 -31.29 31.50
N SER A 113 -49.28 -30.68 32.23
CA SER A 113 -50.70 -30.70 31.86
C SER A 113 -51.28 -29.30 31.88
N SER A 114 -52.52 -29.17 31.42
CA SER A 114 -53.20 -27.89 31.38
C SER A 114 -54.47 -27.92 32.22
N GLY A 115 -55.16 -26.77 32.30
CA GLY A 115 -56.38 -26.69 33.08
C GLY A 115 -57.55 -26.22 32.24
N GLY A 1 51.21 25.11 -34.89
CA GLY A 1 51.31 26.16 -33.90
C GLY A 1 49.96 26.53 -33.32
N SER A 2 49.13 25.53 -33.04
CA SER A 2 47.80 25.76 -32.49
C SER A 2 47.88 26.65 -31.26
N SER A 3 46.82 27.41 -31.02
CA SER A 3 46.76 28.32 -29.88
C SER A 3 46.31 27.58 -28.61
N GLY A 4 45.14 26.94 -28.71
CA GLY A 4 44.61 26.21 -27.58
C GLY A 4 44.42 27.09 -26.36
N SER A 5 43.18 27.50 -26.12
CA SER A 5 42.87 28.35 -24.97
C SER A 5 41.52 27.98 -24.37
N SER A 6 41.49 27.84 -23.04
CA SER A 6 40.27 27.48 -22.34
C SER A 6 40.47 27.55 -20.83
N GLY A 7 39.36 27.65 -20.09
CA GLY A 7 39.43 27.72 -18.66
C GLY A 7 38.07 27.64 -17.99
N LYS A 8 37.71 26.44 -17.54
CA LYS A 8 36.42 26.23 -16.88
C LYS A 8 36.59 25.42 -15.61
N LEU A 9 35.51 25.30 -14.84
CA LEU A 9 35.53 24.54 -13.60
C LEU A 9 34.27 23.69 -13.44
N TYR A 10 34.30 22.76 -12.49
CA TYR A 10 33.16 21.88 -12.26
C TYR A 10 32.60 22.10 -10.85
N GLY A 11 31.28 22.03 -10.73
CA GLY A 11 30.64 22.22 -9.44
C GLY A 11 29.16 21.90 -9.48
N SER A 12 28.79 20.76 -8.88
CA SER A 12 27.40 20.34 -8.84
C SER A 12 27.21 19.13 -7.93
N ILE A 13 26.56 19.36 -6.80
CA ILE A 13 26.32 18.29 -5.83
C ILE A 13 24.92 17.73 -5.96
N PHE A 14 24.77 16.43 -5.73
CA PHE A 14 23.48 15.77 -5.82
C PHE A 14 22.64 16.03 -4.58
N THR A 15 21.64 16.89 -4.72
CA THR A 15 20.76 17.24 -3.61
C THR A 15 19.32 17.44 -4.08
N GLY A 16 18.42 16.59 -3.61
CA GLY A 16 17.02 16.70 -4.00
C GLY A 16 16.25 15.43 -3.71
N ALA A 17 16.07 15.14 -2.42
CA ALA A 17 15.34 13.94 -2.01
C ALA A 17 13.91 14.29 -1.58
N SER A 18 13.02 13.32 -1.68
CA SER A 18 11.62 13.52 -1.31
C SER A 18 11.06 12.30 -0.58
N LYS A 19 10.58 12.51 0.64
CA LYS A 19 10.01 11.44 1.43
C LYS A 19 8.60 11.09 0.96
N PHE A 20 7.70 12.07 1.04
CA PHE A 20 6.32 11.87 0.62
C PHE A 20 6.15 12.18 -0.86
N ARG A 21 4.95 11.92 -1.38
CA ARG A 21 4.65 12.17 -2.78
C ARG A 21 3.17 12.43 -2.99
N CYS A 22 2.83 13.13 -4.07
CA CYS A 22 1.44 13.44 -4.38
C CYS A 22 0.95 12.62 -5.58
N LYS A 23 -0.18 11.95 -5.41
CA LYS A 23 -0.75 11.14 -6.48
C LYS A 23 -1.27 12.01 -7.61
N ASP A 24 -2.25 12.86 -7.30
CA ASP A 24 -2.83 13.75 -8.30
C ASP A 24 -1.75 14.41 -9.13
N CYS A 25 -0.99 15.30 -8.52
CA CYS A 25 0.08 16.01 -9.21
C CYS A 25 1.42 15.28 -9.04
N SER A 26 2.37 15.59 -9.91
CA SER A 26 3.67 14.96 -9.87
C SER A 26 4.66 15.79 -9.03
N ALA A 27 4.16 16.31 -7.92
CA ALA A 27 4.99 17.13 -7.04
C ALA A 27 5.17 16.46 -5.68
N ALA A 28 6.42 16.19 -5.32
CA ALA A 28 6.73 15.55 -4.05
C ALA A 28 7.24 16.57 -3.03
N TYR A 29 7.31 16.14 -1.77
CA TYR A 29 7.77 17.02 -0.70
C TYR A 29 8.68 16.26 0.27
N ASP A 30 9.35 17.01 1.15
CA ASP A 30 10.25 16.41 2.13
C ASP A 30 9.52 16.12 3.44
N THR A 31 8.68 17.06 3.86
CA THR A 31 7.93 16.92 5.10
C THR A 31 6.44 16.82 4.82
N LEU A 32 5.74 16.04 5.64
CA LEU A 32 4.30 15.86 5.49
C LEU A 32 3.56 17.18 5.66
N VAL A 33 3.84 17.87 6.77
CA VAL A 33 3.20 19.15 7.05
C VAL A 33 3.19 20.05 5.82
N GLU A 34 4.22 19.91 4.99
CA GLU A 34 4.34 20.71 3.78
C GLU A 34 3.45 20.15 2.67
N LEU A 35 3.32 18.83 2.65
CA LEU A 35 2.50 18.16 1.64
C LEU A 35 1.01 18.32 1.96
N THR A 36 0.62 17.92 3.16
CA THR A 36 -0.77 18.02 3.58
C THR A 36 -1.37 19.37 3.19
N VAL A 37 -0.84 20.44 3.79
CA VAL A 37 -1.33 21.79 3.50
C VAL A 37 -1.65 21.94 2.02
N HIS A 38 -0.85 21.31 1.17
CA HIS A 38 -1.04 21.38 -0.28
C HIS A 38 -2.14 20.42 -0.72
N MET A 39 -2.18 19.23 -0.11
CA MET A 39 -3.18 18.23 -0.46
C MET A 39 -4.58 18.77 -0.19
N ASN A 40 -4.73 19.54 0.88
CA ASN A 40 -6.03 20.11 1.24
C ASN A 40 -6.29 21.41 0.47
N GLU A 41 -5.27 22.27 0.43
CA GLU A 41 -5.39 23.54 -0.27
C GLU A 41 -5.83 23.34 -1.71
N THR A 42 -5.23 22.34 -2.37
CA THR A 42 -5.55 22.04 -3.76
C THR A 42 -6.66 21.00 -3.85
N GLY A 43 -6.54 19.95 -3.06
CA GLY A 43 -7.54 18.89 -3.06
C GLY A 43 -6.92 17.51 -3.14
N HIS A 44 -5.75 17.42 -3.75
CA HIS A 44 -5.06 16.14 -3.89
C HIS A 44 -5.04 15.39 -2.56
N TYR A 45 -4.83 14.08 -2.63
CA TYR A 45 -4.79 13.24 -1.44
C TYR A 45 -3.53 12.36 -1.43
N ARG A 46 -3.18 11.86 -0.25
CA ARG A 46 -2.01 11.00 -0.11
C ARG A 46 -2.08 9.82 -1.07
N ASP A 47 -1.11 9.74 -1.98
CA ASP A 47 -1.06 8.66 -2.96
C ASP A 47 -1.31 7.31 -2.30
N ASP A 48 -0.51 7.00 -1.27
CA ASP A 48 -0.65 5.75 -0.55
C ASP A 48 -1.56 5.91 0.67
N ASN A 49 -2.11 4.80 1.13
CA ASN A 49 -3.01 4.82 2.28
C ASN A 49 -3.14 3.42 2.90
N HIS A 50 -3.13 3.36 4.22
CA HIS A 50 -3.25 2.09 4.93
C HIS A 50 -4.70 1.63 4.97
N GLU A 51 -5.05 0.72 4.07
CA GLU A 51 -6.42 0.20 4.00
C GLU A 51 -6.42 -1.27 3.61
N THR A 52 -7.51 -1.96 3.93
CA THR A 52 -7.64 -3.38 3.60
C THR A 52 -8.76 -3.62 2.59
N ASP A 53 -8.56 -4.62 1.74
CA ASP A 53 -9.56 -4.96 0.72
C ASP A 53 -10.90 -5.31 1.37
N ASN A 54 -11.96 -4.66 0.92
CA ASN A 54 -13.29 -4.92 1.45
C ASN A 54 -13.60 -6.41 1.49
N ASN A 55 -14.26 -6.85 2.56
CA ASN A 55 -14.60 -8.25 2.71
C ASN A 55 -16.03 -8.53 2.24
N ASN A 56 -16.16 -9.18 1.10
CA ASN A 56 -17.48 -9.49 0.54
C ASN A 56 -17.56 -10.96 0.15
N PRO A 57 -17.88 -11.82 1.13
CA PRO A 57 -18.00 -13.26 0.91
C PRO A 57 -19.22 -13.62 0.06
N LYS A 58 -20.03 -12.61 -0.25
CA LYS A 58 -21.23 -12.82 -1.06
C LYS A 58 -20.91 -12.72 -2.54
N ARG A 59 -19.71 -13.16 -2.91
CA ARG A 59 -19.29 -13.13 -4.31
C ARG A 59 -18.66 -14.46 -4.72
N TRP A 60 -19.51 -15.40 -5.13
CA TRP A 60 -19.04 -16.72 -5.54
C TRP A 60 -19.49 -17.04 -6.96
N SER A 61 -18.75 -17.92 -7.64
CA SER A 61 -19.09 -18.29 -9.01
C SER A 61 -18.96 -19.81 -9.20
N LYS A 62 -19.83 -20.37 -10.01
CA LYS A 62 -19.82 -21.80 -10.27
C LYS A 62 -18.63 -22.18 -11.16
N PRO A 63 -18.16 -23.43 -11.02
CA PRO A 63 -17.02 -23.94 -11.79
C PRO A 63 -17.38 -24.15 -13.26
N ARG A 64 -16.42 -24.67 -14.02
CA ARG A 64 -16.63 -24.91 -15.44
C ARG A 64 -16.26 -26.35 -15.81
N LYS A 65 -17.01 -26.93 -16.74
CA LYS A 65 -16.76 -28.29 -17.18
C LYS A 65 -15.82 -28.32 -18.38
N ARG A 66 -14.85 -29.23 -18.35
CA ARG A 66 -13.88 -29.36 -19.43
C ARG A 66 -14.18 -30.59 -20.28
N SER A 67 -13.36 -30.80 -21.31
CA SER A 67 -13.54 -31.94 -22.21
C SER A 67 -12.64 -33.10 -21.79
N LEU A 68 -13.25 -34.27 -21.61
CA LEU A 68 -12.51 -35.46 -21.22
C LEU A 68 -12.52 -36.51 -22.34
N LEU A 69 -12.39 -36.04 -23.57
CA LEU A 69 -12.38 -36.92 -24.73
C LEU A 69 -11.73 -38.26 -24.39
N GLU A 70 -12.25 -39.33 -24.98
CA GLU A 70 -11.71 -40.67 -24.73
C GLU A 70 -10.99 -41.21 -25.96
N MET A 71 -9.80 -41.76 -25.76
CA MET A 71 -9.02 -42.31 -26.86
C MET A 71 -9.63 -43.61 -27.37
N GLU A 72 -9.01 -44.18 -28.40
CA GLU A 72 -9.51 -45.43 -28.98
C GLU A 72 -8.42 -46.50 -28.97
N GLY A 73 -8.77 -47.70 -29.42
CA GLY A 73 -7.81 -48.78 -29.46
C GLY A 73 -7.72 -49.43 -30.83
N LYS A 74 -6.64 -49.15 -31.54
CA LYS A 74 -6.43 -49.70 -32.87
C LYS A 74 -4.96 -50.09 -33.08
N GLU A 75 -4.74 -51.35 -33.45
CA GLU A 75 -3.39 -51.85 -33.67
C GLU A 75 -2.41 -51.26 -32.66
N ASP A 76 -2.82 -51.27 -31.39
CA ASP A 76 -1.98 -50.73 -30.32
C ASP A 76 -1.02 -51.80 -29.80
N ALA A 77 -0.18 -51.42 -28.85
CA ALA A 77 0.79 -52.34 -28.27
C ALA A 77 0.09 -53.50 -27.56
N GLN A 78 -0.45 -54.43 -28.34
CA GLN A 78 -1.14 -55.58 -27.78
C GLN A 78 -0.28 -56.84 -27.89
N LYS A 79 -0.79 -57.94 -27.34
CA LYS A 79 -0.07 -59.21 -27.37
C LYS A 79 0.61 -59.41 -28.72
N VAL A 80 0.04 -58.82 -29.77
CA VAL A 80 0.59 -58.94 -31.11
C VAL A 80 0.12 -57.78 -32.00
N LEU A 81 0.72 -57.69 -33.18
CA LEU A 81 0.37 -56.63 -34.12
C LEU A 81 -0.30 -57.20 -35.37
N LYS A 82 -1.19 -56.41 -35.97
CA LYS A 82 -1.91 -56.85 -37.17
C LYS A 82 -2.17 -55.66 -38.10
N CYS A 83 -1.73 -55.80 -39.35
CA CYS A 83 -1.91 -54.75 -40.34
C CYS A 83 -3.40 -54.45 -40.55
N MET A 84 -3.69 -53.24 -41.00
CA MET A 84 -5.07 -52.82 -41.25
C MET A 84 -5.43 -52.97 -42.72
N TYR A 85 -4.43 -52.84 -43.59
CA TYR A 85 -4.64 -52.95 -45.03
C TYR A 85 -4.81 -54.41 -45.43
N CYS A 86 -3.70 -55.15 -45.41
CA CYS A 86 -3.72 -56.57 -45.78
C CYS A 86 -4.24 -57.42 -44.63
N GLY A 87 -3.80 -57.11 -43.42
CA GLY A 87 -4.24 -57.86 -42.25
C GLY A 87 -3.40 -59.09 -42.01
N HIS A 88 -2.23 -58.91 -41.42
CA HIS A 88 -1.34 -60.02 -41.12
C HIS A 88 -0.70 -59.87 -39.74
N SER A 89 -0.65 -60.96 -38.99
CA SER A 89 -0.08 -60.94 -37.65
C SER A 89 1.44 -61.08 -37.71
N PHE A 90 2.13 -60.21 -36.98
CA PHE A 90 3.59 -60.22 -36.95
C PHE A 90 4.10 -60.62 -35.57
N GLU A 91 5.22 -61.34 -35.54
CA GLU A 91 5.80 -61.79 -34.29
C GLU A 91 6.34 -60.60 -33.48
N SER A 92 7.02 -59.69 -34.17
CA SER A 92 7.58 -58.51 -33.51
C SER A 92 6.94 -57.23 -34.06
N LEU A 93 7.11 -56.14 -33.32
CA LEU A 93 6.54 -54.85 -33.73
C LEU A 93 7.31 -54.28 -34.91
N GLN A 94 8.63 -54.33 -34.84
CA GLN A 94 9.48 -53.81 -35.92
C GLN A 94 9.01 -54.33 -37.28
N ASP A 95 8.69 -55.61 -37.34
CA ASP A 95 8.22 -56.22 -38.58
C ASP A 95 7.00 -55.49 -39.13
N LEU A 96 6.05 -55.18 -38.23
CA LEU A 96 4.84 -54.48 -38.62
C LEU A 96 5.16 -53.17 -39.33
N SER A 97 6.03 -52.37 -38.70
CA SER A 97 6.42 -51.08 -39.27
C SER A 97 7.08 -51.27 -40.63
N VAL A 98 8.26 -51.90 -40.65
CA VAL A 98 8.98 -52.14 -41.88
C VAL A 98 8.08 -52.77 -42.93
N HIS A 99 7.08 -53.52 -42.48
CA HIS A 99 6.14 -54.19 -43.37
C HIS A 99 5.31 -53.16 -44.15
N MET A 100 4.66 -52.27 -43.43
CA MET A 100 3.83 -51.23 -44.05
C MET A 100 4.60 -50.52 -45.15
N ILE A 101 5.65 -49.81 -44.76
CA ILE A 101 6.48 -49.07 -45.72
C ILE A 101 6.85 -49.96 -46.90
N LYS A 102 7.19 -51.20 -46.62
CA LYS A 102 7.57 -52.14 -47.67
C LYS A 102 6.40 -52.40 -48.62
N THR A 103 5.20 -52.50 -48.06
CA THR A 103 4.00 -52.74 -48.86
C THR A 103 3.15 -51.48 -48.95
N LYS A 104 3.76 -50.34 -48.70
CA LYS A 104 3.05 -49.06 -48.77
C LYS A 104 1.61 -49.22 -48.32
N HIS A 105 1.41 -49.97 -47.24
CA HIS A 105 0.07 -50.19 -46.71
C HIS A 105 -0.38 -49.00 -45.85
N TYR A 106 0.56 -48.43 -45.11
CA TYR A 106 0.26 -47.29 -44.24
C TYR A 106 -0.43 -46.18 -45.04
N GLN A 107 0.04 -45.97 -46.26
CA GLN A 107 -0.53 -44.92 -47.12
C GLN A 107 -1.86 -45.39 -47.72
N LYS A 108 -1.87 -46.60 -48.24
CA LYS A 108 -3.09 -47.16 -48.84
C LYS A 108 -3.93 -47.88 -47.80
N VAL A 109 -5.09 -47.29 -47.49
CA VAL A 109 -6.00 -47.87 -46.50
C VAL A 109 -7.38 -48.10 -47.11
N SER A 110 -7.84 -47.15 -47.92
CA SER A 110 -9.14 -47.26 -48.56
C SER A 110 -9.26 -46.27 -49.72
N GLY A 111 -10.06 -46.64 -50.72
CA GLY A 111 -10.24 -45.78 -51.87
C GLY A 111 -11.61 -45.11 -51.88
N PRO A 112 -11.65 -43.86 -52.38
CA PRO A 112 -12.90 -43.09 -52.45
C PRO A 112 -13.85 -43.64 -53.51
N SER A 113 -15.01 -43.00 -53.65
CA SER A 113 -16.01 -43.43 -54.62
C SER A 113 -16.80 -42.24 -55.14
N SER A 114 -17.63 -42.48 -56.15
CA SER A 114 -18.44 -41.44 -56.75
C SER A 114 -19.66 -42.01 -57.44
N GLY A 115 -20.55 -41.14 -57.91
CA GLY A 115 -21.76 -41.59 -58.59
C GLY A 115 -22.97 -40.78 -58.20
N GLY A 1 58.11 28.12 -13.03
CA GLY A 1 57.61 29.46 -12.80
C GLY A 1 56.10 29.52 -12.86
N SER A 2 55.46 29.36 -11.70
CA SER A 2 54.01 29.39 -11.62
C SER A 2 53.55 29.81 -10.22
N SER A 3 52.24 29.94 -10.05
CA SER A 3 51.68 30.34 -8.76
C SER A 3 50.66 29.31 -8.28
N GLY A 4 49.77 28.88 -9.17
CA GLY A 4 48.77 27.90 -8.81
C GLY A 4 47.70 28.48 -7.91
N SER A 5 46.72 29.16 -8.50
CA SER A 5 45.63 29.77 -7.75
C SER A 5 44.33 29.00 -7.95
N SER A 6 43.95 28.22 -6.95
CA SER A 6 42.72 27.43 -7.02
C SER A 6 42.23 27.07 -5.62
N GLY A 7 41.06 27.59 -5.25
CA GLY A 7 40.51 27.30 -3.94
C GLY A 7 38.99 27.33 -3.94
N LYS A 8 38.38 26.21 -3.57
CA LYS A 8 36.93 26.10 -3.53
C LYS A 8 36.49 25.12 -2.43
N LEU A 9 35.82 25.65 -1.42
CA LEU A 9 35.34 24.83 -0.31
C LEU A 9 34.79 23.50 -0.82
N TYR A 10 34.99 22.44 -0.04
CA TYR A 10 34.50 21.12 -0.40
C TYR A 10 32.99 21.02 -0.26
N GLY A 11 32.30 20.85 -1.38
CA GLY A 11 30.86 20.74 -1.35
C GLY A 11 30.34 19.63 -2.24
N SER A 12 29.47 19.97 -3.18
CA SER A 12 28.90 18.99 -4.09
C SER A 12 28.22 17.85 -3.30
N ILE A 13 27.45 18.23 -2.29
CA ILE A 13 26.73 17.26 -1.47
C ILE A 13 25.26 17.19 -1.84
N PHE A 14 24.75 15.98 -1.99
CA PHE A 14 23.35 15.78 -2.35
C PHE A 14 22.44 16.07 -1.17
N THR A 15 21.57 17.05 -1.32
CA THR A 15 20.64 17.43 -0.25
C THR A 15 19.24 17.67 -0.80
N GLY A 16 18.27 16.92 -0.30
CA GLY A 16 16.90 17.07 -0.75
C GLY A 16 16.30 15.76 -1.21
N ALA A 17 16.00 14.87 -0.26
CA ALA A 17 15.42 13.58 -0.58
C ALA A 17 13.91 13.69 -0.77
N SER A 18 13.29 12.58 -1.16
CA SER A 18 11.84 12.56 -1.38
C SER A 18 11.17 11.56 -0.45
N LYS A 19 10.59 12.07 0.62
CA LYS A 19 9.90 11.22 1.60
C LYS A 19 8.44 11.02 1.20
N PHE A 20 7.70 12.12 1.09
CA PHE A 20 6.29 12.06 0.72
C PHE A 20 6.10 12.43 -0.74
N ARG A 21 5.01 11.94 -1.33
CA ARG A 21 4.72 12.23 -2.74
C ARG A 21 3.21 12.41 -2.95
N CYS A 22 2.85 13.36 -3.80
CA CYS A 22 1.44 13.63 -4.09
C CYS A 22 0.88 12.60 -5.08
N LYS A 23 -0.26 12.03 -4.74
CA LYS A 23 -0.91 11.04 -5.59
C LYS A 23 -1.92 11.70 -6.53
N ASP A 24 -1.71 12.99 -6.80
CA ASP A 24 -2.60 13.74 -7.67
C ASP A 24 -1.82 14.42 -8.78
N CYS A 25 -0.81 15.20 -8.39
CA CYS A 25 0.03 15.91 -9.35
C CYS A 25 1.44 15.34 -9.38
N SER A 26 2.30 15.94 -10.21
CA SER A 26 3.68 15.49 -10.33
C SER A 26 4.58 16.24 -9.35
N ALA A 27 4.06 16.53 -8.17
CA ALA A 27 4.81 17.24 -7.15
C ALA A 27 5.00 16.39 -5.91
N ALA A 28 6.09 16.63 -5.18
CA ALA A 28 6.40 15.88 -3.98
C ALA A 28 7.06 16.76 -2.92
N TYR A 29 7.20 16.24 -1.72
CA TYR A 29 7.81 16.98 -0.62
C TYR A 29 8.56 16.04 0.33
N ASP A 30 9.28 16.63 1.27
CA ASP A 30 10.04 15.85 2.25
C ASP A 30 9.27 15.71 3.56
N THR A 31 8.65 16.81 3.99
CA THR A 31 7.88 16.81 5.23
C THR A 31 6.38 16.85 4.94
N LEU A 32 5.63 16.00 5.63
CA LEU A 32 4.18 15.95 5.46
C LEU A 32 3.56 17.33 5.64
N VAL A 33 3.81 17.95 6.79
CA VAL A 33 3.29 19.27 7.09
C VAL A 33 3.37 20.18 5.87
N GLU A 34 4.30 19.87 4.97
CA GLU A 34 4.49 20.67 3.76
C GLU A 34 3.63 20.12 2.62
N LEU A 35 3.43 18.81 2.61
CA LEU A 35 2.63 18.16 1.57
C LEU A 35 1.14 18.39 1.81
N THR A 36 0.70 18.13 3.04
CA THR A 36 -0.69 18.30 3.41
C THR A 36 -1.22 19.67 2.97
N VAL A 37 -0.65 20.72 3.54
CA VAL A 37 -1.05 22.08 3.21
C VAL A 37 -1.38 22.21 1.72
N HIS A 38 -0.69 21.42 0.90
CA HIS A 38 -0.92 21.45 -0.54
C HIS A 38 -2.04 20.50 -0.93
N MET A 39 -2.07 19.33 -0.30
CA MET A 39 -3.10 18.33 -0.57
C MET A 39 -4.47 18.82 -0.14
N ASN A 40 -4.56 19.25 1.12
CA ASN A 40 -5.83 19.75 1.66
C ASN A 40 -6.28 21.01 0.92
N GLU A 41 -5.32 21.75 0.39
CA GLU A 41 -5.62 22.97 -0.34
C GLU A 41 -6.13 22.66 -1.75
N THR A 42 -5.23 22.20 -2.62
CA THR A 42 -5.58 21.86 -3.98
C THR A 42 -6.54 20.67 -4.03
N GLY A 43 -6.81 20.09 -2.87
CA GLY A 43 -7.70 18.94 -2.79
C GLY A 43 -6.97 17.63 -2.96
N HIS A 44 -5.75 17.70 -3.50
CA HIS A 44 -4.95 16.50 -3.71
C HIS A 44 -4.80 15.71 -2.42
N TYR A 45 -4.05 14.61 -2.48
CA TYR A 45 -3.84 13.75 -1.32
C TYR A 45 -2.56 12.94 -1.47
N ARG A 46 -2.30 12.07 -0.50
CA ARG A 46 -1.12 11.22 -0.52
C ARG A 46 -1.48 9.79 -0.91
N ASP A 47 -0.50 9.05 -1.40
CA ASP A 47 -0.71 7.66 -1.80
C ASP A 47 -0.28 6.70 -0.70
N ASP A 48 -1.09 6.61 0.36
CA ASP A 48 -0.79 5.73 1.47
C ASP A 48 -0.95 4.26 1.08
N ASN A 49 -0.36 3.37 1.85
CA ASN A 49 -0.44 1.94 1.59
C ASN A 49 -1.71 1.35 2.18
N HIS A 50 -2.54 0.79 1.31
CA HIS A 50 -3.81 0.19 1.73
C HIS A 50 -3.66 -1.33 1.84
N GLU A 51 -2.53 -1.78 2.38
CA GLU A 51 -2.29 -3.21 2.54
C GLU A 51 -2.45 -3.94 1.21
N THR A 52 -1.95 -3.33 0.14
CA THR A 52 -2.05 -3.93 -1.19
C THR A 52 -1.35 -5.28 -1.25
N ASP A 53 -2.05 -6.28 -1.74
CA ASP A 53 -1.50 -7.62 -1.85
C ASP A 53 -0.27 -7.64 -2.75
N ASN A 54 0.83 -8.19 -2.23
CA ASN A 54 2.07 -8.25 -3.00
C ASN A 54 2.48 -9.70 -3.22
N ASN A 55 2.79 -10.04 -4.47
CA ASN A 55 3.21 -11.39 -4.83
C ASN A 55 4.58 -11.38 -5.49
N ASN A 56 5.57 -11.92 -4.79
CA ASN A 56 6.93 -11.97 -5.31
C ASN A 56 7.32 -13.40 -5.66
N PRO A 57 7.50 -13.68 -6.96
CA PRO A 57 7.88 -15.00 -7.46
C PRO A 57 9.30 -15.38 -7.08
N LYS A 58 10.01 -14.43 -6.45
CA LYS A 58 11.39 -14.66 -6.04
C LYS A 58 11.46 -15.01 -4.56
N ARG A 59 11.89 -16.24 -4.26
CA ARG A 59 12.00 -16.69 -2.88
C ARG A 59 12.56 -15.59 -1.99
N TRP A 60 12.17 -15.61 -0.72
CA TRP A 60 12.62 -14.60 0.24
C TRP A 60 13.71 -15.16 1.15
N SER A 61 14.33 -14.30 1.95
CA SER A 61 15.38 -14.72 2.85
C SER A 61 14.87 -14.79 4.28
N LYS A 62 15.76 -15.14 5.21
CA LYS A 62 15.39 -15.25 6.62
C LYS A 62 16.00 -14.10 7.43
N PRO A 63 15.25 -13.63 8.44
CA PRO A 63 15.69 -12.53 9.31
C PRO A 63 16.84 -12.95 10.22
N ARG A 64 17.28 -12.02 11.06
CA ARG A 64 18.37 -12.29 11.98
C ARG A 64 17.83 -12.77 13.33
N LYS A 65 18.74 -13.05 14.26
CA LYS A 65 18.37 -13.53 15.59
C LYS A 65 17.86 -12.38 16.45
N ARG A 66 17.28 -12.72 17.60
CA ARG A 66 16.75 -11.71 18.52
C ARG A 66 17.25 -11.96 19.94
N SER A 67 16.82 -11.11 20.86
CA SER A 67 17.23 -11.23 22.25
C SER A 67 16.03 -11.54 23.14
N LEU A 68 16.31 -12.05 24.35
CA LEU A 68 15.25 -12.39 25.29
C LEU A 68 15.38 -11.57 26.57
N LEU A 69 15.10 -10.27 26.46
CA LEU A 69 15.18 -9.38 27.62
C LEU A 69 14.23 -9.83 28.72
N GLU A 70 14.25 -9.11 29.83
CA GLU A 70 13.39 -9.44 30.97
C GLU A 70 12.65 -8.19 31.46
N MET A 71 11.36 -8.36 31.75
CA MET A 71 10.54 -7.25 32.23
C MET A 71 10.20 -7.44 33.71
N GLU A 72 9.52 -6.44 34.27
CA GLU A 72 9.13 -6.49 35.68
C GLU A 72 7.62 -6.29 35.84
N GLY A 73 7.16 -6.26 37.08
CA GLY A 73 5.75 -6.09 37.35
C GLY A 73 5.24 -4.72 36.92
N LYS A 74 4.76 -3.94 37.88
CA LYS A 74 4.25 -2.60 37.59
C LYS A 74 5.08 -1.54 38.30
N GLU A 75 6.40 -1.75 38.33
CA GLU A 75 7.31 -0.82 38.97
C GLU A 75 6.61 -0.05 40.09
N ASP A 76 5.84 -0.78 40.90
CA ASP A 76 5.12 -0.18 42.01
C ASP A 76 4.63 -1.24 42.99
N ALA A 77 4.00 -0.80 44.07
CA ALA A 77 3.48 -1.72 45.07
C ALA A 77 4.57 -2.65 45.59
N GLN A 78 5.69 -2.06 46.02
CA GLN A 78 6.81 -2.84 46.53
C GLN A 78 7.01 -2.58 48.03
N LYS A 79 7.11 -1.31 48.39
CA LYS A 79 7.29 -0.93 49.79
C LYS A 79 6.36 0.21 50.17
N VAL A 80 5.08 0.05 49.84
CA VAL A 80 4.07 1.07 50.16
C VAL A 80 2.67 0.59 49.77
N LEU A 81 1.69 0.98 50.57
CA LEU A 81 0.30 0.60 50.31
C LEU A 81 -0.35 1.54 49.29
N LYS A 82 -0.43 1.08 48.05
CA LYS A 82 -1.03 1.88 46.98
C LYS A 82 -2.07 1.07 46.22
N CYS A 83 -3.20 1.71 45.91
CA CYS A 83 -4.28 1.04 45.18
C CYS A 83 -4.10 1.23 43.67
N MET A 84 -3.63 0.19 43.00
CA MET A 84 -3.43 0.24 41.56
C MET A 84 -4.64 0.83 40.86
N TYR A 85 -5.82 0.32 41.20
CA TYR A 85 -7.06 0.81 40.60
C TYR A 85 -7.01 2.31 40.36
N CYS A 86 -6.95 3.07 41.45
CA CYS A 86 -6.90 4.53 41.36
C CYS A 86 -5.47 5.03 41.57
N GLY A 87 -4.85 4.59 42.67
CA GLY A 87 -3.49 5.01 42.97
C GLY A 87 -3.42 5.94 44.15
N HIS A 88 -3.86 5.47 45.31
CA HIS A 88 -3.84 6.27 46.53
C HIS A 88 -2.94 5.64 47.59
N SER A 89 -1.76 6.22 47.80
CA SER A 89 -0.81 5.71 48.77
C SER A 89 -1.39 5.79 50.18
N PHE A 90 -1.02 4.83 51.02
CA PHE A 90 -1.50 4.79 52.39
C PHE A 90 -0.34 4.57 53.37
N GLU A 91 -0.67 4.51 54.65
CA GLU A 91 0.34 4.31 55.69
C GLU A 91 0.10 3.00 56.44
N SER A 92 -1.16 2.69 56.67
CA SER A 92 -1.54 1.47 57.39
C SER A 92 -2.35 0.54 56.50
N LEU A 93 -2.21 -0.76 56.71
CA LEU A 93 -2.93 -1.75 55.93
C LEU A 93 -4.43 -1.45 55.93
N GLN A 94 -4.98 -1.19 57.12
CA GLN A 94 -6.40 -0.89 57.25
C GLN A 94 -6.85 0.10 56.18
N ASP A 95 -6.33 1.32 56.26
CA ASP A 95 -6.68 2.37 55.30
C ASP A 95 -6.84 1.78 53.90
N LEU A 96 -6.09 0.71 53.62
CA LEU A 96 -6.15 0.06 52.32
C LEU A 96 -7.26 -0.99 52.28
N SER A 97 -7.18 -1.95 53.20
CA SER A 97 -8.18 -3.01 53.27
C SER A 97 -9.59 -2.44 53.34
N VAL A 98 -9.68 -1.16 53.71
CA VAL A 98 -10.98 -0.50 53.82
C VAL A 98 -11.29 0.28 52.53
N HIS A 99 -10.33 1.05 52.06
CA HIS A 99 -10.50 1.85 50.85
C HIS A 99 -11.12 1.00 49.73
N MET A 100 -10.52 -0.16 49.49
CA MET A 100 -11.01 -1.06 48.45
C MET A 100 -12.51 -1.32 48.61
N ILE A 101 -12.94 -1.54 49.86
CA ILE A 101 -14.35 -1.79 50.14
C ILE A 101 -15.17 -0.52 50.01
N LYS A 102 -14.91 0.44 50.89
CA LYS A 102 -15.63 1.71 50.87
C LYS A 102 -15.75 2.25 49.44
N THR A 103 -14.73 1.99 48.64
CA THR A 103 -14.72 2.45 47.25
C THR A 103 -14.99 1.30 46.28
N LYS A 104 -15.05 0.09 46.82
CA LYS A 104 -15.30 -1.10 46.01
C LYS A 104 -14.40 -1.12 44.78
N HIS A 105 -13.10 -0.97 45.00
CA HIS A 105 -12.14 -0.97 43.91
C HIS A 105 -11.64 -2.39 43.63
N TYR A 106 -11.18 -3.08 44.66
CA TYR A 106 -10.68 -4.43 44.52
C TYR A 106 -11.76 -5.37 43.99
N GLN A 107 -13.02 -4.97 44.19
CA GLN A 107 -14.15 -5.77 43.74
C GLN A 107 -14.53 -5.41 42.30
N LYS A 108 -13.53 -5.08 41.49
CA LYS A 108 -13.76 -4.70 40.10
C LYS A 108 -12.87 -5.52 39.18
N VAL A 109 -11.65 -5.80 39.62
CA VAL A 109 -10.69 -6.57 38.83
C VAL A 109 -11.34 -7.84 38.28
N SER A 110 -12.43 -8.26 38.91
CA SER A 110 -13.13 -9.47 38.50
C SER A 110 -14.54 -9.12 37.98
N GLY A 111 -15.23 -10.13 37.47
CA GLY A 111 -16.57 -9.92 36.95
C GLY A 111 -17.07 -11.10 36.13
N PRO A 112 -18.20 -11.68 36.58
CA PRO A 112 -18.80 -12.84 35.89
C PRO A 112 -19.41 -12.47 34.55
N SER A 113 -19.70 -13.48 33.74
CA SER A 113 -20.28 -13.25 32.43
C SER A 113 -20.73 -14.57 31.79
N SER A 114 -21.74 -14.49 30.93
CA SER A 114 -22.26 -15.68 30.27
C SER A 114 -22.85 -15.33 28.91
N GLY A 115 -23.30 -16.34 28.18
CA GLY A 115 -23.88 -16.12 26.87
C GLY A 115 -24.19 -17.41 26.14
N GLY A 1 50.63 36.48 -24.82
CA GLY A 1 50.52 36.94 -23.46
C GLY A 1 49.33 36.35 -22.73
N SER A 2 49.58 35.33 -21.92
CA SER A 2 48.52 34.66 -21.18
C SER A 2 49.10 33.68 -20.16
N SER A 3 48.27 33.27 -19.20
CA SER A 3 48.70 32.33 -18.18
C SER A 3 47.51 31.86 -17.34
N GLY A 4 47.48 30.56 -17.05
CA GLY A 4 46.39 30.01 -16.26
C GLY A 4 46.82 28.80 -15.46
N SER A 5 45.91 27.84 -15.30
CA SER A 5 46.20 26.63 -14.53
C SER A 5 45.20 25.53 -14.88
N SER A 6 45.49 24.31 -14.41
CA SER A 6 44.62 23.17 -14.66
C SER A 6 43.38 23.22 -13.77
N GLY A 7 42.50 22.24 -13.95
CA GLY A 7 41.29 22.19 -13.14
C GLY A 7 40.84 20.77 -12.86
N LYS A 8 39.62 20.62 -12.36
CA LYS A 8 39.06 19.31 -12.05
C LYS A 8 37.91 18.97 -12.98
N LEU A 9 38.03 17.86 -13.69
CA LEU A 9 36.99 17.43 -14.63
C LEU A 9 35.80 16.84 -13.88
N TYR A 10 35.85 16.92 -12.55
CA TYR A 10 34.78 16.39 -11.72
C TYR A 10 33.97 17.51 -11.08
N GLY A 11 32.69 17.25 -10.83
CA GLY A 11 31.84 18.25 -10.21
C GLY A 11 31.37 17.84 -8.83
N SER A 12 30.06 17.65 -8.68
CA SER A 12 29.49 17.27 -7.41
C SER A 12 28.15 16.54 -7.60
N ILE A 13 28.07 15.32 -7.10
CA ILE A 13 26.86 14.52 -7.22
C ILE A 13 25.75 15.07 -6.33
N PHE A 14 24.53 14.57 -6.53
CA PHE A 14 23.39 15.01 -5.75
C PHE A 14 22.97 13.94 -4.73
N THR A 15 22.31 14.37 -3.67
CA THR A 15 21.86 13.46 -2.63
C THR A 15 20.59 13.96 -1.97
N GLY A 16 19.48 13.24 -2.18
CA GLY A 16 18.22 13.63 -1.59
C GLY A 16 17.08 12.73 -2.01
N ALA A 17 16.30 12.27 -1.03
CA ALA A 17 15.17 11.39 -1.30
C ALA A 17 13.84 12.14 -1.17
N SER A 18 12.76 11.48 -1.57
CA SER A 18 11.43 12.09 -1.50
C SER A 18 10.54 11.32 -0.52
N LYS A 19 10.68 11.63 0.77
CA LYS A 19 9.90 10.98 1.80
C LYS A 19 8.44 10.83 1.37
N PHE A 20 7.80 11.95 1.05
CA PHE A 20 6.41 11.94 0.62
C PHE A 20 6.29 12.38 -0.84
N ARG A 21 5.23 11.93 -1.50
CA ARG A 21 5.00 12.26 -2.90
C ARG A 21 3.51 12.34 -3.21
N CYS A 22 3.07 13.50 -3.69
CA CYS A 22 1.66 13.70 -4.02
C CYS A 22 1.29 12.94 -5.30
N LYS A 23 1.10 11.64 -5.16
CA LYS A 23 0.73 10.81 -6.31
C LYS A 23 -0.19 11.56 -7.26
N ASP A 24 -1.26 12.12 -6.71
CA ASP A 24 -2.23 12.86 -7.51
C ASP A 24 -1.52 13.70 -8.58
N CYS A 25 -0.82 14.74 -8.13
CA CYS A 25 -0.10 15.61 -9.05
C CYS A 25 1.33 15.14 -9.26
N SER A 26 2.07 15.83 -10.11
CA SER A 26 3.45 15.48 -10.38
C SER A 26 4.42 16.24 -9.48
N ALA A 27 4.03 16.40 -8.22
CA ALA A 27 4.85 17.11 -7.25
C ALA A 27 5.12 16.25 -6.02
N ALA A 28 6.15 16.60 -5.27
CA ALA A 28 6.52 15.86 -4.07
C ALA A 28 6.99 16.81 -2.96
N TYR A 29 7.13 16.27 -1.76
CA TYR A 29 7.58 17.07 -0.62
C TYR A 29 8.43 16.23 0.32
N ASP A 30 9.29 16.89 1.08
CA ASP A 30 10.17 16.22 2.04
C ASP A 30 9.45 15.99 3.36
N THR A 31 8.71 17.00 3.81
CA THR A 31 7.97 16.90 5.07
C THR A 31 6.47 16.75 4.82
N LEU A 32 5.81 16.00 5.68
CA LEU A 32 4.37 15.77 5.56
C LEU A 32 3.60 17.07 5.77
N VAL A 33 3.91 17.77 6.86
CA VAL A 33 3.25 19.03 7.18
C VAL A 33 3.32 19.99 6.01
N GLU A 34 4.25 19.75 5.09
CA GLU A 34 4.42 20.60 3.92
C GLU A 34 3.54 20.12 2.77
N LEU A 35 3.30 18.82 2.71
CA LEU A 35 2.47 18.23 1.66
C LEU A 35 1.00 18.44 1.95
N THR A 36 0.56 18.04 3.15
CA THR A 36 -0.83 18.19 3.54
C THR A 36 -1.38 19.54 3.12
N VAL A 37 -0.85 20.61 3.71
CA VAL A 37 -1.30 21.95 3.39
C VAL A 37 -1.60 22.10 1.91
N HIS A 38 -0.79 21.45 1.08
CA HIS A 38 -0.97 21.50 -0.37
C HIS A 38 -2.11 20.58 -0.80
N MET A 39 -2.11 19.36 -0.27
CA MET A 39 -3.14 18.39 -0.61
C MET A 39 -4.52 18.92 -0.28
N ASN A 40 -4.66 19.54 0.89
CA ASN A 40 -5.93 20.10 1.32
C ASN A 40 -6.23 21.40 0.59
N GLU A 41 -5.17 22.11 0.20
CA GLU A 41 -5.32 23.38 -0.51
C GLU A 41 -5.86 23.16 -1.92
N THR A 42 -5.30 22.17 -2.61
CA THR A 42 -5.72 21.85 -3.97
C THR A 42 -6.79 20.76 -3.97
N GLY A 43 -6.74 19.88 -2.99
CA GLY A 43 -7.71 18.81 -2.89
C GLY A 43 -7.05 17.43 -2.92
N HIS A 44 -5.83 17.38 -3.44
CA HIS A 44 -5.11 16.11 -3.53
C HIS A 44 -5.06 15.42 -2.17
N TYR A 45 -4.42 14.26 -2.13
CA TYR A 45 -4.30 13.49 -0.90
C TYR A 45 -3.05 12.62 -0.91
N ARG A 46 -2.78 11.97 0.22
CA ARG A 46 -1.61 11.11 0.35
C ARG A 46 -1.50 10.17 -0.85
N ASP A 47 -0.43 9.37 -0.87
CA ASP A 47 -0.21 8.42 -1.95
C ASP A 47 -0.17 7.00 -1.43
N ASP A 48 0.22 6.84 -0.16
CA ASP A 48 0.30 5.53 0.46
C ASP A 48 -1.09 4.97 0.73
N ASN A 49 -1.33 3.75 0.26
CA ASN A 49 -2.62 3.09 0.46
C ASN A 49 -2.79 2.61 1.89
N HIS A 50 -3.38 3.46 2.73
CA HIS A 50 -3.59 3.11 4.13
C HIS A 50 -5.06 2.81 4.40
N GLU A 51 -5.88 2.90 3.35
CA GLU A 51 -7.31 2.64 3.48
C GLU A 51 -7.56 1.18 3.86
N THR A 52 -8.12 0.97 5.03
CA THR A 52 -8.42 -0.37 5.52
C THR A 52 -9.78 -0.85 5.01
N ASP A 53 -10.29 -0.18 3.98
CA ASP A 53 -11.58 -0.54 3.41
C ASP A 53 -11.48 -1.84 2.60
N ASN A 54 -12.63 -2.37 2.21
CA ASN A 54 -12.67 -3.61 1.44
C ASN A 54 -13.76 -3.55 0.38
N ASN A 55 -13.71 -4.49 -0.56
CA ASN A 55 -14.69 -4.55 -1.65
C ASN A 55 -15.01 -5.98 -2.02
N ASN A 56 -15.81 -6.16 -3.06
CA ASN A 56 -16.20 -7.49 -3.52
C ASN A 56 -16.96 -8.24 -2.44
N PRO A 57 -18.04 -7.63 -1.94
CA PRO A 57 -18.88 -8.23 -0.89
C PRO A 57 -19.67 -9.43 -1.40
N LYS A 58 -19.38 -9.85 -2.63
CA LYS A 58 -20.07 -10.99 -3.22
C LYS A 58 -21.57 -10.84 -3.12
N ARG A 59 -22.07 -9.65 -3.49
CA ARG A 59 -23.50 -9.37 -3.43
C ARG A 59 -24.18 -9.81 -4.73
N TRP A 60 -24.61 -11.06 -4.77
CA TRP A 60 -25.27 -11.60 -5.95
C TRP A 60 -26.78 -11.42 -5.85
N SER A 61 -27.50 -11.86 -6.87
CA SER A 61 -28.95 -11.74 -6.91
C SER A 61 -29.56 -12.72 -7.91
N LYS A 62 -30.82 -13.09 -7.68
CA LYS A 62 -31.51 -14.02 -8.56
C LYS A 62 -31.12 -13.78 -10.02
N PRO A 63 -31.25 -14.84 -10.84
CA PRO A 63 -30.93 -14.78 -12.26
C PRO A 63 -31.90 -13.91 -13.05
N ARG A 64 -31.70 -13.83 -14.36
CA ARG A 64 -32.56 -13.04 -15.22
C ARG A 64 -33.92 -13.71 -15.40
N LYS A 65 -34.88 -12.94 -15.92
CA LYS A 65 -36.22 -13.47 -16.14
C LYS A 65 -36.19 -14.76 -16.94
N ARG A 66 -37.36 -15.32 -17.21
CA ARG A 66 -37.47 -16.55 -17.97
C ARG A 66 -36.49 -16.55 -19.14
N SER A 67 -35.91 -17.72 -19.43
CA SER A 67 -34.96 -17.84 -20.53
C SER A 67 -34.74 -19.31 -20.89
N LEU A 68 -35.07 -19.66 -22.13
CA LEU A 68 -34.90 -21.03 -22.60
C LEU A 68 -33.73 -21.14 -23.57
N LEU A 69 -32.53 -20.93 -23.07
CA LEU A 69 -31.34 -21.00 -23.89
C LEU A 69 -30.30 -21.93 -23.27
N GLU A 70 -30.34 -23.20 -23.65
CA GLU A 70 -29.41 -24.19 -23.13
C GLU A 70 -28.86 -25.07 -24.24
N MET A 71 -27.71 -24.68 -24.79
CA MET A 71 -27.08 -25.43 -25.87
C MET A 71 -25.81 -26.11 -25.39
N GLU A 72 -25.55 -27.32 -25.89
CA GLU A 72 -24.37 -28.08 -25.51
C GLU A 72 -23.73 -28.74 -26.73
N GLY A 73 -22.52 -29.26 -26.54
CA GLY A 73 -21.83 -29.91 -27.63
C GLY A 73 -20.92 -31.03 -27.15
N LYS A 74 -19.66 -31.00 -27.57
CA LYS A 74 -18.69 -32.02 -27.18
C LYS A 74 -17.39 -31.38 -26.71
N GLU A 75 -17.51 -30.40 -25.83
CA GLU A 75 -16.33 -29.71 -25.29
C GLU A 75 -15.68 -30.53 -24.18
N ASP A 76 -15.51 -31.82 -24.43
CA ASP A 76 -14.89 -32.72 -23.46
C ASP A 76 -13.44 -33.02 -23.83
N ALA A 77 -12.54 -32.12 -23.45
CA ALA A 77 -11.12 -32.30 -23.75
C ALA A 77 -10.28 -32.26 -22.48
N GLN A 78 -10.80 -32.87 -21.42
CA GLN A 78 -10.11 -32.91 -20.13
C GLN A 78 -9.99 -34.33 -19.61
N LYS A 79 -11.08 -35.09 -19.73
CA LYS A 79 -11.10 -36.48 -19.27
C LYS A 79 -9.76 -37.16 -19.54
N VAL A 80 -9.28 -37.02 -20.77
CA VAL A 80 -8.01 -37.63 -21.16
C VAL A 80 -7.57 -37.15 -22.54
N LEU A 81 -6.27 -36.96 -22.71
CA LEU A 81 -5.71 -36.50 -23.98
C LEU A 81 -5.92 -37.54 -25.07
N LYS A 82 -7.12 -37.57 -25.64
CA LYS A 82 -7.45 -38.51 -26.70
C LYS A 82 -8.06 -37.80 -27.90
N CYS A 83 -7.54 -38.09 -29.09
CA CYS A 83 -8.04 -37.49 -30.31
C CYS A 83 -9.54 -37.70 -30.46
N MET A 84 -10.21 -36.73 -31.06
CA MET A 84 -11.66 -36.82 -31.28
C MET A 84 -11.98 -37.58 -32.56
N TYR A 85 -11.13 -37.41 -33.57
CA TYR A 85 -11.33 -38.07 -34.85
C TYR A 85 -11.47 -39.58 -34.66
N CYS A 86 -10.41 -40.22 -34.17
CA CYS A 86 -10.41 -41.65 -33.95
C CYS A 86 -10.78 -41.97 -32.51
N GLY A 87 -10.03 -41.43 -31.56
CA GLY A 87 -10.30 -41.67 -30.17
C GLY A 87 -9.20 -42.49 -29.49
N HIS A 88 -7.95 -42.14 -29.78
CA HIS A 88 -6.81 -42.84 -29.20
C HIS A 88 -6.29 -42.11 -27.98
N SER A 89 -6.61 -42.61 -26.79
CA SER A 89 -6.17 -42.00 -25.55
C SER A 89 -4.66 -41.98 -25.45
N PHE A 90 -4.09 -40.86 -25.02
CA PHE A 90 -2.66 -40.71 -24.89
C PHE A 90 -2.28 -40.29 -23.47
N GLU A 91 -0.99 -40.35 -23.16
CA GLU A 91 -0.50 -39.98 -21.85
C GLU A 91 -0.08 -38.51 -21.81
N SER A 92 0.79 -38.13 -22.75
CA SER A 92 1.27 -36.75 -22.83
C SER A 92 0.67 -36.03 -24.03
N LEU A 93 0.77 -34.71 -24.03
CA LEU A 93 0.23 -33.91 -25.12
C LEU A 93 0.92 -34.24 -26.44
N GLN A 94 2.24 -34.39 -26.39
CA GLN A 94 3.02 -34.71 -27.58
C GLN A 94 2.38 -35.87 -28.35
N ASP A 95 2.24 -37.01 -27.69
CA ASP A 95 1.65 -38.18 -28.32
C ASP A 95 0.38 -37.82 -29.07
N LEU A 96 -0.37 -36.86 -28.52
CA LEU A 96 -1.61 -36.41 -29.15
C LEU A 96 -1.33 -35.58 -30.38
N SER A 97 -0.45 -34.59 -30.23
CA SER A 97 -0.09 -33.71 -31.33
C SER A 97 0.52 -34.50 -32.49
N VAL A 98 1.69 -35.08 -32.25
CA VAL A 98 2.38 -35.86 -33.27
C VAL A 98 1.40 -36.75 -34.03
N HIS A 99 0.31 -37.13 -33.37
CA HIS A 99 -0.70 -37.97 -33.98
C HIS A 99 -1.55 -37.19 -34.96
N MET A 100 -2.06 -36.04 -34.51
CA MET A 100 -2.90 -35.19 -35.35
C MET A 100 -2.25 -34.99 -36.73
N ILE A 101 -0.94 -34.91 -36.74
CA ILE A 101 -0.21 -34.73 -38.00
C ILE A 101 0.10 -36.07 -38.66
N LYS A 102 0.64 -37.00 -37.89
CA LYS A 102 0.97 -38.32 -38.40
C LYS A 102 -0.24 -38.96 -39.09
N THR A 103 -1.42 -38.54 -38.68
CA THR A 103 -2.66 -39.07 -39.25
C THR A 103 -3.45 -37.97 -39.97
N LYS A 104 -3.12 -36.72 -39.67
CA LYS A 104 -3.79 -35.59 -40.29
C LYS A 104 -5.28 -35.59 -39.97
N HIS A 105 -5.61 -35.91 -38.71
CA HIS A 105 -7.00 -35.95 -38.27
C HIS A 105 -7.54 -34.54 -38.05
N TYR A 106 -6.82 -33.75 -37.25
CA TYR A 106 -7.24 -32.39 -36.95
C TYR A 106 -7.41 -31.58 -38.23
N GLN A 107 -6.53 -31.80 -39.20
CA GLN A 107 -6.59 -31.10 -40.47
C GLN A 107 -8.03 -30.96 -40.94
N LYS A 108 -8.69 -32.09 -41.18
CA LYS A 108 -10.08 -32.08 -41.63
C LYS A 108 -10.88 -30.99 -40.93
N VAL A 109 -10.54 -30.74 -39.67
CA VAL A 109 -11.23 -29.72 -38.88
C VAL A 109 -10.64 -28.33 -39.15
N SER A 110 -10.54 -27.98 -40.43
CA SER A 110 -9.99 -26.68 -40.82
C SER A 110 -10.64 -26.19 -42.11
N GLY A 111 -10.28 -24.97 -42.52
CA GLY A 111 -10.83 -24.40 -43.73
C GLY A 111 -10.28 -23.02 -44.02
N PRO A 112 -9.59 -22.88 -45.17
CA PRO A 112 -9.00 -21.61 -45.60
C PRO A 112 -10.05 -20.58 -45.99
N SER A 113 -9.61 -19.37 -46.31
CA SER A 113 -10.51 -18.29 -46.69
C SER A 113 -9.73 -17.08 -47.18
N SER A 114 -10.26 -16.41 -48.20
CA SER A 114 -9.61 -15.23 -48.75
C SER A 114 -10.17 -13.96 -48.13
N GLY A 115 -9.61 -12.82 -48.51
CA GLY A 115 -10.05 -11.55 -47.98
C GLY A 115 -9.36 -10.36 -48.63
N GLY A 1 57.62 18.67 -37.06
CA GLY A 1 57.49 18.35 -35.66
C GLY A 1 56.34 17.40 -35.39
N SER A 2 55.99 17.23 -34.12
CA SER A 2 54.90 16.35 -33.73
C SER A 2 54.28 16.80 -32.41
N SER A 3 52.99 17.08 -32.45
CA SER A 3 52.26 17.52 -31.26
C SER A 3 51.12 16.56 -30.92
N GLY A 4 50.44 16.85 -29.82
CA GLY A 4 49.33 16.00 -29.41
C GLY A 4 48.07 16.80 -29.11
N SER A 5 47.21 16.26 -28.27
CA SER A 5 45.95 16.91 -27.92
C SER A 5 45.27 16.20 -26.76
N SER A 6 44.55 16.97 -25.94
CA SER A 6 43.85 16.41 -24.79
C SER A 6 42.72 17.33 -24.35
N GLY A 7 41.92 16.86 -23.39
CA GLY A 7 40.82 17.66 -22.88
C GLY A 7 40.25 17.11 -21.59
N LYS A 8 39.17 17.71 -21.12
CA LYS A 8 38.52 17.28 -19.88
C LYS A 8 37.14 17.91 -19.75
N LEU A 9 36.14 17.07 -19.47
CA LEU A 9 34.77 17.55 -19.32
C LEU A 9 34.26 17.25 -17.91
N TYR A 10 33.60 18.24 -17.31
CA TYR A 10 33.06 18.09 -15.96
C TYR A 10 31.65 17.51 -16.01
N GLY A 11 31.27 16.82 -14.94
CA GLY A 11 29.96 16.22 -14.87
C GLY A 11 29.10 16.80 -13.76
N SER A 12 28.05 16.08 -13.38
CA SER A 12 27.16 16.54 -12.32
C SER A 12 26.37 15.38 -11.73
N ILE A 13 26.46 15.20 -10.42
CA ILE A 13 25.75 14.13 -9.74
C ILE A 13 24.46 14.63 -9.10
N PHE A 14 23.38 13.88 -9.29
CA PHE A 14 22.09 14.25 -8.73
C PHE A 14 21.50 13.11 -7.92
N THR A 15 21.09 13.40 -6.69
CA THR A 15 20.51 12.40 -5.82
C THR A 15 19.03 12.67 -5.58
N GLY A 16 18.33 13.07 -6.63
CA GLY A 16 16.91 13.36 -6.52
C GLY A 16 16.18 12.34 -5.67
N ALA A 17 15.51 12.82 -4.63
CA ALA A 17 14.76 11.93 -3.73
C ALA A 17 13.74 12.71 -2.92
N SER A 18 12.73 12.01 -2.43
CA SER A 18 11.68 12.64 -1.63
C SER A 18 10.98 11.61 -0.74
N LYS A 19 10.75 11.99 0.51
CA LYS A 19 10.08 11.11 1.47
C LYS A 19 8.61 10.95 1.14
N PHE A 20 7.95 12.07 0.84
CA PHE A 20 6.52 12.05 0.50
C PHE A 20 6.32 12.38 -0.98
N ARG A 21 5.20 11.91 -1.53
CA ARG A 21 4.89 12.16 -2.92
C ARG A 21 3.38 12.29 -3.13
N CYS A 22 2.96 13.37 -3.78
CA CYS A 22 1.56 13.62 -4.03
C CYS A 22 1.09 12.90 -5.31
N LYS A 23 0.73 11.63 -5.16
CA LYS A 23 0.27 10.83 -6.29
C LYS A 23 -0.50 11.69 -7.28
N ASP A 24 -1.54 12.36 -6.79
CA ASP A 24 -2.37 13.21 -7.64
C ASP A 24 -1.52 13.92 -8.69
N CYS A 25 -0.76 14.92 -8.25
CA CYS A 25 0.10 15.68 -9.14
C CYS A 25 1.49 15.06 -9.23
N SER A 26 2.36 15.66 -10.04
CA SER A 26 3.71 15.17 -10.21
C SER A 26 4.69 15.91 -9.31
N ALA A 27 4.24 16.25 -8.11
CA ALA A 27 5.07 16.97 -7.15
C ALA A 27 5.38 16.10 -5.94
N ALA A 28 6.37 16.52 -5.16
CA ALA A 28 6.77 15.78 -3.96
C ALA A 28 7.24 16.73 -2.87
N TYR A 29 7.26 16.23 -1.63
CA TYR A 29 7.69 17.03 -0.49
C TYR A 29 8.52 16.19 0.48
N ASP A 30 9.44 16.86 1.17
CA ASP A 30 10.30 16.18 2.14
C ASP A 30 9.54 15.85 3.41
N THR A 31 8.72 16.80 3.86
CA THR A 31 7.93 16.61 5.08
C THR A 31 6.45 16.51 4.76
N LEU A 32 5.69 15.87 5.65
CA LEU A 32 4.26 15.70 5.46
C LEU A 32 3.52 17.03 5.64
N VAL A 33 3.87 17.75 6.72
CA VAL A 33 3.25 19.03 7.01
C VAL A 33 3.27 19.94 5.79
N GLU A 34 4.31 19.81 4.98
CA GLU A 34 4.44 20.62 3.78
C GLU A 34 3.52 20.12 2.67
N LEU A 35 3.28 18.81 2.66
CA LEU A 35 2.41 18.21 1.65
C LEU A 35 0.95 18.44 1.99
N THR A 36 0.57 18.16 3.23
CA THR A 36 -0.80 18.35 3.68
C THR A 36 -1.37 19.67 3.18
N VAL A 37 -0.81 20.77 3.67
CA VAL A 37 -1.26 22.10 3.27
C VAL A 37 -1.63 22.14 1.80
N HIS A 38 -0.82 21.48 0.97
CA HIS A 38 -1.07 21.43 -0.46
C HIS A 38 -2.26 20.53 -0.79
N MET A 39 -2.33 19.38 -0.11
CA MET A 39 -3.40 18.43 -0.33
C MET A 39 -4.76 19.06 -0.02
N ASN A 40 -4.85 19.72 1.14
CA ASN A 40 -6.09 20.37 1.56
C ASN A 40 -6.43 21.52 0.62
N GLU A 41 -5.46 22.39 0.37
CA GLU A 41 -5.65 23.54 -0.50
C GLU A 41 -6.21 23.10 -1.85
N THR A 42 -5.41 22.38 -2.61
CA THR A 42 -5.82 21.89 -3.92
C THR A 42 -6.85 20.78 -3.81
N GLY A 43 -6.55 19.79 -2.96
CA GLY A 43 -7.47 18.68 -2.77
C GLY A 43 -6.88 17.36 -3.23
N HIS A 44 -5.55 17.25 -3.12
CA HIS A 44 -4.86 16.02 -3.52
C HIS A 44 -4.67 15.09 -2.32
N TYR A 45 -3.96 13.99 -2.55
CA TYR A 45 -3.70 13.01 -1.49
C TYR A 45 -2.37 12.31 -1.72
N ARG A 46 -1.63 12.10 -0.63
CA ARG A 46 -0.34 11.43 -0.70
C ARG A 46 -0.44 10.13 -1.50
N ASP A 47 0.70 9.64 -1.96
CA ASP A 47 0.74 8.39 -2.73
C ASP A 47 0.88 7.19 -1.81
N ASP A 48 -0.21 6.85 -1.12
CA ASP A 48 -0.21 5.71 -0.21
C ASP A 48 -1.35 4.75 -0.54
N ASN A 49 -1.21 3.51 -0.09
CA ASN A 49 -2.22 2.49 -0.34
C ASN A 49 -3.61 2.98 0.09
N HIS A 50 -4.59 2.80 -0.78
CA HIS A 50 -5.96 3.21 -0.49
C HIS A 50 -6.87 2.00 -0.30
N GLU A 51 -8.07 2.25 0.24
CA GLU A 51 -9.03 1.18 0.47
C GLU A 51 -10.02 1.07 -0.69
N THR A 52 -10.52 -0.13 -0.92
CA THR A 52 -11.46 -0.37 -2.00
C THR A 52 -12.83 0.24 -1.67
N ASP A 53 -13.54 0.66 -2.71
CA ASP A 53 -14.86 1.26 -2.53
C ASP A 53 -15.86 0.67 -3.53
N ASN A 54 -15.79 -0.64 -3.74
CA ASN A 54 -16.68 -1.32 -4.66
C ASN A 54 -17.94 -1.79 -3.95
N ASN A 55 -19.05 -1.85 -4.69
CA ASN A 55 -20.32 -2.29 -4.13
C ASN A 55 -20.83 -3.54 -4.84
N ASN A 56 -21.37 -4.47 -4.06
CA ASN A 56 -21.90 -5.71 -4.61
C ASN A 56 -23.24 -5.47 -5.30
N PRO A 57 -23.26 -5.65 -6.63
CA PRO A 57 -24.47 -5.46 -7.44
C PRO A 57 -25.51 -6.55 -7.18
N LYS A 58 -25.22 -7.42 -6.23
CA LYS A 58 -26.13 -8.51 -5.89
C LYS A 58 -27.58 -8.10 -6.11
N ARG A 59 -28.21 -8.66 -7.13
CA ARG A 59 -29.60 -8.36 -7.45
C ARG A 59 -29.71 -6.99 -8.10
N TRP A 60 -28.97 -6.78 -9.18
CA TRP A 60 -28.98 -5.51 -9.90
C TRP A 60 -30.39 -4.92 -9.91
N SER A 61 -30.47 -3.59 -9.88
CA SER A 61 -31.74 -2.89 -9.87
C SER A 61 -32.72 -3.56 -10.84
N LYS A 62 -34.00 -3.28 -10.65
CA LYS A 62 -35.04 -3.85 -11.50
C LYS A 62 -34.62 -3.83 -12.97
N PRO A 63 -35.06 -4.85 -13.72
CA PRO A 63 -34.74 -4.97 -15.16
C PRO A 63 -35.43 -3.92 -15.99
N ARG A 64 -35.22 -3.97 -17.31
CA ARG A 64 -35.83 -3.02 -18.22
C ARG A 64 -36.52 -3.74 -19.38
N LYS A 65 -37.80 -3.44 -19.58
CA LYS A 65 -38.56 -4.06 -20.66
C LYS A 65 -39.52 -3.05 -21.30
N ARG A 66 -40.22 -3.48 -22.34
CA ARG A 66 -41.16 -2.62 -23.04
C ARG A 66 -41.95 -3.41 -24.09
N SER A 67 -43.02 -2.80 -24.59
CA SER A 67 -43.86 -3.44 -25.59
C SER A 67 -43.92 -2.60 -26.87
N LEU A 68 -43.84 -3.28 -28.01
CA LEU A 68 -43.88 -2.59 -29.30
C LEU A 68 -45.12 -3.01 -30.09
N LEU A 69 -46.29 -2.57 -29.62
CA LEU A 69 -47.54 -2.90 -30.29
C LEU A 69 -47.92 -1.83 -31.31
N GLU A 70 -47.34 -1.93 -32.49
CA GLU A 70 -47.61 -0.97 -33.55
C GLU A 70 -47.85 -1.68 -34.89
N MET A 71 -48.98 -2.38 -34.98
CA MET A 71 -49.32 -3.10 -36.20
C MET A 71 -50.40 -2.37 -36.99
N GLU A 72 -50.44 -1.05 -36.83
CA GLU A 72 -51.43 -0.23 -37.53
C GLU A 72 -50.78 0.56 -38.66
N GLY A 73 -51.49 0.66 -39.78
CA GLY A 73 -50.97 1.39 -40.92
C GLY A 73 -51.61 0.95 -42.23
N LYS A 74 -52.86 1.34 -42.44
CA LYS A 74 -53.58 0.99 -43.65
C LYS A 74 -54.30 2.21 -44.24
N GLU A 75 -54.00 2.51 -45.49
CA GLU A 75 -54.61 3.65 -46.17
C GLU A 75 -54.99 4.74 -45.16
N ASP A 76 -54.08 5.01 -44.23
CA ASP A 76 -54.31 6.02 -43.22
C ASP A 76 -54.11 7.42 -43.79
N ALA A 77 -55.10 8.28 -43.60
CA ALA A 77 -55.04 9.65 -44.11
C ALA A 77 -55.08 9.69 -45.62
N GLN A 78 -56.09 9.04 -46.20
CA GLN A 78 -56.26 9.00 -47.65
C GLN A 78 -57.29 9.99 -48.11
N LYS A 79 -57.14 11.24 -47.69
CA LYS A 79 -58.06 12.31 -48.06
C LYS A 79 -58.32 12.30 -49.57
N VAL A 80 -57.35 11.79 -50.32
CA VAL A 80 -57.47 11.73 -51.78
C VAL A 80 -57.50 10.28 -52.26
N LEU A 81 -58.07 10.08 -53.45
CA LEU A 81 -58.16 8.74 -54.03
C LEU A 81 -56.77 8.17 -54.29
N LYS A 82 -56.40 7.15 -53.50
CA LYS A 82 -55.10 6.51 -53.66
C LYS A 82 -55.26 5.00 -53.78
N CYS A 83 -54.17 4.32 -54.11
CA CYS A 83 -54.18 2.86 -54.26
C CYS A 83 -53.32 2.20 -53.18
N MET A 84 -53.98 1.47 -52.28
CA MET A 84 -53.29 0.79 -51.20
C MET A 84 -52.12 -0.02 -51.74
N TYR A 85 -52.38 -0.82 -52.78
CA TYR A 85 -51.34 -1.64 -53.39
C TYR A 85 -50.02 -0.89 -53.48
N CYS A 86 -49.98 0.10 -54.36
CA CYS A 86 -48.78 0.91 -54.56
C CYS A 86 -48.89 2.23 -53.81
N GLY A 87 -49.97 2.96 -54.06
CA GLY A 87 -50.17 4.25 -53.41
C GLY A 87 -50.00 5.42 -54.35
N HIS A 88 -50.98 5.62 -55.23
CA HIS A 88 -50.93 6.71 -56.20
C HIS A 88 -52.19 7.56 -56.11
N SER A 89 -52.02 8.83 -55.75
CA SER A 89 -53.16 9.74 -55.63
C SER A 89 -53.66 10.17 -57.01
N PHE A 90 -54.97 10.15 -57.19
CA PHE A 90 -55.58 10.53 -58.45
C PHE A 90 -56.59 11.65 -58.26
N GLU A 91 -56.81 12.44 -59.31
CA GLU A 91 -57.75 13.55 -59.25
C GLU A 91 -59.18 13.06 -59.41
N SER A 92 -59.40 12.18 -60.39
CA SER A 92 -60.72 11.63 -60.65
C SER A 92 -60.77 10.14 -60.36
N LEU A 93 -61.97 9.60 -60.23
CA LEU A 93 -62.14 8.18 -59.94
C LEU A 93 -61.68 7.33 -61.12
N GLN A 94 -62.22 7.62 -62.30
CA GLN A 94 -61.87 6.89 -63.51
C GLN A 94 -60.38 6.55 -63.52
N ASP A 95 -59.57 7.49 -63.06
CA ASP A 95 -58.12 7.29 -63.02
C ASP A 95 -57.76 6.15 -62.09
N LEU A 96 -58.32 6.16 -60.88
CA LEU A 96 -58.06 5.12 -59.90
C LEU A 96 -58.54 3.76 -60.40
N SER A 97 -59.82 3.69 -60.77
CA SER A 97 -60.39 2.45 -61.25
C SER A 97 -59.52 1.81 -62.33
N VAL A 98 -59.28 2.57 -63.41
CA VAL A 98 -58.45 2.08 -64.51
C VAL A 98 -57.14 1.52 -63.99
N HIS A 99 -56.29 2.38 -63.43
CA HIS A 99 -55.00 1.97 -62.90
C HIS A 99 -55.08 0.57 -62.31
N MET A 100 -56.04 0.36 -61.41
CA MET A 100 -56.22 -0.94 -60.77
C MET A 100 -56.14 -2.06 -61.80
N ILE A 101 -56.94 -1.96 -62.85
CA ILE A 101 -56.96 -2.97 -63.90
C ILE A 101 -55.69 -2.92 -64.74
N LYS A 102 -55.24 -1.71 -65.06
CA LYS A 102 -54.03 -1.52 -65.85
C LYS A 102 -52.87 -2.31 -65.25
N THR A 103 -52.89 -2.47 -63.93
CA THR A 103 -51.83 -3.19 -63.23
C THR A 103 -52.40 -4.35 -62.42
N LYS A 104 -53.71 -4.57 -62.56
CA LYS A 104 -54.39 -5.65 -61.84
C LYS A 104 -54.04 -5.60 -60.36
N HIS A 105 -53.97 -4.40 -59.80
CA HIS A 105 -53.66 -4.22 -58.39
C HIS A 105 -54.83 -4.65 -57.51
N TYR A 106 -56.04 -4.47 -58.02
CA TYR A 106 -57.24 -4.83 -57.28
C TYR A 106 -57.25 -6.31 -56.95
N GLN A 107 -57.08 -7.15 -57.97
CA GLN A 107 -57.06 -8.59 -57.80
C GLN A 107 -56.11 -8.99 -56.66
N LYS A 108 -55.21 -8.08 -56.30
CA LYS A 108 -54.26 -8.34 -55.23
C LYS A 108 -54.81 -7.89 -53.89
N VAL A 109 -56.06 -8.25 -53.61
CA VAL A 109 -56.71 -7.89 -52.36
C VAL A 109 -57.25 -9.11 -51.64
N SER A 110 -56.64 -9.45 -50.51
CA SER A 110 -57.06 -10.61 -49.73
C SER A 110 -56.71 -10.42 -48.25
N GLY A 111 -57.22 -11.32 -47.42
CA GLY A 111 -56.96 -11.23 -45.99
C GLY A 111 -57.33 -12.50 -45.26
N PRO A 112 -56.38 -13.05 -44.48
CA PRO A 112 -56.59 -14.27 -43.71
C PRO A 112 -57.55 -14.08 -42.55
N SER A 113 -58.53 -14.96 -42.44
CA SER A 113 -59.52 -14.88 -41.37
C SER A 113 -60.42 -16.11 -41.37
N SER A 114 -60.42 -16.84 -40.25
CA SER A 114 -61.23 -18.03 -40.12
C SER A 114 -62.56 -17.72 -39.42
N GLY A 115 -62.47 -16.99 -38.32
CA GLY A 115 -63.68 -16.63 -37.58
C GLY A 115 -64.38 -17.84 -37.01
N GLY A 1 55.95 20.38 -19.77
CA GLY A 1 56.18 19.17 -20.55
C GLY A 1 55.10 18.93 -21.59
N SER A 2 55.22 17.83 -22.32
CA SER A 2 54.27 17.49 -23.36
C SER A 2 53.83 16.02 -23.25
N SER A 3 52.58 15.81 -22.85
CA SER A 3 52.05 14.47 -22.70
C SER A 3 50.55 14.50 -22.41
N GLY A 4 49.83 13.51 -22.90
CA GLY A 4 48.40 13.44 -22.68
C GLY A 4 47.94 12.09 -22.15
N SER A 5 47.62 12.04 -20.87
CA SER A 5 47.17 10.80 -20.24
C SER A 5 45.66 10.78 -20.06
N SER A 6 45.02 9.70 -20.49
CA SER A 6 43.58 9.57 -20.39
C SER A 6 43.17 8.10 -20.36
N GLY A 7 42.09 7.81 -19.63
CA GLY A 7 41.61 6.44 -19.54
C GLY A 7 40.15 6.31 -19.92
N LYS A 8 39.28 6.30 -18.91
CA LYS A 8 37.84 6.18 -19.14
C LYS A 8 37.11 7.42 -18.64
N LEU A 9 36.35 8.05 -19.53
CA LEU A 9 35.59 9.25 -19.17
C LEU A 9 34.47 8.91 -18.19
N TYR A 10 34.82 8.76 -16.93
CA TYR A 10 33.85 8.44 -15.89
C TYR A 10 33.36 9.71 -15.18
N GLY A 11 32.05 9.87 -15.11
CA GLY A 11 31.47 11.03 -14.46
C GLY A 11 30.74 10.69 -13.18
N SER A 12 29.92 11.62 -12.70
CA SER A 12 29.16 11.40 -11.47
C SER A 12 27.67 11.62 -11.71
N ILE A 13 26.92 10.52 -11.77
CA ILE A 13 25.48 10.59 -12.00
C ILE A 13 24.77 11.23 -10.81
N PHE A 14 23.96 12.25 -11.09
CA PHE A 14 23.21 12.94 -10.05
C PHE A 14 22.27 11.99 -9.31
N THR A 15 21.48 12.53 -8.40
CA THR A 15 20.53 11.73 -7.63
C THR A 15 19.40 12.59 -7.08
N GLY A 16 18.18 12.05 -7.11
CA GLY A 16 17.04 12.79 -6.62
C GLY A 16 16.68 12.42 -5.19
N ALA A 17 15.62 13.02 -4.67
CA ALA A 17 15.18 12.75 -3.31
C ALA A 17 13.75 13.23 -3.09
N SER A 18 12.98 12.44 -2.35
CA SER A 18 11.58 12.78 -2.07
C SER A 18 11.04 11.95 -0.91
N LYS A 19 10.69 12.62 0.18
CA LYS A 19 10.17 11.94 1.36
C LYS A 19 8.71 11.54 1.15
N PHE A 20 7.93 12.43 0.51
CA PHE A 20 6.53 12.16 0.24
C PHE A 20 6.18 12.50 -1.20
N ARG A 21 4.94 12.23 -1.58
CA ARG A 21 4.48 12.49 -2.94
C ARG A 21 2.97 12.77 -2.95
N CYS A 22 2.46 13.16 -4.12
CA CYS A 22 1.05 13.47 -4.27
C CYS A 22 0.39 12.50 -5.25
N LYS A 23 -0.68 11.85 -4.80
CA LYS A 23 -1.40 10.89 -5.63
C LYS A 23 -1.92 11.56 -6.90
N ASP A 24 -2.39 12.79 -6.77
CA ASP A 24 -2.92 13.54 -7.90
C ASP A 24 -1.78 14.00 -8.82
N CYS A 25 -1.06 15.03 -8.38
CA CYS A 25 0.04 15.57 -9.16
C CYS A 25 1.31 14.77 -8.92
N SER A 26 2.27 14.87 -9.84
CA SER A 26 3.53 14.15 -9.73
C SER A 26 4.56 14.97 -8.96
N ALA A 27 4.10 15.63 -7.90
CA ALA A 27 4.97 16.45 -7.07
C ALA A 27 5.46 15.67 -5.85
N ALA A 28 6.31 16.31 -5.05
CA ALA A 28 6.84 15.68 -3.85
C ALA A 28 7.30 16.72 -2.84
N TYR A 29 7.44 16.30 -1.59
CA TYR A 29 7.87 17.21 -0.52
C TYR A 29 8.85 16.51 0.43
N ASP A 30 9.45 17.29 1.32
CA ASP A 30 10.40 16.75 2.28
C ASP A 30 9.70 16.38 3.59
N THR A 31 8.79 17.24 4.03
CA THR A 31 8.06 17.00 5.27
C THR A 31 6.57 16.86 5.00
N LEU A 32 5.97 15.82 5.57
CA LEU A 32 4.54 15.57 5.40
C LEU A 32 3.72 16.82 5.69
N VAL A 33 3.80 17.29 6.94
CA VAL A 33 3.07 18.48 7.36
C VAL A 33 2.96 19.49 6.21
N GLU A 34 4.01 19.58 5.41
CA GLU A 34 4.03 20.50 4.29
C GLU A 34 3.18 19.98 3.14
N LEU A 35 3.41 18.72 2.76
CA LEU A 35 2.66 18.10 1.67
C LEU A 35 1.16 18.23 1.90
N THR A 36 0.70 17.73 3.05
CA THR A 36 -0.72 17.80 3.38
C THR A 36 -1.33 19.13 2.97
N VAL A 37 -0.72 20.22 3.44
CA VAL A 37 -1.20 21.56 3.11
C VAL A 37 -1.62 21.65 1.65
N HIS A 38 -0.67 21.41 0.76
CA HIS A 38 -0.94 21.47 -0.68
C HIS A 38 -2.12 20.58 -1.04
N MET A 39 -2.15 19.37 -0.49
CA MET A 39 -3.23 18.42 -0.76
C MET A 39 -4.58 19.02 -0.35
N ASN A 40 -4.63 19.60 0.83
CA ASN A 40 -5.86 20.20 1.34
C ASN A 40 -6.23 21.45 0.53
N GLU A 41 -5.32 22.42 0.51
CA GLU A 41 -5.55 23.66 -0.23
C GLU A 41 -6.06 23.37 -1.63
N THR A 42 -5.23 22.71 -2.44
CA THR A 42 -5.60 22.38 -3.80
C THR A 42 -6.74 21.37 -3.83
N GLY A 43 -6.56 20.27 -3.11
CA GLY A 43 -7.59 19.24 -3.07
C GLY A 43 -7.01 17.84 -3.19
N HIS A 44 -5.80 17.75 -3.72
CA HIS A 44 -5.13 16.47 -3.89
C HIS A 44 -5.05 15.71 -2.56
N TYR A 45 -4.38 14.56 -2.57
CA TYR A 45 -4.24 13.75 -1.37
C TYR A 45 -3.12 12.73 -1.54
N ARG A 46 -2.79 12.04 -0.45
CA ARG A 46 -1.74 11.02 -0.48
C ARG A 46 -2.18 9.81 -1.28
N ASP A 47 -1.21 9.04 -1.76
CA ASP A 47 -1.50 7.85 -2.54
C ASP A 47 -1.65 6.63 -1.64
N ASP A 48 -0.74 6.49 -0.68
CA ASP A 48 -0.77 5.37 0.26
C ASP A 48 -1.73 5.66 1.41
N ASN A 49 -2.58 6.66 1.23
CA ASN A 49 -3.55 7.03 2.26
C ASN A 49 -4.39 5.82 2.67
N HIS A 50 -4.99 5.91 3.87
CA HIS A 50 -5.82 4.83 4.37
C HIS A 50 -7.22 4.89 3.78
N GLU A 51 -7.53 3.93 2.91
CA GLU A 51 -8.85 3.87 2.27
C GLU A 51 -9.62 2.64 2.73
N THR A 52 -10.89 2.58 2.35
CA THR A 52 -11.75 1.46 2.72
C THR A 52 -11.21 0.15 2.15
N ASP A 53 -11.55 -0.96 2.82
CA ASP A 53 -11.10 -2.27 2.38
C ASP A 53 -11.74 -2.65 1.06
N ASN A 54 -10.91 -2.97 0.07
CA ASN A 54 -11.40 -3.35 -1.24
C ASN A 54 -12.53 -4.37 -1.14
N ASN A 55 -12.26 -5.48 -0.45
CA ASN A 55 -13.25 -6.53 -0.27
C ASN A 55 -13.69 -7.11 -1.61
N ASN A 56 -12.73 -7.28 -2.52
CA ASN A 56 -13.02 -7.82 -3.84
C ASN A 56 -13.67 -9.20 -3.73
N PRO A 57 -14.79 -9.38 -4.45
CA PRO A 57 -15.54 -10.63 -4.45
C PRO A 57 -14.79 -11.75 -5.17
N LYS A 58 -13.59 -11.43 -5.65
CA LYS A 58 -12.77 -12.41 -6.35
C LYS A 58 -11.77 -13.08 -5.41
N ARG A 59 -12.28 -13.53 -4.26
CA ARG A 59 -11.43 -14.20 -3.26
C ARG A 59 -11.11 -15.62 -3.69
N TRP A 60 -9.98 -16.13 -3.20
CA TRP A 60 -9.56 -17.49 -3.53
C TRP A 60 -10.13 -18.50 -2.53
N SER A 61 -9.84 -19.77 -2.75
CA SER A 61 -10.33 -20.83 -1.88
C SER A 61 -9.18 -21.54 -1.18
N LYS A 62 -9.51 -22.40 -0.23
CA LYS A 62 -8.50 -23.15 0.52
C LYS A 62 -8.56 -24.63 0.20
N PRO A 63 -7.46 -25.34 0.44
CA PRO A 63 -7.36 -26.78 0.18
C PRO A 63 -8.22 -27.60 1.15
N ARG A 64 -8.18 -28.92 1.00
CA ARG A 64 -8.94 -29.81 1.85
C ARG A 64 -8.06 -30.43 2.94
N LYS A 65 -8.65 -30.70 4.09
CA LYS A 65 -7.92 -31.28 5.21
C LYS A 65 -7.16 -32.53 4.77
N ARG A 66 -6.53 -33.20 5.72
CA ARG A 66 -5.77 -34.41 5.43
C ARG A 66 -6.31 -35.60 6.22
N SER A 67 -5.73 -36.77 5.98
CA SER A 67 -6.16 -37.99 6.67
C SER A 67 -6.55 -37.68 8.12
N LEU A 68 -7.54 -38.40 8.62
CA LEU A 68 -8.01 -38.22 9.99
C LEU A 68 -7.54 -39.35 10.89
N LEU A 69 -6.38 -39.91 10.56
CA LEU A 69 -5.82 -41.01 11.34
C LEU A 69 -5.91 -40.73 12.84
N GLU A 70 -6.46 -41.68 13.59
CA GLU A 70 -6.60 -41.53 15.03
C GLU A 70 -5.43 -42.16 15.77
N MET A 71 -4.79 -41.37 16.63
CA MET A 71 -3.65 -41.85 17.40
C MET A 71 -4.08 -42.30 18.79
N GLU A 72 -3.81 -43.55 19.12
CA GLU A 72 -4.16 -44.10 20.42
C GLU A 72 -3.02 -43.94 21.41
N GLY A 73 -3.37 -43.85 22.69
CA GLY A 73 -2.36 -43.69 23.73
C GLY A 73 -2.29 -44.89 24.66
N LYS A 74 -2.52 -44.63 25.94
CA LYS A 74 -2.49 -45.69 26.94
C LYS A 74 -3.65 -46.67 26.74
N GLU A 75 -3.48 -47.59 25.81
CA GLU A 75 -4.52 -48.58 25.52
C GLU A 75 -4.12 -49.95 26.07
N ASP A 76 -5.12 -50.79 26.29
CA ASP A 76 -4.89 -52.14 26.81
C ASP A 76 -6.08 -53.05 26.53
N ALA A 77 -5.90 -54.35 26.77
CA ALA A 77 -6.95 -55.32 26.54
C ALA A 77 -7.92 -55.37 27.71
N GLN A 78 -8.34 -54.20 28.17
CA GLN A 78 -9.27 -54.10 29.29
C GLN A 78 -10.60 -53.53 28.84
N LYS A 79 -11.63 -53.67 29.69
CA LYS A 79 -12.96 -53.16 29.37
C LYS A 79 -13.49 -52.31 30.53
N VAL A 80 -12.58 -51.72 31.29
CA VAL A 80 -12.96 -50.88 32.42
C VAL A 80 -11.74 -50.17 33.01
N LEU A 81 -11.95 -48.95 33.49
CA LEU A 81 -10.88 -48.17 34.08
C LEU A 81 -10.11 -48.99 35.12
N LYS A 82 -8.79 -48.93 35.06
CA LYS A 82 -7.95 -49.66 36.00
C LYS A 82 -6.79 -48.80 36.48
N CYS A 83 -6.57 -48.78 37.79
CA CYS A 83 -5.48 -48.00 38.37
C CYS A 83 -4.14 -48.35 37.73
N MET A 84 -3.41 -47.33 37.29
CA MET A 84 -2.12 -47.54 36.66
C MET A 84 -1.06 -47.90 37.70
N TYR A 85 -1.50 -48.10 38.94
CA TYR A 85 -0.59 -48.44 40.02
C TYR A 85 -1.00 -49.76 40.69
N CYS A 86 -2.23 -49.79 41.20
CA CYS A 86 -2.75 -50.98 41.87
C CYS A 86 -3.82 -51.65 41.01
N GLY A 87 -3.85 -51.31 39.73
CA GLY A 87 -4.83 -51.90 38.83
C GLY A 87 -6.14 -52.20 39.51
N HIS A 88 -6.86 -51.16 39.90
CA HIS A 88 -8.14 -51.34 40.57
C HIS A 88 -9.30 -50.99 39.65
N SER A 89 -10.19 -51.95 39.42
CA SER A 89 -11.33 -51.75 38.55
C SER A 89 -12.24 -50.65 39.09
N PHE A 90 -12.84 -49.88 38.18
CA PHE A 90 -13.73 -48.79 38.57
C PHE A 90 -14.97 -48.77 37.69
N GLU A 91 -15.93 -47.93 38.05
CA GLU A 91 -17.17 -47.81 37.29
C GLU A 91 -17.12 -46.61 36.35
N SER A 92 -16.69 -45.47 36.89
CA SER A 92 -16.60 -44.24 36.11
C SER A 92 -15.24 -43.58 36.28
N LEU A 93 -14.93 -42.63 35.42
CA LEU A 93 -13.66 -41.91 35.47
C LEU A 93 -13.46 -41.26 36.83
N GLN A 94 -14.39 -40.36 37.19
CA GLN A 94 -14.32 -39.65 38.46
C GLN A 94 -13.81 -40.58 39.56
N ASP A 95 -14.38 -41.78 39.64
CA ASP A 95 -13.98 -42.75 40.65
C ASP A 95 -12.50 -43.05 40.56
N LEU A 96 -11.99 -43.15 39.34
CA LEU A 96 -10.57 -43.42 39.11
C LEU A 96 -9.71 -42.23 39.48
N SER A 97 -10.06 -41.07 38.93
CA SER A 97 -9.32 -39.84 39.20
C SER A 97 -9.23 -39.57 40.70
N VAL A 98 -10.31 -39.88 41.41
CA VAL A 98 -10.35 -39.67 42.85
C VAL A 98 -9.48 -40.69 43.58
N HIS A 99 -9.88 -41.95 43.50
CA HIS A 99 -9.13 -43.03 44.15
C HIS A 99 -7.64 -42.71 44.19
N MET A 100 -7.06 -42.47 43.02
CA MET A 100 -5.64 -42.16 42.91
C MET A 100 -5.22 -41.16 43.98
N ILE A 101 -5.77 -39.95 43.91
CA ILE A 101 -5.46 -38.91 44.88
C ILE A 101 -5.81 -39.34 46.29
N LYS A 102 -6.95 -40.02 46.44
CA LYS A 102 -7.39 -40.51 47.74
C LYS A 102 -6.33 -41.42 48.36
N THR A 103 -5.65 -42.19 47.53
CA THR A 103 -4.62 -43.10 47.99
C THR A 103 -3.23 -42.65 47.55
N LYS A 104 -3.16 -41.45 47.00
CA LYS A 104 -1.90 -40.89 46.53
C LYS A 104 -1.15 -41.90 45.65
N HIS A 105 -1.89 -42.54 44.75
CA HIS A 105 -1.31 -43.53 43.85
C HIS A 105 -0.69 -42.86 42.63
N TYR A 106 -1.22 -41.69 42.28
CA TYR A 106 -0.73 -40.95 41.13
C TYR A 106 0.69 -40.45 41.37
N GLN A 107 0.97 -40.04 42.60
CA GLN A 107 2.29 -39.54 42.96
C GLN A 107 3.11 -40.63 43.64
N LYS A 108 3.20 -41.79 43.00
CA LYS A 108 3.95 -42.92 43.54
C LYS A 108 4.90 -43.49 42.50
N VAL A 109 4.40 -43.66 41.28
CA VAL A 109 5.21 -44.20 40.19
C VAL A 109 6.64 -43.69 40.27
N SER A 110 7.57 -44.60 40.57
CA SER A 110 8.98 -44.24 40.67
C SER A 110 9.15 -42.96 41.47
N GLY A 111 8.45 -42.86 42.59
CA GLY A 111 8.54 -41.68 43.44
C GLY A 111 8.91 -42.02 44.87
N PRO A 112 9.95 -41.36 45.38
CA PRO A 112 10.42 -41.57 46.76
C PRO A 112 9.44 -41.04 47.79
N SER A 113 9.65 -41.40 49.05
CA SER A 113 8.79 -40.96 50.14
C SER A 113 9.48 -39.89 50.98
N SER A 114 10.71 -40.15 51.37
CA SER A 114 11.48 -39.21 52.18
C SER A 114 11.52 -37.83 51.51
N GLY A 115 11.68 -36.79 52.32
CA GLY A 115 11.74 -35.44 51.80
C GLY A 115 10.51 -34.63 52.14
N GLY A 1 59.18 3.52 -23.13
CA GLY A 1 58.36 4.62 -22.69
C GLY A 1 57.57 4.28 -21.44
N SER A 2 56.25 4.37 -21.53
CA SER A 2 55.38 4.07 -20.38
C SER A 2 53.94 3.83 -20.85
N SER A 3 53.18 3.14 -20.02
CA SER A 3 51.78 2.84 -20.34
C SER A 3 50.97 2.65 -19.07
N GLY A 4 49.65 2.51 -19.23
CA GLY A 4 48.78 2.31 -18.09
C GLY A 4 47.44 3.01 -18.26
N SER A 5 46.37 2.34 -17.84
CA SER A 5 45.02 2.90 -17.95
C SER A 5 44.39 3.05 -16.57
N SER A 6 43.57 4.08 -16.41
CA SER A 6 42.90 4.34 -15.14
C SER A 6 41.64 3.47 -15.01
N GLY A 7 41.12 3.40 -13.79
CA GLY A 7 39.93 2.60 -13.54
C GLY A 7 38.74 3.44 -13.10
N LYS A 8 37.54 2.92 -13.28
CA LYS A 8 36.33 3.62 -12.89
C LYS A 8 35.23 2.64 -12.50
N LEU A 9 34.32 3.09 -11.64
CA LEU A 9 33.22 2.25 -11.19
C LEU A 9 31.89 3.02 -11.26
N TYR A 10 30.79 2.27 -11.22
CA TYR A 10 29.46 2.88 -11.29
C TYR A 10 28.59 2.38 -10.14
N GLY A 11 27.41 2.97 -10.00
CA GLY A 11 26.49 2.57 -8.95
C GLY A 11 25.05 2.83 -9.31
N SER A 12 24.30 3.40 -8.37
CA SER A 12 22.88 3.70 -8.59
C SER A 12 22.57 5.14 -8.22
N ILE A 13 22.35 5.98 -9.22
CA ILE A 13 22.04 7.38 -9.00
C ILE A 13 20.54 7.59 -8.83
N PHE A 14 20.17 8.49 -7.93
CA PHE A 14 18.76 8.79 -7.66
C PHE A 14 18.33 10.04 -8.42
N THR A 15 17.05 10.09 -8.78
CA THR A 15 16.50 11.23 -9.51
C THR A 15 15.44 11.95 -8.69
N GLY A 16 15.77 13.16 -8.24
CA GLY A 16 14.84 13.93 -7.45
C GLY A 16 14.02 13.08 -6.49
N ALA A 17 14.61 12.77 -5.35
CA ALA A 17 13.95 11.95 -4.34
C ALA A 17 13.07 12.80 -3.43
N SER A 18 12.22 12.15 -2.66
CA SER A 18 11.32 12.85 -1.74
C SER A 18 10.54 11.86 -0.88
N LYS A 19 10.56 12.10 0.43
CA LYS A 19 9.85 11.22 1.37
C LYS A 19 8.39 11.08 0.99
N PHE A 20 7.71 12.22 0.84
CA PHE A 20 6.29 12.23 0.47
C PHE A 20 6.12 12.59 -1.00
N ARG A 21 5.18 11.91 -1.66
CA ARG A 21 4.91 12.16 -3.07
C ARG A 21 3.41 12.21 -3.35
N CYS A 22 2.94 13.35 -3.83
CA CYS A 22 1.53 13.53 -4.13
C CYS A 22 1.15 12.84 -5.43
N LYS A 23 0.93 11.52 -5.36
CA LYS A 23 0.55 10.75 -6.54
C LYS A 23 -0.35 11.54 -7.46
N ASP A 24 -1.45 12.04 -6.91
CA ASP A 24 -2.41 12.83 -7.69
C ASP A 24 -1.68 13.67 -8.74
N CYS A 25 -0.83 14.58 -8.28
CA CYS A 25 -0.08 15.44 -9.18
C CYS A 25 1.36 14.95 -9.35
N SER A 26 2.16 15.70 -10.09
CA SER A 26 3.55 15.34 -10.33
C SER A 26 4.48 16.13 -9.41
N ALA A 27 4.06 16.31 -8.15
CA ALA A 27 4.87 17.04 -7.18
C ALA A 27 5.26 16.15 -6.01
N ALA A 28 6.09 16.67 -5.12
CA ALA A 28 6.54 15.93 -3.95
C ALA A 28 6.98 16.87 -2.84
N TYR A 29 7.17 16.31 -1.65
CA TYR A 29 7.60 17.10 -0.50
C TYR A 29 8.47 16.27 0.44
N ASP A 30 9.25 16.95 1.26
CA ASP A 30 10.14 16.28 2.21
C ASP A 30 9.41 16.00 3.52
N THR A 31 8.70 16.98 4.03
CA THR A 31 7.95 16.84 5.27
C THR A 31 6.45 16.82 5.02
N LEU A 32 5.74 15.99 5.78
CA LEU A 32 4.29 15.88 5.64
C LEU A 32 3.62 17.23 5.86
N VAL A 33 4.02 17.93 6.92
CA VAL A 33 3.46 19.23 7.24
C VAL A 33 3.41 20.13 6.00
N GLU A 34 4.23 19.80 5.00
CA GLU A 34 4.28 20.57 3.77
C GLU A 34 3.30 20.01 2.74
N LEU A 35 3.31 18.68 2.58
CA LEU A 35 2.43 18.03 1.62
C LEU A 35 0.97 18.22 2.02
N THR A 36 0.65 17.91 3.26
CA THR A 36 -0.71 18.05 3.77
C THR A 36 -1.35 19.35 3.29
N VAL A 37 -0.77 20.48 3.71
CA VAL A 37 -1.28 21.78 3.33
C VAL A 37 -1.64 21.82 1.85
N HIS A 38 -0.76 21.26 1.02
CA HIS A 38 -0.99 21.22 -0.42
C HIS A 38 -2.17 20.32 -0.77
N MET A 39 -2.23 19.17 -0.10
CA MET A 39 -3.32 18.22 -0.34
C MET A 39 -4.68 18.89 -0.16
N ASN A 40 -4.82 19.66 0.91
CA ASN A 40 -6.08 20.35 1.18
C ASN A 40 -6.19 21.62 0.34
N GLU A 41 -5.11 22.39 0.29
CA GLU A 41 -5.10 23.63 -0.49
C GLU A 41 -5.54 23.38 -1.93
N THR A 42 -5.12 22.24 -2.48
CA THR A 42 -5.47 21.88 -3.85
C THR A 42 -6.60 20.85 -3.88
N GLY A 43 -6.52 19.86 -3.00
CA GLY A 43 -7.54 18.84 -2.94
C GLY A 43 -6.95 17.44 -2.90
N HIS A 44 -5.86 17.24 -3.63
CA HIS A 44 -5.19 15.94 -3.68
C HIS A 44 -5.10 15.31 -2.30
N TYR A 45 -4.77 14.03 -2.24
CA TYR A 45 -4.65 13.32 -0.98
C TYR A 45 -3.37 12.48 -0.94
N ARG A 46 -3.19 11.75 0.15
CA ARG A 46 -2.01 10.90 0.31
C ARG A 46 -1.89 9.92 -0.85
N ASP A 47 -0.69 9.37 -1.02
CA ASP A 47 -0.43 8.41 -2.10
C ASP A 47 -0.17 7.03 -1.54
N ASP A 48 -0.84 6.70 -0.44
CA ASP A 48 -0.67 5.39 0.20
C ASP A 48 -1.87 4.50 -0.07
N ASN A 49 -1.71 3.20 0.14
CA ASN A 49 -2.77 2.23 -0.08
C ASN A 49 -3.71 2.18 1.13
N HIS A 50 -4.97 1.80 0.88
CA HIS A 50 -5.96 1.70 1.94
C HIS A 50 -6.03 0.28 2.49
N GLU A 51 -6.25 0.17 3.80
CA GLU A 51 -6.33 -1.13 4.45
C GLU A 51 -7.79 -1.58 4.57
N THR A 52 -7.98 -2.85 4.93
CA THR A 52 -9.32 -3.41 5.07
C THR A 52 -10.02 -2.83 6.30
N ASP A 53 -11.29 -3.19 6.48
CA ASP A 53 -12.07 -2.70 7.60
C ASP A 53 -11.22 -2.64 8.87
N ASN A 54 -11.34 -1.53 9.60
CA ASN A 54 -10.57 -1.35 10.83
C ASN A 54 -10.70 -2.57 11.74
N ASN A 55 -11.93 -3.04 11.93
CA ASN A 55 -12.18 -4.19 12.77
C ASN A 55 -11.23 -5.34 12.43
N ASN A 56 -10.11 -5.40 13.16
CA ASN A 56 -9.12 -6.43 12.93
C ASN A 56 -8.74 -7.12 14.25
N PRO A 57 -8.17 -8.33 14.15
CA PRO A 57 -7.75 -9.11 15.31
C PRO A 57 -6.55 -8.49 16.02
N LYS A 58 -6.20 -7.27 15.63
CA LYS A 58 -5.06 -6.57 16.22
C LYS A 58 -4.79 -7.08 17.63
N ARG A 59 -3.77 -7.92 17.77
CA ARG A 59 -3.39 -8.48 19.06
C ARG A 59 -3.22 -7.38 20.10
N TRP A 60 -3.00 -7.78 21.34
CA TRP A 60 -2.82 -6.82 22.43
C TRP A 60 -2.15 -5.55 21.93
N SER A 61 -2.86 -4.43 22.05
CA SER A 61 -2.35 -3.14 21.60
C SER A 61 -2.94 -2.00 22.42
N LYS A 62 -2.07 -1.27 23.12
CA LYS A 62 -2.51 -0.14 23.94
C LYS A 62 -1.32 0.58 24.54
N PRO A 63 -1.50 1.87 24.86
CA PRO A 63 -0.45 2.70 25.45
C PRO A 63 -0.13 2.29 26.89
N ARG A 64 0.99 2.80 27.40
CA ARG A 64 1.42 2.48 28.76
C ARG A 64 0.43 3.04 29.77
N LYS A 65 0.71 2.80 31.05
CA LYS A 65 -0.15 3.27 32.13
C LYS A 65 -0.59 4.71 31.87
N ARG A 66 -1.62 5.14 32.58
CA ARG A 66 -2.15 6.50 32.44
C ARG A 66 -1.01 7.52 32.41
N SER A 67 -1.31 8.72 31.92
CA SER A 67 -0.32 9.79 31.84
C SER A 67 -0.26 10.57 33.15
N LEU A 68 0.68 11.50 33.22
CA LEU A 68 0.86 12.33 34.41
C LEU A 68 0.88 13.81 34.05
N LEU A 69 -0.29 14.36 33.78
CA LEU A 69 -0.41 15.78 33.42
C LEU A 69 0.61 16.62 34.19
N GLU A 70 1.19 17.61 33.51
CA GLU A 70 2.17 18.48 34.13
C GLU A 70 1.73 19.93 34.06
N MET A 71 1.07 20.40 35.11
CA MET A 71 0.59 21.78 35.17
C MET A 71 1.55 22.73 34.47
N GLU A 72 1.01 23.71 33.76
CA GLU A 72 1.84 24.68 33.04
C GLU A 72 2.10 25.91 33.90
N GLY A 73 1.10 26.77 34.02
CA GLY A 73 1.25 27.98 34.81
C GLY A 73 -0.07 28.60 35.19
N LYS A 74 -0.33 28.73 36.49
CA LYS A 74 -1.57 29.31 36.97
C LYS A 74 -2.71 29.07 35.98
N GLU A 75 -2.91 27.81 35.62
CA GLU A 75 -3.97 27.44 34.67
C GLU A 75 -5.23 27.04 35.41
N ASP A 76 -5.53 27.73 36.50
CA ASP A 76 -6.71 27.44 37.29
C ASP A 76 -7.76 28.54 37.13
N ALA A 77 -8.92 28.36 37.76
CA ALA A 77 -10.00 29.34 37.68
C ALA A 77 -10.63 29.33 36.30
N GLN A 78 -10.88 28.14 35.76
CA GLN A 78 -11.49 27.99 34.44
C GLN A 78 -12.91 27.44 34.55
N LYS A 79 -13.64 27.91 35.56
CA LYS A 79 -15.01 27.46 35.78
C LYS A 79 -15.99 28.61 35.60
N VAL A 80 -15.62 29.78 36.10
CA VAL A 80 -16.47 30.97 36.00
C VAL A 80 -15.68 32.18 35.54
N LEU A 81 -16.31 33.04 34.76
CA LEU A 81 -15.66 34.24 34.25
C LEU A 81 -14.71 34.83 35.29
N LYS A 82 -13.41 34.72 35.03
CA LYS A 82 -12.40 35.23 35.94
C LYS A 82 -11.33 36.01 35.18
N CYS A 83 -10.90 37.13 35.75
CA CYS A 83 -9.88 37.96 35.12
C CYS A 83 -8.48 37.54 35.57
N MET A 84 -7.74 36.90 34.68
CA MET A 84 -6.38 36.45 34.99
C MET A 84 -5.53 37.60 35.52
N TYR A 85 -5.64 38.75 34.88
CA TYR A 85 -4.87 39.93 35.28
C TYR A 85 -4.86 40.06 36.80
N CYS A 86 -6.00 40.42 37.37
CA CYS A 86 -6.13 40.58 38.82
C CYS A 86 -6.62 39.29 39.47
N GLY A 87 -7.68 38.72 38.92
CA GLY A 87 -8.23 37.49 39.46
C GLY A 87 -9.51 37.72 40.23
N HIS A 88 -10.51 38.27 39.56
CA HIS A 88 -11.80 38.56 40.19
C HIS A 88 -12.93 37.82 39.47
N SER A 89 -13.59 36.91 40.18
CA SER A 89 -14.68 36.14 39.62
C SER A 89 -15.92 37.01 39.43
N PHE A 90 -16.53 36.93 38.25
CA PHE A 90 -17.72 37.71 37.95
C PHE A 90 -18.92 36.80 37.74
N GLU A 91 -20.06 37.39 37.35
CA GLU A 91 -21.28 36.64 37.13
C GLU A 91 -21.77 36.83 35.69
N SER A 92 -21.73 38.07 35.22
CA SER A 92 -22.18 38.39 33.87
C SER A 92 -21.01 38.88 33.01
N LEU A 93 -21.13 38.71 31.70
CA LEU A 93 -20.08 39.14 30.78
C LEU A 93 -19.85 40.63 30.89
N GLN A 94 -20.92 41.41 30.72
CA GLN A 94 -20.83 42.87 30.81
C GLN A 94 -19.81 43.29 31.87
N ASP A 95 -19.92 42.69 33.05
CA ASP A 95 -19.02 43.01 34.15
C ASP A 95 -17.57 42.77 33.75
N LEU A 96 -17.29 41.55 33.27
CA LEU A 96 -15.94 41.19 32.85
C LEU A 96 -15.45 42.12 31.74
N SER A 97 -16.26 42.29 30.71
CA SER A 97 -15.91 43.15 29.59
C SER A 97 -15.53 44.55 30.06
N VAL A 98 -16.42 45.15 30.86
CA VAL A 98 -16.19 46.49 31.39
C VAL A 98 -14.96 46.51 32.29
N HIS A 99 -15.09 45.87 33.46
CA HIS A 99 -13.98 45.82 34.41
C HIS A 99 -12.64 45.79 33.69
N MET A 100 -12.57 45.02 32.61
CA MET A 100 -11.34 44.91 31.83
C MET A 100 -10.88 46.28 31.34
N ILE A 101 -11.65 46.86 30.42
CA ILE A 101 -11.32 48.17 29.87
C ILE A 101 -11.19 49.21 30.97
N LYS A 102 -12.08 49.14 31.95
CA LYS A 102 -12.06 50.09 33.08
C LYS A 102 -10.69 50.11 33.74
N THR A 103 -10.06 48.95 33.84
CA THR A 103 -8.74 48.85 34.45
C THR A 103 -7.69 48.42 33.44
N LYS A 104 -8.07 48.44 32.16
CA LYS A 104 -7.16 48.06 31.09
C LYS A 104 -6.46 46.74 31.41
N HIS A 105 -7.20 45.83 32.05
CA HIS A 105 -6.66 44.52 32.41
C HIS A 105 -6.53 43.63 31.17
N TYR A 106 -7.27 43.97 30.12
CA TYR A 106 -7.25 43.19 28.89
C TYR A 106 -5.97 43.48 28.10
N GLN A 107 -5.08 44.26 28.69
CA GLN A 107 -3.82 44.61 28.04
C GLN A 107 -2.63 44.13 28.86
N LYS A 108 -1.43 44.51 28.44
CA LYS A 108 -0.21 44.13 29.14
C LYS A 108 -0.01 42.62 29.09
N VAL A 109 -0.57 41.98 28.07
CA VAL A 109 -0.45 40.55 27.91
C VAL A 109 0.52 40.19 26.78
N SER A 110 0.85 38.91 26.66
CA SER A 110 1.77 38.45 25.64
C SER A 110 1.02 38.15 24.33
N GLY A 111 1.11 39.08 23.39
CA GLY A 111 0.44 38.90 22.11
C GLY A 111 0.95 39.87 21.05
N PRO A 112 1.65 39.33 20.05
CA PRO A 112 2.20 40.14 18.95
C PRO A 112 1.12 40.69 18.03
N SER A 113 1.54 41.40 16.99
CA SER A 113 0.59 41.99 16.04
C SER A 113 1.26 42.18 14.67
N SER A 114 0.43 42.29 13.63
CA SER A 114 0.93 42.47 12.28
C SER A 114 -0.21 42.80 11.32
N GLY A 115 0.15 43.20 10.10
CA GLY A 115 -0.86 43.54 9.11
C GLY A 115 -1.56 42.32 8.56
#